data_6LQ2
#
_entry.id   6LQ2
#
_cell.length_a   98.057
_cell.length_b   206.854
_cell.length_c   74.031
_cell.angle_alpha   90.000
_cell.angle_beta   90.000
_cell.angle_gamma   90.000
#
_symmetry.space_group_name_H-M   'P 21 21 2'
#
loop_
_entity.id
_entity.type
_entity.pdbx_description
1 polymer 'Acyl-CoA dehydrogenase'
2 non-polymer 'FLAVIN-ADENINE DINUCLEOTIDE'
3 non-polymer 'DECANOIC ACID'
4 non-polymer 'COENZYME A'
5 water water
#
_entity_poly.entity_id   1
_entity_poly.type   'polypeptide(L)'
_entity_poly.pdbx_seq_one_letter_code
;MSHYKSNVRDQVFNLFEVFGVDKVLGADKFSDLDADTAREMLTEIARLAEGPIAESFVEGDRNPPVFDPETHTVTLPEGF
KKSMRALFDGGWDKVGLAEHLGGIPMPRALQWALIEHILGANPAAYMYAMGPGMSEIFYNNGTDEQKKWATIAAERGWGA
TMVLTEPDAGSDVGAGRTKAVQQPDGTWHIEGVKRFITSADSDDLFENIMHLVLARPEGAGPGTKGLSLFFVPKFHFDHE
TGEIGERNGVFVTNVEHKMGLKVSATCELSLGQHGIPAVGWLVGEVHNGIAQMFDVIEQARMMVGTKAIATLSTGYLNAL
EYAKERVQGADMTQMTDKTAPRVTITHHPDVRRSLMTQKAYAEGLRAIYLYTATFQDAEVAQAVHGVDGDLAARVNDLLL
PIVKGFGSETAYAKLTESLQTLGGSGFLQDYPIEQYIRDSKIDSLYAGTTAIQAQDFFFRKIIRDKGQALAYVAGEIEQF
IKNENGNGRLKTERELLATALADVQGMAASLTGYLMAAQEDAASIYKVGLGSVRFLMAVGDLLSGWLLARQAAVAIEKLD
AGATGADKSFYEGKIAAASFFAKNMLPLLTSTRQIIENLDNDVMELDEAAF
;
_entity_poly.pdbx_strand_id   A,B
#
loop_
_chem_comp.id
_chem_comp.type
_chem_comp.name
_chem_comp.formula
COA non-polymer 'COENZYME A' 'C21 H36 N7 O16 P3 S'
DKA non-polymer 'DECANOIC ACID' 'C10 H20 O2'
FAD non-polymer 'FLAVIN-ADENINE DINUCLEOTIDE' 'C27 H33 N9 O15 P2'
#
# COMPACT_ATOMS: atom_id res chain seq x y z
N MET A 1 20.65 -3.90 16.80
CA MET A 1 20.87 -5.16 16.09
C MET A 1 20.56 -4.97 14.59
N SER A 2 19.88 -5.92 13.98
CA SER A 2 19.55 -5.82 12.56
C SER A 2 18.12 -5.34 12.38
N HIS A 3 17.72 -5.16 11.12
CA HIS A 3 16.34 -4.81 10.82
C HIS A 3 15.35 -5.87 11.30
N TYR A 4 15.76 -7.13 11.33
CA TYR A 4 14.80 -8.23 11.49
C TYR A 4 14.50 -8.47 12.96
N LYS A 5 13.25 -8.27 13.37
CA LYS A 5 12.82 -8.56 14.73
C LYS A 5 11.96 -9.81 14.70
N SER A 6 12.42 -10.86 15.37
CA SER A 6 11.81 -12.19 15.35
C SER A 6 10.87 -12.36 16.53
N ASN A 7 10.00 -13.38 16.44
CA ASN A 7 9.04 -13.66 17.52
C ASN A 7 8.91 -15.17 17.74
N VAL A 8 10.00 -15.79 18.19
CA VAL A 8 9.97 -17.22 18.54
C VAL A 8 8.96 -17.47 19.66
N ARG A 9 8.80 -16.53 20.58
CA ARG A 9 7.86 -16.75 21.69
C ARG A 9 6.45 -17.00 21.19
N ASP A 10 6.00 -16.24 20.19
CA ASP A 10 4.67 -16.44 19.66
C ASP A 10 4.57 -17.74 18.85
N GLN A 11 5.64 -18.12 18.16
CA GLN A 11 5.62 -19.37 17.42
C GLN A 11 5.48 -20.57 18.36
N VAL A 12 6.31 -20.62 19.40
CA VAL A 12 6.24 -21.71 20.38
C VAL A 12 4.88 -21.74 21.05
N PHE A 13 4.35 -20.55 21.39
CA PHE A 13 3.01 -20.49 21.97
C PHE A 13 1.99 -21.18 21.07
N ASN A 14 2.04 -20.87 19.77
CA ASN A 14 1.13 -21.50 18.81
C ASN A 14 1.37 -23.00 18.72
N LEU A 15 2.63 -23.38 18.48
CA LEU A 15 2.95 -24.78 18.21
C LEU A 15 2.62 -25.67 19.41
N PHE A 16 2.93 -25.20 20.61
CA PHE A 16 2.81 -26.05 21.79
C PHE A 16 1.52 -25.76 22.56
N GLU A 17 1.30 -24.51 22.98
CA GLU A 17 0.20 -24.21 23.89
C GLU A 17 -1.15 -24.17 23.20
N VAL A 18 -1.19 -23.91 21.90
CA VAL A 18 -2.45 -23.79 21.17
C VAL A 18 -2.76 -25.04 20.36
N PHE A 19 -1.84 -25.47 19.51
CA PHE A 19 -2.11 -26.58 18.58
C PHE A 19 -1.61 -27.93 19.08
N GLY A 20 -0.72 -27.96 20.08
CA GLY A 20 -0.27 -29.21 20.65
C GLY A 20 0.62 -30.03 19.74
N VAL A 21 1.43 -29.37 18.91
CA VAL A 21 2.29 -30.11 17.99
C VAL A 21 3.34 -30.90 18.75
N ASP A 22 3.71 -30.45 19.95
CA ASP A 22 4.69 -31.19 20.74
C ASP A 22 4.20 -32.58 21.11
N LYS A 23 2.89 -32.86 20.98
CA LYS A 23 2.37 -34.20 21.27
C LYS A 23 2.93 -35.25 20.32
N VAL A 24 3.30 -34.88 19.08
CA VAL A 24 3.89 -35.85 18.16
C VAL A 24 5.40 -35.88 18.19
N LEU A 25 6.04 -34.93 18.87
CA LEU A 25 7.49 -34.92 18.94
C LEU A 25 7.97 -36.04 19.85
N GLY A 26 8.88 -36.87 19.35
CA GLY A 26 9.36 -38.03 20.06
C GLY A 26 8.66 -39.34 19.73
N ALA A 27 7.86 -39.38 18.67
CA ALA A 27 7.09 -40.57 18.36
C ALA A 27 7.03 -40.75 16.85
N ASP A 28 7.16 -42.01 16.41
CA ASP A 28 6.94 -42.42 15.02
C ASP A 28 7.91 -41.66 14.14
N LYS A 29 7.45 -40.93 13.11
CA LYS A 29 8.35 -40.25 12.18
C LYS A 29 9.27 -39.29 12.88
N PHE A 30 8.83 -38.69 13.98
CA PHE A 30 9.59 -37.67 14.70
C PHE A 30 10.17 -38.22 16.00
N SER A 31 10.56 -39.49 15.99
CA SER A 31 10.92 -40.17 17.23
C SER A 31 12.19 -39.61 17.85
N ASP A 32 13.10 -39.04 17.04
CA ASP A 32 14.36 -38.49 17.54
C ASP A 32 14.40 -36.96 17.47
N LEU A 33 13.23 -36.32 17.58
CA LEU A 33 13.15 -34.86 17.69
C LEU A 33 12.17 -34.53 18.81
N ASP A 34 12.68 -34.07 19.94
CA ASP A 34 11.83 -33.77 21.08
C ASP A 34 11.53 -32.28 21.14
N ALA A 35 10.66 -31.91 22.09
CA ALA A 35 10.20 -30.54 22.17
C ALA A 35 11.34 -29.57 22.47
N ASP A 36 12.24 -29.93 23.38
CA ASP A 36 13.38 -29.07 23.69
C ASP A 36 14.21 -28.80 22.43
N THR A 37 14.51 -29.85 21.67
CA THR A 37 15.32 -29.67 20.47
C THR A 37 14.59 -28.82 19.43
N ALA A 38 13.28 -28.99 19.28
CA ALA A 38 12.51 -28.16 18.37
C ALA A 38 12.61 -26.69 18.75
N ARG A 39 12.43 -26.39 20.04
CA ARG A 39 12.57 -25.02 20.52
C ARG A 39 13.98 -24.48 20.27
N GLU A 40 15.00 -25.32 20.51
CA GLU A 40 16.38 -24.91 20.25
C GLU A 40 16.58 -24.55 18.79
N MET A 41 16.00 -25.34 17.89
CA MET A 41 16.16 -25.09 16.46
C MET A 41 15.55 -23.74 16.06
N LEU A 42 14.37 -23.44 16.59
CA LEU A 42 13.72 -22.17 16.30
C LEU A 42 14.55 -21.01 16.80
N THR A 43 15.04 -21.11 18.04
CA THR A 43 15.89 -20.06 18.59
C THR A 43 17.18 -19.90 17.79
N GLU A 44 17.78 -21.01 17.36
CA GLU A 44 19.02 -20.93 16.60
C GLU A 44 18.81 -20.32 15.22
N ILE A 45 17.73 -20.69 14.52
CA ILE A 45 17.55 -20.09 13.19
C ILE A 45 17.09 -18.64 13.31
N ALA A 46 16.37 -18.29 14.37
CA ALA A 46 16.02 -16.89 14.61
C ALA A 46 17.28 -16.05 14.77
N ARG A 47 18.29 -16.58 15.45
CA ARG A 47 19.54 -15.84 15.62
C ARG A 47 20.32 -15.76 14.32
N LEU A 48 20.31 -16.84 13.55
CA LEU A 48 20.92 -16.80 12.23
C LEU A 48 20.24 -15.76 11.36
N ALA A 49 18.90 -15.73 11.42
CA ALA A 49 18.14 -14.77 10.64
C ALA A 49 18.45 -13.34 11.09
N GLU A 50 18.42 -13.09 12.40
CA GLU A 50 18.73 -11.74 12.87
C GLU A 50 20.18 -11.35 12.61
N GLY A 51 21.07 -12.33 12.53
CA GLY A 51 22.48 -12.08 12.35
C GLY A 51 22.91 -12.04 10.89
N PRO A 52 23.56 -13.10 10.41
CA PRO A 52 24.15 -13.06 9.06
C PRO A 52 23.13 -12.97 7.93
N ILE A 53 21.89 -13.44 8.10
CA ILE A 53 20.93 -13.36 7.00
C ILE A 53 20.43 -11.93 6.82
N ALA A 54 19.95 -11.32 7.91
CA ALA A 54 19.51 -9.93 7.85
C ALA A 54 20.62 -8.99 7.49
N GLU A 55 21.88 -9.40 7.67
CA GLU A 55 22.99 -8.47 7.50
C GLU A 55 23.04 -7.88 6.11
N SER A 56 22.60 -8.62 5.09
CA SER A 56 22.66 -8.14 3.71
C SER A 56 21.29 -7.74 3.16
N PHE A 57 20.28 -7.59 4.02
CA PHE A 57 18.95 -7.19 3.56
C PHE A 57 19.00 -5.88 2.78
N VAL A 58 19.62 -4.86 3.37
CA VAL A 58 19.72 -3.55 2.72
C VAL A 58 20.62 -3.63 1.49
N GLU A 59 21.78 -4.28 1.64
CA GLU A 59 22.73 -4.35 0.53
C GLU A 59 22.11 -4.97 -0.72
N GLY A 60 21.34 -6.06 -0.55
CA GLY A 60 20.68 -6.68 -1.69
C GLY A 60 19.76 -5.74 -2.44
N ASP A 61 19.10 -4.84 -1.71
CA ASP A 61 18.22 -3.85 -2.33
C ASP A 61 19.00 -2.67 -2.94
N ARG A 62 20.03 -2.18 -2.24
CA ARG A 62 20.73 -0.99 -2.73
C ARG A 62 21.77 -1.29 -3.80
N ASN A 63 22.29 -2.51 -3.85
CA ASN A 63 23.32 -2.94 -4.81
C ASN A 63 22.83 -4.20 -5.50
N PRO A 64 21.80 -4.10 -6.33
CA PRO A 64 21.05 -5.27 -6.79
C PRO A 64 21.81 -6.06 -7.83
N PRO A 65 21.35 -7.28 -8.16
CA PRO A 65 22.05 -8.12 -9.15
C PRO A 65 22.16 -7.43 -10.50
N VAL A 66 23.18 -7.87 -11.25
CA VAL A 66 23.49 -7.30 -12.55
C VAL A 66 23.55 -8.42 -13.57
N PHE A 67 22.89 -8.22 -14.71
CA PHE A 67 22.97 -9.17 -15.81
C PHE A 67 24.22 -8.90 -16.63
N ASP A 68 24.95 -9.96 -16.98
CA ASP A 68 26.15 -9.87 -17.81
C ASP A 68 25.87 -10.49 -19.19
N PRO A 69 25.62 -9.69 -20.22
CA PRO A 69 25.37 -10.24 -21.57
C PRO A 69 26.60 -10.89 -22.20
N GLU A 70 27.80 -10.65 -21.65
CA GLU A 70 28.98 -11.29 -22.20
C GLU A 70 29.00 -12.77 -21.87
N THR A 71 28.34 -13.18 -20.79
CA THR A 71 28.36 -14.57 -20.35
C THR A 71 26.98 -15.16 -20.13
N HIS A 72 25.91 -14.37 -20.29
CA HIS A 72 24.56 -14.80 -19.95
C HIS A 72 24.50 -15.36 -18.53
N THR A 73 25.05 -14.59 -17.59
CA THR A 73 24.99 -14.92 -16.17
C THR A 73 24.53 -13.68 -15.41
N VAL A 74 24.22 -13.87 -14.12
CA VAL A 74 23.86 -12.79 -13.21
C VAL A 74 24.88 -12.79 -12.08
N THR A 75 25.32 -11.60 -11.70
CA THR A 75 26.21 -11.45 -10.55
C THR A 75 25.42 -10.89 -9.38
N LEU A 76 25.69 -11.40 -8.19
CA LEU A 76 25.01 -11.03 -6.95
C LEU A 76 25.94 -10.25 -6.04
N PRO A 77 25.42 -9.35 -5.21
CA PRO A 77 26.30 -8.62 -4.28
C PRO A 77 26.95 -9.57 -3.28
N GLU A 78 28.22 -9.29 -2.98
CA GLU A 78 29.03 -10.19 -2.18
C GLU A 78 28.45 -10.42 -0.79
N GLY A 79 27.92 -9.36 -0.17
CA GLY A 79 27.34 -9.53 1.15
C GLY A 79 26.17 -10.50 1.16
N PHE A 80 25.36 -10.49 0.10
CA PHE A 80 24.25 -11.43 0.05
C PHE A 80 24.75 -12.86 -0.14
N LYS A 81 25.81 -13.04 -0.93
CA LYS A 81 26.36 -14.38 -1.11
C LYS A 81 26.93 -14.90 0.20
N LYS A 82 27.53 -14.02 1.01
CA LYS A 82 27.96 -14.38 2.36
C LYS A 82 26.77 -14.83 3.24
N SER A 83 25.64 -14.13 3.15
CA SER A 83 24.43 -14.61 3.84
C SER A 83 24.00 -15.99 3.36
N MET A 84 24.01 -16.23 2.04
CA MET A 84 23.66 -17.55 1.53
C MET A 84 24.58 -18.63 2.11
N ARG A 85 25.88 -18.33 2.21
CA ARG A 85 26.81 -19.32 2.75
C ARG A 85 26.51 -19.63 4.22
N ALA A 86 26.08 -18.62 4.98
CA ALA A 86 25.71 -18.88 6.36
C ALA A 86 24.52 -19.82 6.42
N LEU A 87 23.60 -19.69 5.46
CA LEU A 87 22.45 -20.58 5.37
C LEU A 87 22.89 -22.00 5.03
N PHE A 88 23.74 -22.16 4.01
CA PHE A 88 24.18 -23.50 3.61
C PHE A 88 25.04 -24.15 4.69
N ASP A 89 25.97 -23.38 5.26
CA ASP A 89 26.92 -23.95 6.23
C ASP A 89 26.22 -24.53 7.45
N GLY A 90 25.06 -23.97 7.82
CA GLY A 90 24.27 -24.52 8.91
C GLY A 90 23.25 -25.56 8.50
N GLY A 91 23.20 -25.96 7.23
CA GLY A 91 22.28 -26.97 6.75
C GLY A 91 20.84 -26.54 6.64
N TRP A 92 20.56 -25.24 6.67
CA TRP A 92 19.18 -24.78 6.70
C TRP A 92 18.49 -24.88 5.35
N ASP A 93 19.22 -25.07 4.25
CA ASP A 93 18.57 -25.35 2.97
C ASP A 93 18.02 -26.77 2.89
N LYS A 94 18.13 -27.53 3.98
CA LYS A 94 17.64 -28.89 4.09
C LYS A 94 16.51 -29.00 5.10
N VAL A 95 15.86 -27.88 5.43
CA VAL A 95 14.81 -27.87 6.45
C VAL A 95 13.60 -28.63 5.92
N GLY A 96 13.17 -29.65 6.67
CA GLY A 96 12.06 -30.47 6.24
C GLY A 96 12.37 -31.41 5.09
N LEU A 97 13.62 -31.47 4.65
CA LEU A 97 14.02 -32.41 3.61
C LEU A 97 13.84 -33.84 4.10
N ALA A 98 13.43 -34.73 3.19
CA ALA A 98 13.31 -36.14 3.54
C ALA A 98 14.62 -36.68 4.11
N GLU A 99 14.49 -37.62 5.05
CA GLU A 99 15.66 -38.19 5.69
C GLU A 99 16.59 -38.85 4.67
N HIS A 100 16.04 -39.58 3.69
CA HIS A 100 16.89 -40.25 2.71
C HIS A 100 17.63 -39.28 1.80
N LEU A 101 17.25 -38.01 1.77
CA LEU A 101 18.00 -36.99 1.04
C LEU A 101 18.91 -36.17 1.94
N GLY A 102 19.00 -36.52 3.23
CA GLY A 102 19.84 -35.80 4.15
C GLY A 102 19.12 -34.88 5.11
N GLY A 103 17.79 -34.90 5.15
CA GLY A 103 17.06 -33.99 6.01
C GLY A 103 16.84 -34.53 7.41
N ILE A 104 16.34 -33.63 8.26
CA ILE A 104 15.95 -33.95 9.63
C ILE A 104 14.42 -34.03 9.66
N PRO A 105 13.84 -35.20 9.92
CA PRO A 105 12.37 -35.30 9.93
C PRO A 105 11.74 -34.41 10.99
N MET A 106 10.67 -33.72 10.61
CA MET A 106 10.02 -32.79 11.53
C MET A 106 8.62 -32.48 11.02
N PRO A 107 7.72 -32.06 11.91
CA PRO A 107 6.39 -31.63 11.46
C PRO A 107 6.48 -30.43 10.53
N ARG A 108 5.60 -30.41 9.53
CA ARG A 108 5.54 -29.26 8.62
C ARG A 108 5.31 -27.96 9.40
N ALA A 109 4.50 -28.02 10.45
CA ALA A 109 4.27 -26.84 11.29
C ALA A 109 5.57 -26.28 11.85
N LEU A 110 6.48 -27.16 12.29
CA LEU A 110 7.78 -26.68 12.74
C LEU A 110 8.62 -26.17 11.57
N GLN A 111 8.60 -26.90 10.45
CA GLN A 111 9.38 -26.50 9.28
C GLN A 111 9.06 -25.07 8.85
N TRP A 112 7.77 -24.73 8.75
CA TRP A 112 7.39 -23.39 8.30
C TRP A 112 7.70 -22.31 9.34
N ALA A 113 7.60 -22.64 10.64
CA ALA A 113 8.04 -21.70 11.66
C ALA A 113 9.53 -21.40 11.53
N LEU A 114 10.35 -22.42 11.24
CA LEU A 114 11.76 -22.19 11.00
C LEU A 114 11.96 -21.26 9.80
N ILE A 115 11.23 -21.53 8.72
CA ILE A 115 11.37 -20.80 7.46
C ILE A 115 10.94 -19.35 7.61
N GLU A 116 9.96 -19.09 8.49
CA GLU A 116 9.47 -17.73 8.71
C GLU A 116 10.63 -16.77 9.00
N HIS A 117 11.62 -17.23 9.77
CA HIS A 117 12.72 -16.36 10.15
C HIS A 117 13.57 -15.96 8.95
N ILE A 118 13.82 -16.88 8.02
CA ILE A 118 14.56 -16.50 6.83
C ILE A 118 13.73 -15.53 5.99
N LEU A 119 12.43 -15.81 5.86
CA LEU A 119 11.57 -14.93 5.05
C LEU A 119 11.44 -13.55 5.66
N GLY A 120 11.47 -13.44 7.00
CA GLY A 120 11.45 -12.12 7.61
C GLY A 120 12.75 -11.37 7.45
N ALA A 121 13.89 -12.07 7.46
CA ALA A 121 15.20 -11.41 7.47
C ALA A 121 15.72 -11.05 6.08
N ASN A 122 15.43 -11.86 5.08
CA ASN A 122 15.96 -11.70 3.72
C ASN A 122 15.27 -12.76 2.86
N PRO A 123 14.01 -12.53 2.46
CA PRO A 123 13.22 -13.64 1.88
C PRO A 123 13.83 -14.23 0.62
N ALA A 124 14.54 -13.45 -0.21
CA ALA A 124 15.15 -14.02 -1.40
C ALA A 124 16.18 -15.07 -1.06
N ALA A 125 16.77 -15.00 0.14
CA ALA A 125 17.73 -16.01 0.53
C ALA A 125 17.07 -17.38 0.64
N TYR A 126 15.85 -17.46 1.22
CA TYR A 126 15.16 -18.74 1.23
C TYR A 126 14.84 -19.21 -0.18
N MET A 127 14.45 -18.27 -1.06
CA MET A 127 14.07 -18.65 -2.42
C MET A 127 15.24 -19.28 -3.16
N TYR A 128 16.44 -18.67 -3.08
CA TYR A 128 17.60 -19.30 -3.69
C TYR A 128 17.95 -20.64 -3.06
N ALA A 129 17.52 -20.89 -1.82
CA ALA A 129 17.83 -22.12 -1.10
C ALA A 129 16.77 -23.19 -1.27
N MET A 130 15.82 -23.02 -2.19
CA MET A 130 14.75 -24.00 -2.33
C MET A 130 15.15 -25.20 -3.18
N GLY A 131 16.42 -25.28 -3.60
CA GLY A 131 16.89 -26.32 -4.48
C GLY A 131 16.66 -27.73 -3.96
N PRO A 132 17.17 -28.03 -2.76
CA PRO A 132 16.98 -29.40 -2.22
C PRO A 132 15.53 -29.80 -2.07
N GLY A 133 14.65 -28.88 -1.65
CA GLY A 133 13.24 -29.21 -1.60
C GLY A 133 12.65 -29.48 -2.98
N MET A 134 13.16 -28.81 -4.01
CA MET A 134 12.73 -29.10 -5.37
C MET A 134 13.24 -30.47 -5.84
N SER A 135 14.47 -30.81 -5.45
CA SER A 135 15.00 -32.13 -5.76
C SER A 135 14.14 -33.22 -5.14
N GLU A 136 13.65 -32.98 -3.92
CA GLU A 136 12.74 -33.95 -3.30
C GLU A 136 11.47 -34.12 -4.13
N ILE A 137 10.94 -33.02 -4.69
CA ILE A 137 9.73 -33.13 -5.50
C ILE A 137 10.04 -33.85 -6.81
N PHE A 138 11.22 -33.60 -7.37
CA PHE A 138 11.66 -34.35 -8.54
C PHE A 138 11.80 -35.84 -8.19
N TYR A 139 12.46 -36.14 -7.07
CA TYR A 139 12.54 -37.51 -6.57
C TYR A 139 11.18 -38.18 -6.54
N ASN A 140 10.20 -37.54 -5.90
CA ASN A 140 8.89 -38.18 -5.70
C ASN A 140 8.16 -38.41 -7.01
N ASN A 141 8.37 -37.54 -8.00
CA ASN A 141 7.70 -37.69 -9.28
C ASN A 141 8.55 -38.43 -10.31
N GLY A 142 9.81 -38.77 -9.97
CA GLY A 142 10.74 -39.28 -10.97
C GLY A 142 10.72 -40.80 -11.10
N THR A 143 11.29 -41.27 -12.21
CA THR A 143 11.54 -42.71 -12.37
C THR A 143 12.59 -43.17 -11.37
N ASP A 144 12.80 -44.49 -11.32
CA ASP A 144 13.84 -45.03 -10.44
C ASP A 144 15.20 -44.45 -10.80
N GLU A 145 15.48 -44.33 -12.10
CA GLU A 145 16.74 -43.73 -12.55
C GLU A 145 16.81 -42.25 -12.18
N GLN A 146 15.71 -41.51 -12.39
CA GLN A 146 15.70 -40.09 -12.06
C GLN A 146 15.86 -39.85 -10.57
N LYS A 147 15.26 -40.72 -9.74
CA LYS A 147 15.47 -40.67 -8.30
C LYS A 147 16.94 -40.65 -7.92
N LYS A 148 17.79 -41.35 -8.71
CA LYS A 148 19.23 -41.29 -8.48
C LYS A 148 19.79 -39.90 -8.73
N TRP A 149 19.31 -39.23 -9.78
CA TRP A 149 19.79 -37.87 -10.08
C TRP A 149 19.32 -36.88 -9.02
N ALA A 150 18.05 -37.01 -8.60
CA ALA A 150 17.51 -36.09 -7.58
C ALA A 150 18.28 -36.23 -6.28
N THR A 151 18.70 -37.44 -5.93
CA THR A 151 19.50 -37.65 -4.74
C THR A 151 20.82 -36.91 -4.85
N ILE A 152 21.50 -37.04 -5.99
CA ILE A 152 22.75 -36.30 -6.22
C ILE A 152 22.51 -34.80 -6.12
N ALA A 153 21.40 -34.34 -6.70
CA ALA A 153 21.09 -32.91 -6.72
C ALA A 153 20.88 -32.37 -5.32
N ALA A 154 20.21 -33.15 -4.47
CA ALA A 154 20.00 -32.70 -3.09
C ALA A 154 21.30 -32.73 -2.31
N GLU A 155 22.09 -33.79 -2.47
CA GLU A 155 23.34 -33.92 -1.71
C GLU A 155 24.34 -32.84 -2.10
N ARG A 156 24.38 -32.47 -3.38
CA ARG A 156 25.27 -31.41 -3.84
C ARG A 156 24.68 -30.01 -3.64
N GLY A 157 23.45 -29.88 -3.17
CA GLY A 157 22.85 -28.57 -2.95
C GLY A 157 22.68 -27.71 -4.19
N TRP A 158 22.35 -28.33 -5.32
CA TRP A 158 22.06 -27.58 -6.54
C TRP A 158 20.89 -26.63 -6.32
N GLY A 159 20.94 -25.49 -7.01
CA GLY A 159 19.81 -24.59 -7.05
C GLY A 159 18.71 -25.16 -7.93
N ALA A 160 17.57 -24.46 -7.96
CA ALA A 160 16.44 -24.92 -8.75
C ALA A 160 15.53 -23.75 -9.09
N THR A 161 14.74 -23.95 -10.12
CA THR A 161 13.75 -22.99 -10.58
C THR A 161 12.47 -23.73 -10.94
N MET A 162 11.37 -23.00 -10.92
CA MET A 162 10.11 -23.48 -11.49
C MET A 162 9.80 -22.58 -12.68
N VAL A 163 9.60 -23.20 -13.84
CA VAL A 163 9.61 -22.48 -15.12
C VAL A 163 8.28 -22.74 -15.81
N LEU A 164 7.32 -21.84 -15.59
CA LEU A 164 6.00 -21.90 -16.22
C LEU A 164 5.73 -20.72 -17.14
N THR A 165 5.96 -19.50 -16.66
CA THR A 165 5.37 -18.31 -17.26
C THR A 165 6.02 -17.95 -18.58
N GLU A 166 5.21 -17.42 -19.48
CA GLU A 166 5.62 -16.87 -20.76
C GLU A 166 4.97 -15.52 -20.92
N PRO A 167 5.43 -14.69 -21.88
CA PRO A 167 4.81 -13.36 -22.05
C PRO A 167 3.30 -13.41 -22.22
N ASP A 168 2.77 -14.43 -22.89
CA ASP A 168 1.33 -14.55 -23.10
C ASP A 168 0.67 -15.58 -22.21
N ALA A 169 1.40 -16.15 -21.23
CA ALA A 169 0.82 -17.20 -20.39
C ALA A 169 1.32 -16.98 -18.95
N GLY A 170 0.51 -16.25 -18.17
CA GLY A 170 0.83 -16.01 -16.77
C GLY A 170 -0.21 -16.70 -15.90
N SER A 171 -1.33 -16.02 -15.62
CA SER A 171 -2.44 -16.71 -14.98
C SER A 171 -2.91 -17.90 -15.82
N ASP A 172 -2.90 -17.76 -17.15
CA ASP A 172 -3.38 -18.81 -18.05
C ASP A 172 -2.19 -19.64 -18.48
N VAL A 173 -1.74 -20.51 -17.57
CA VAL A 173 -0.58 -21.35 -17.82
C VAL A 173 -0.79 -22.19 -19.08
N GLY A 174 -2.03 -22.63 -19.31
CA GLY A 174 -2.34 -23.51 -20.43
C GLY A 174 -2.12 -22.90 -21.80
N ALA A 175 -1.95 -21.59 -21.88
CA ALA A 175 -1.68 -20.95 -23.16
C ALA A 175 -0.22 -21.01 -23.56
N GLY A 176 0.64 -21.62 -22.73
CA GLY A 176 2.06 -21.65 -23.04
C GLY A 176 2.34 -22.37 -24.36
N ARG A 177 3.36 -21.87 -25.06
CA ARG A 177 3.73 -22.38 -26.38
C ARG A 177 5.14 -22.93 -26.44
N THR A 178 5.91 -22.86 -25.35
CA THR A 178 7.20 -23.56 -25.30
C THR A 178 6.99 -25.03 -25.65
N LYS A 179 7.85 -25.55 -26.50
CA LYS A 179 7.65 -26.83 -27.16
C LYS A 179 8.68 -27.86 -26.70
N ALA A 180 8.31 -29.14 -26.76
CA ALA A 180 9.23 -30.25 -26.48
C ALA A 180 9.25 -31.18 -27.67
N VAL A 181 10.44 -31.48 -28.19
CA VAL A 181 10.59 -32.36 -29.34
C VAL A 181 11.39 -33.57 -28.90
N GLN A 182 10.79 -34.76 -28.99
CA GLN A 182 11.47 -35.96 -28.52
C GLN A 182 12.60 -36.32 -29.48
N GLN A 183 13.70 -36.74 -28.91
CA GLN A 183 14.90 -37.14 -29.63
C GLN A 183 14.95 -38.65 -29.72
N PRO A 184 15.72 -39.21 -30.65
CA PRO A 184 15.81 -40.68 -30.75
C PRO A 184 16.23 -41.35 -29.45
N ASP A 185 17.13 -40.74 -28.67
CA ASP A 185 17.62 -41.35 -27.44
C ASP A 185 16.65 -41.21 -26.27
N GLY A 186 15.45 -40.71 -26.50
CA GLY A 186 14.46 -40.61 -25.44
C GLY A 186 14.51 -39.31 -24.66
N THR A 187 15.54 -38.49 -24.85
CA THR A 187 15.52 -37.15 -24.28
C THR A 187 14.64 -36.24 -25.14
N TRP A 188 14.55 -34.97 -24.74
CA TRP A 188 13.73 -33.99 -25.41
C TRP A 188 14.55 -32.72 -25.61
N HIS A 189 14.27 -32.01 -26.70
CA HIS A 189 14.82 -30.67 -26.92
C HIS A 189 13.72 -29.67 -26.62
N ILE A 190 13.97 -28.77 -25.67
CA ILE A 190 12.99 -27.79 -25.24
C ILE A 190 13.27 -26.48 -25.96
N GLU A 191 12.22 -25.88 -26.54
CA GLU A 191 12.39 -24.71 -27.39
C GLU A 191 11.34 -23.67 -27.01
N GLY A 192 11.79 -22.52 -26.54
CA GLY A 192 10.85 -21.49 -26.12
C GLY A 192 11.53 -20.45 -25.26
N VAL A 193 10.74 -19.43 -24.92
CA VAL A 193 11.18 -18.32 -24.09
C VAL A 193 10.24 -18.22 -22.90
N LYS A 194 10.79 -18.26 -21.70
CA LYS A 194 10.00 -18.11 -20.49
C LYS A 194 10.33 -16.76 -19.85
N ARG A 195 9.38 -16.23 -19.06
CA ARG A 195 9.46 -14.89 -18.49
C ARG A 195 9.30 -14.95 -16.98
N PHE A 196 10.00 -14.02 -16.29
CA PHE A 196 9.85 -13.81 -14.85
C PHE A 196 10.32 -15.03 -14.05
N ILE A 197 11.42 -15.66 -14.41
CA ILE A 197 11.85 -16.86 -13.71
C ILE A 197 12.76 -16.49 -12.55
N THR A 198 12.29 -16.76 -11.33
CA THR A 198 13.04 -16.50 -10.11
C THR A 198 14.25 -17.41 -10.03
N SER A 199 15.41 -16.82 -9.72
CA SER A 199 16.69 -17.53 -9.54
C SER A 199 17.19 -18.19 -10.81
N ALA A 200 16.75 -17.70 -11.97
CA ALA A 200 17.09 -18.35 -13.23
C ALA A 200 18.60 -18.41 -13.46
N ASP A 201 19.34 -17.43 -12.95
CA ASP A 201 20.75 -17.62 -12.69
C ASP A 201 21.05 -17.07 -11.30
N SER A 202 22.16 -17.52 -10.72
CA SER A 202 22.46 -17.21 -9.33
C SER A 202 23.96 -17.10 -9.11
N ASP A 203 24.68 -16.57 -10.10
CA ASP A 203 26.12 -16.24 -9.94
C ASP A 203 26.86 -17.55 -9.66
N ASP A 204 27.83 -17.56 -8.76
CA ASP A 204 28.57 -18.77 -8.40
C ASP A 204 28.07 -19.40 -7.10
N LEU A 205 26.78 -19.22 -6.76
CA LEU A 205 26.25 -19.83 -5.55
C LEU A 205 26.27 -21.35 -5.63
N PHE A 206 25.96 -21.92 -6.80
CA PHE A 206 25.79 -23.36 -6.97
C PHE A 206 26.62 -23.89 -8.13
N GLU A 207 26.93 -25.20 -8.09
CA GLU A 207 27.61 -25.83 -9.21
C GLU A 207 26.67 -26.25 -10.33
N ASN A 208 25.36 -26.25 -10.08
CA ASN A 208 24.37 -26.57 -11.10
C ASN A 208 23.04 -25.99 -10.65
N ILE A 209 22.13 -25.85 -11.61
CA ILE A 209 20.75 -25.43 -11.32
C ILE A 209 19.83 -26.40 -12.04
N MET A 210 18.82 -26.90 -11.33
CA MET A 210 17.77 -27.73 -11.92
C MET A 210 16.57 -26.85 -12.28
N HIS A 211 16.33 -26.68 -13.58
CA HIS A 211 15.12 -26.02 -14.06
C HIS A 211 14.02 -27.06 -14.25
N LEU A 212 12.89 -26.85 -13.59
CA LEU A 212 11.70 -27.70 -13.78
C LEU A 212 10.77 -26.94 -14.73
N VAL A 213 10.71 -27.39 -15.98
CA VAL A 213 10.13 -26.60 -17.07
C VAL A 213 8.86 -27.25 -17.58
N LEU A 214 7.80 -26.44 -17.71
CA LEU A 214 6.59 -26.88 -18.40
C LEU A 214 6.74 -26.61 -19.89
N ALA A 215 6.42 -27.61 -20.72
CA ALA A 215 6.46 -27.44 -22.16
C ALA A 215 5.47 -28.40 -22.81
N ARG A 216 5.12 -28.12 -24.05
CA ARG A 216 4.12 -28.90 -24.76
C ARG A 216 4.78 -29.83 -25.75
N PRO A 217 4.73 -31.13 -25.55
CA PRO A 217 5.25 -32.06 -26.57
C PRO A 217 4.60 -31.79 -27.92
N GLU A 218 5.39 -31.91 -28.97
CA GLU A 218 4.85 -31.83 -30.32
C GLU A 218 3.68 -32.78 -30.46
N GLY A 219 2.56 -32.25 -30.97
CA GLY A 219 1.37 -33.04 -31.17
C GLY A 219 0.44 -33.17 -29.99
N ALA A 220 0.80 -32.60 -28.82
CA ALA A 220 -0.08 -32.74 -27.67
C ALA A 220 -1.26 -31.79 -27.78
N GLY A 221 -2.29 -32.08 -26.97
CA GLY A 221 -3.48 -31.27 -26.98
C GLY A 221 -3.26 -29.93 -26.31
N PRO A 222 -4.33 -29.13 -26.25
CA PRO A 222 -4.22 -27.75 -25.75
C PRO A 222 -4.36 -27.61 -24.24
N GLY A 223 -4.17 -26.39 -23.73
CA GLY A 223 -4.41 -26.12 -22.32
C GLY A 223 -3.38 -26.75 -21.40
N THR A 224 -3.67 -26.70 -20.09
CA THR A 224 -2.72 -27.24 -19.14
C THR A 224 -2.62 -28.76 -19.23
N LYS A 225 -3.73 -29.43 -19.60
CA LYS A 225 -3.69 -30.89 -19.67
C LYS A 225 -2.73 -31.39 -20.75
N GLY A 226 -2.42 -30.57 -21.76
CA GLY A 226 -1.42 -30.93 -22.74
C GLY A 226 0.01 -30.66 -22.36
N LEU A 227 0.27 -30.11 -21.17
CA LEU A 227 1.63 -29.79 -20.75
C LEU A 227 2.31 -30.98 -20.07
N SER A 228 3.62 -31.07 -20.30
CA SER A 228 4.47 -32.03 -19.64
C SER A 228 5.55 -31.28 -18.87
N LEU A 229 6.15 -31.96 -17.89
CA LEU A 229 7.16 -31.37 -17.03
C LEU A 229 8.52 -31.99 -17.34
N PHE A 230 9.54 -31.13 -17.49
CA PHE A 230 10.88 -31.58 -17.88
C PHE A 230 11.95 -31.14 -16.90
N PHE A 231 12.86 -32.07 -16.61
CA PHE A 231 14.07 -31.78 -15.85
C PHE A 231 15.12 -31.22 -16.81
N VAL A 232 15.46 -29.93 -16.66
CA VAL A 232 16.36 -29.26 -17.58
C VAL A 232 17.51 -28.65 -16.77
N PRO A 233 18.66 -29.30 -16.67
CA PRO A 233 19.75 -28.76 -15.86
C PRO A 233 20.53 -27.69 -16.60
N LYS A 234 21.09 -26.75 -15.84
CA LYS A 234 21.96 -25.75 -16.44
C LYS A 234 23.18 -26.39 -17.09
N PHE A 235 23.76 -27.39 -16.42
CA PHE A 235 24.87 -28.16 -16.97
C PHE A 235 24.44 -29.61 -17.11
N HIS A 236 24.84 -30.25 -18.22
CA HIS A 236 24.83 -31.70 -18.26
C HIS A 236 25.73 -32.26 -17.15
N PHE A 237 25.41 -33.47 -16.69
CA PHE A 237 26.23 -34.07 -15.65
C PHE A 237 26.21 -35.58 -15.79
N ASP A 238 27.19 -36.22 -15.16
CA ASP A 238 27.28 -37.68 -15.13
C ASP A 238 26.20 -38.24 -14.22
N HIS A 239 25.30 -39.04 -14.80
CA HIS A 239 24.12 -39.52 -14.07
C HIS A 239 24.47 -40.48 -12.94
N GLU A 240 25.70 -40.99 -12.88
CA GLU A 240 26.10 -41.84 -11.76
C GLU A 240 26.90 -41.08 -10.71
N THR A 241 27.90 -40.29 -11.14
CA THR A 241 28.77 -39.63 -10.19
C THR A 241 28.36 -38.20 -9.89
N GLY A 242 27.54 -37.57 -10.74
CA GLY A 242 27.19 -36.18 -10.54
C GLY A 242 28.22 -35.20 -11.04
N GLU A 243 29.32 -35.66 -11.64
CA GLU A 243 30.35 -34.75 -12.14
C GLU A 243 29.77 -33.81 -13.20
N ILE A 244 30.06 -32.52 -13.06
CA ILE A 244 29.48 -31.51 -13.95
C ILE A 244 30.15 -31.58 -15.32
N GLY A 245 29.34 -31.58 -16.37
CA GLY A 245 29.82 -31.64 -17.74
C GLY A 245 29.50 -30.40 -18.55
N GLU A 246 29.11 -30.58 -19.82
CA GLU A 246 28.96 -29.47 -20.73
C GLU A 246 27.74 -28.61 -20.39
N ARG A 247 27.82 -27.33 -20.75
CA ARG A 247 26.69 -26.43 -20.62
C ARG A 247 25.51 -26.95 -21.44
N ASN A 248 24.33 -26.87 -20.85
CA ASN A 248 23.07 -27.18 -21.52
C ASN A 248 22.46 -25.87 -22.01
N GLY A 249 21.59 -25.97 -23.02
CA GLY A 249 21.18 -24.81 -23.79
C GLY A 249 20.07 -23.96 -23.22
N VAL A 250 20.23 -23.55 -21.97
CA VAL A 250 19.20 -22.81 -21.24
C VAL A 250 19.87 -21.60 -20.60
N PHE A 251 19.52 -20.41 -21.08
CA PHE A 251 20.30 -19.20 -20.80
C PHE A 251 19.40 -18.05 -20.38
N VAL A 252 19.83 -17.34 -19.34
CA VAL A 252 19.20 -16.07 -18.98
C VAL A 252 19.56 -15.02 -20.02
N THR A 253 18.59 -14.18 -20.38
CA THR A 253 18.81 -13.12 -21.36
C THR A 253 18.57 -11.73 -20.82
N ASN A 254 18.16 -11.58 -19.56
CA ASN A 254 17.69 -10.31 -19.05
C ASN A 254 17.43 -10.47 -17.56
N VAL A 255 17.56 -9.39 -16.80
CA VAL A 255 17.15 -9.41 -15.40
C VAL A 255 16.21 -8.24 -15.18
N GLU A 256 15.04 -8.52 -14.61
CA GLU A 256 14.03 -7.48 -14.47
C GLU A 256 14.42 -6.47 -13.38
N HIS A 257 14.04 -5.22 -13.62
CA HIS A 257 14.18 -4.14 -12.65
C HIS A 257 12.85 -4.01 -11.94
N LYS A 258 12.84 -4.30 -10.64
CA LYS A 258 11.60 -4.50 -9.92
C LYS A 258 11.45 -3.47 -8.80
N MET A 259 10.23 -3.35 -8.32
CA MET A 259 9.92 -2.42 -7.24
C MET A 259 10.67 -2.79 -5.96
N GLY A 260 10.72 -4.09 -5.67
CA GLY A 260 11.40 -4.62 -4.50
C GLY A 260 11.81 -6.03 -4.79
N LEU A 261 12.10 -6.79 -3.72
CA LEU A 261 12.69 -8.13 -3.84
C LEU A 261 13.85 -8.12 -4.85
N LYS A 262 14.61 -7.04 -4.84
CA LYS A 262 15.55 -6.79 -5.93
C LYS A 262 16.65 -7.84 -5.98
N VAL A 263 17.09 -8.35 -4.83
CA VAL A 263 18.21 -9.29 -4.85
C VAL A 263 17.81 -10.66 -5.38
N SER A 264 16.52 -10.91 -5.59
CA SER A 264 16.04 -12.13 -6.24
C SER A 264 16.09 -11.91 -7.75
N ALA A 265 17.05 -12.54 -8.41
CA ALA A 265 17.18 -12.32 -9.85
C ALA A 265 15.98 -12.94 -10.57
N THR A 266 15.22 -12.10 -11.28
CA THR A 266 14.00 -12.52 -11.99
C THR A 266 14.25 -12.36 -13.48
N CYS A 267 14.30 -13.46 -14.22
CA CYS A 267 15.00 -13.46 -15.51
C CYS A 267 14.12 -13.99 -16.64
N GLU A 268 14.28 -13.41 -17.82
CA GLU A 268 13.81 -14.12 -19.01
C GLU A 268 14.73 -15.30 -19.25
N LEU A 269 14.16 -16.45 -19.57
CA LEU A 269 14.91 -17.69 -19.71
C LEU A 269 14.66 -18.27 -21.10
N SER A 270 15.73 -18.40 -21.88
CA SER A 270 15.65 -18.86 -23.26
C SER A 270 16.11 -20.31 -23.34
N LEU A 271 15.28 -21.16 -23.96
CA LEU A 271 15.58 -22.58 -24.08
C LEU A 271 15.84 -22.90 -25.55
N GLY A 272 17.05 -23.34 -25.85
CA GLY A 272 17.41 -23.77 -27.19
C GLY A 272 17.51 -22.66 -28.22
N GLN A 273 17.74 -21.43 -27.78
CA GLN A 273 17.78 -20.28 -28.68
C GLN A 273 19.18 -19.70 -28.86
N HIS A 274 20.22 -20.32 -28.29
CA HIS A 274 21.56 -19.72 -28.30
C HIS A 274 22.61 -20.65 -28.89
N GLY A 275 22.22 -21.55 -29.78
CA GLY A 275 23.18 -22.35 -30.51
C GLY A 275 23.31 -23.79 -30.08
N ILE A 276 22.86 -24.15 -28.87
CA ILE A 276 22.90 -25.54 -28.45
C ILE A 276 21.53 -25.93 -27.91
N PRO A 277 21.13 -27.19 -28.01
CA PRO A 277 19.80 -27.57 -27.52
C PRO A 277 19.72 -27.52 -26.00
N ALA A 278 18.52 -27.22 -25.52
CA ALA A 278 18.22 -27.37 -24.10
C ALA A 278 17.68 -28.79 -23.93
N VAL A 279 18.52 -29.69 -23.45
CA VAL A 279 18.10 -31.09 -23.30
C VAL A 279 17.29 -31.23 -22.01
N GLY A 280 16.12 -31.84 -22.12
CA GLY A 280 15.27 -32.10 -20.98
C GLY A 280 14.87 -33.55 -20.88
N TRP A 281 14.57 -33.97 -19.66
CA TRP A 281 14.16 -35.33 -19.38
C TRP A 281 12.74 -35.29 -18.85
N LEU A 282 11.87 -36.10 -19.45
CA LEU A 282 10.48 -36.13 -19.03
C LEU A 282 10.36 -36.65 -17.60
N VAL A 283 9.76 -35.85 -16.72
CA VAL A 283 9.72 -36.20 -15.30
C VAL A 283 8.80 -37.40 -15.10
N GLY A 284 9.34 -38.44 -14.47
CA GLY A 284 8.56 -39.66 -14.32
C GLY A 284 8.30 -40.41 -15.61
N GLU A 285 8.84 -39.93 -16.73
CA GLU A 285 8.61 -40.50 -18.06
C GLU A 285 7.12 -40.69 -18.33
N VAL A 286 6.29 -39.80 -17.80
CA VAL A 286 4.88 -39.75 -18.10
C VAL A 286 4.52 -38.31 -18.45
N HIS A 287 3.43 -38.15 -19.18
CA HIS A 287 2.94 -36.84 -19.59
C HIS A 287 1.86 -36.42 -18.60
N ASN A 288 2.26 -35.60 -17.64
CA ASN A 288 1.35 -35.23 -16.55
C ASN A 288 1.82 -33.93 -15.91
N GLY A 289 2.09 -32.93 -16.76
CA GLY A 289 2.89 -31.79 -16.32
C GLY A 289 2.22 -30.90 -15.29
N ILE A 290 0.96 -30.52 -15.51
CA ILE A 290 0.36 -29.54 -14.61
C ILE A 290 0.11 -30.15 -13.24
N ALA A 291 -0.25 -31.44 -13.17
CA ALA A 291 -0.38 -32.10 -11.88
C ALA A 291 0.97 -32.17 -11.17
N GLN A 292 2.02 -32.58 -11.88
CA GLN A 292 3.35 -32.63 -11.29
C GLN A 292 3.80 -31.25 -10.82
N MET A 293 3.66 -30.24 -11.69
CA MET A 293 4.10 -28.90 -11.32
C MET A 293 3.31 -28.36 -10.13
N PHE A 294 2.05 -28.78 -9.96
CA PHE A 294 1.31 -28.24 -8.82
C PHE A 294 1.84 -28.73 -7.48
N ASP A 295 2.60 -29.84 -7.46
CA ASP A 295 3.36 -30.16 -6.25
C ASP A 295 4.26 -29.00 -5.86
N VAL A 296 4.91 -28.40 -6.85
CA VAL A 296 5.78 -27.25 -6.60
C VAL A 296 4.95 -26.00 -6.30
N ILE A 297 3.87 -25.78 -7.07
CA ILE A 297 3.08 -24.56 -6.89
C ILE A 297 2.51 -24.51 -5.48
N GLU A 298 2.06 -25.66 -4.97
CA GLU A 298 1.51 -25.69 -3.61
C GLU A 298 2.54 -25.19 -2.60
N GLN A 299 3.78 -25.67 -2.71
CA GLN A 299 4.83 -25.21 -1.82
C GLN A 299 5.10 -23.72 -2.02
N ALA A 300 5.19 -23.26 -3.27
CA ALA A 300 5.44 -21.84 -3.50
C ALA A 300 4.36 -20.96 -2.90
N ARG A 301 3.09 -21.41 -2.98
CA ARG A 301 1.99 -20.60 -2.47
C ARG A 301 2.03 -20.53 -0.95
N MET A 302 2.40 -21.63 -0.28
CA MET A 302 2.59 -21.61 1.16
C MET A 302 3.74 -20.68 1.54
N MET A 303 4.85 -20.77 0.80
CA MET A 303 6.01 -19.91 1.06
C MET A 303 5.64 -18.43 0.95
N VAL A 304 4.91 -18.09 -0.11
CA VAL A 304 4.63 -16.68 -0.37
C VAL A 304 3.73 -16.10 0.72
N GLY A 305 2.71 -16.84 1.14
CA GLY A 305 1.89 -16.37 2.24
C GLY A 305 2.67 -16.23 3.52
N THR A 306 3.49 -17.23 3.83
CA THR A 306 4.33 -17.16 5.03
C THR A 306 5.32 -16.00 4.94
N LYS A 307 5.85 -15.74 3.75
CA LYS A 307 6.74 -14.59 3.57
C LYS A 307 6.03 -13.29 3.90
N ALA A 308 4.84 -13.09 3.34
CA ALA A 308 4.09 -11.86 3.61
C ALA A 308 3.82 -11.73 5.11
N ILE A 309 3.49 -12.83 5.76
CA ILE A 309 3.19 -12.80 7.19
C ILE A 309 4.44 -12.52 8.01
N ALA A 310 5.56 -13.14 7.63
CA ALA A 310 6.83 -12.87 8.32
C ALA A 310 7.21 -11.41 8.22
N THR A 311 6.95 -10.79 7.05
CA THR A 311 7.33 -9.40 6.82
C THR A 311 6.45 -8.44 7.63
N LEU A 312 5.14 -8.68 7.67
CA LEU A 312 4.29 -7.85 8.53
C LEU A 312 4.74 -7.94 10.00
N SER A 313 5.10 -9.15 10.45
CA SER A 313 5.52 -9.31 11.85
C SER A 313 6.73 -8.45 12.17
N THR A 314 7.79 -8.51 11.34
CA THR A 314 8.94 -7.69 11.67
C THR A 314 8.64 -6.20 11.43
N GLY A 315 7.77 -5.89 10.47
CA GLY A 315 7.31 -4.51 10.33
C GLY A 315 6.63 -4.00 11.59
N TYR A 316 5.71 -4.80 12.14
CA TYR A 316 5.02 -4.42 13.38
C TYR A 316 6.03 -4.20 14.51
N LEU A 317 6.94 -5.16 14.71
CA LEU A 317 7.82 -5.07 15.87
C LEU A 317 8.79 -3.90 15.75
N ASN A 318 9.18 -3.54 14.51
CA ASN A 318 9.95 -2.31 14.30
C ASN A 318 9.14 -1.09 14.67
N ALA A 319 7.88 -1.02 14.22
CA ALA A 319 7.05 0.13 14.53
C ALA A 319 6.82 0.25 16.04
N LEU A 320 6.61 -0.88 16.71
CA LEU A 320 6.38 -0.89 18.15
C LEU A 320 7.60 -0.40 18.90
N GLU A 321 8.78 -0.89 18.53
CA GLU A 321 9.99 -0.43 19.19
C GLU A 321 10.17 1.07 18.99
N TYR A 322 9.89 1.56 17.79
CA TYR A 322 9.99 3.00 17.52
C TYR A 322 8.99 3.79 18.36
N ALA A 323 7.74 3.33 18.41
CA ALA A 323 6.70 4.07 19.12
C ALA A 323 7.02 4.19 20.61
N LYS A 324 7.62 3.15 21.20
CA LYS A 324 7.95 3.17 22.63
C LYS A 324 8.93 4.27 22.97
N GLU A 325 9.78 4.67 22.03
CA GLU A 325 10.81 5.65 22.31
C GLU A 325 10.48 7.05 21.81
N ARG A 326 9.58 7.19 20.84
CA ARG A 326 9.34 8.49 20.23
C ARG A 326 8.47 9.35 21.16
N VAL A 327 9.03 10.47 21.62
CA VAL A 327 8.28 11.46 22.39
C VAL A 327 7.67 12.46 21.42
N GLN A 328 6.36 12.66 21.50
CA GLN A 328 5.73 13.68 20.66
C GLN A 328 4.33 14.00 21.15
N GLY A 329 4.12 15.24 21.58
CA GLY A 329 2.80 15.67 21.98
C GLY A 329 2.55 15.41 23.43
N ALA A 330 1.40 15.89 23.88
CA ALA A 330 0.93 15.68 25.24
C ALA A 330 -0.13 14.59 25.26
N ASP A 331 -0.39 14.06 26.46
CA ASP A 331 -1.50 13.10 26.58
C ASP A 331 -2.81 13.75 26.20
N MET A 332 -3.67 12.99 25.53
CA MET A 332 -4.94 13.53 25.05
C MET A 332 -5.79 14.09 26.19
N THR A 333 -5.66 13.53 27.40
CA THR A 333 -6.42 14.07 28.54
C THR A 333 -5.93 15.45 28.96
N GLN A 334 -4.85 15.95 28.37
CA GLN A 334 -4.31 17.25 28.73
C GLN A 334 -4.14 18.13 27.50
N MET A 335 -4.91 17.85 26.44
CA MET A 335 -4.62 18.44 25.13
C MET A 335 -4.78 19.95 25.10
N THR A 336 -5.60 20.53 25.98
CA THR A 336 -5.77 21.98 26.00
C THR A 336 -4.73 22.68 26.87
N ASP A 337 -3.97 21.93 27.65
CA ASP A 337 -2.86 22.48 28.44
C ASP A 337 -1.61 22.44 27.57
N LYS A 338 -1.19 23.60 27.07
CA LYS A 338 -0.09 23.63 26.11
C LYS A 338 1.27 23.46 26.78
N THR A 339 1.35 23.46 28.10
CA THR A 339 2.57 23.13 28.82
C THR A 339 2.50 21.76 29.50
N ALA A 340 1.52 20.93 29.15
CA ALA A 340 1.46 19.58 29.71
C ALA A 340 2.72 18.78 29.36
N PRO A 341 3.07 17.77 30.17
CA PRO A 341 4.28 17.00 29.88
C PRO A 341 4.18 16.30 28.53
N ARG A 342 5.31 16.20 27.83
CA ARG A 342 5.32 15.43 26.59
C ARG A 342 5.31 13.93 26.91
N VAL A 343 4.70 13.14 26.02
CA VAL A 343 4.57 11.70 26.22
C VAL A 343 5.10 10.95 25.01
N THR A 344 5.46 9.68 25.22
CA THR A 344 5.76 8.80 24.10
C THR A 344 4.47 8.49 23.34
N ILE A 345 4.60 8.22 22.04
CA ILE A 345 3.42 8.17 21.19
C ILE A 345 2.57 6.93 21.43
N THR A 346 3.09 5.90 22.12
CA THR A 346 2.20 4.82 22.54
C THR A 346 1.07 5.30 23.44
N HIS A 347 1.18 6.53 23.99
CA HIS A 347 0.09 7.09 24.78
C HIS A 347 -1.05 7.63 23.91
N HIS A 348 -0.87 7.77 22.61
CA HIS A 348 -1.90 8.37 21.78
C HIS A 348 -2.89 7.31 21.31
N PRO A 349 -4.20 7.57 21.41
CA PRO A 349 -5.19 6.58 20.96
C PRO A 349 -5.01 6.11 19.53
N ASP A 350 -4.74 7.00 18.55
CA ASP A 350 -4.64 6.49 17.19
C ASP A 350 -3.43 5.58 17.02
N VAL A 351 -2.36 5.84 17.78
CA VAL A 351 -1.18 5.00 17.71
C VAL A 351 -1.45 3.64 18.34
N ARG A 352 -2.15 3.62 19.47
CA ARG A 352 -2.53 2.33 20.05
C ARG A 352 -3.51 1.59 19.15
N ARG A 353 -4.45 2.31 18.52
CA ARG A 353 -5.30 1.67 17.52
C ARG A 353 -4.46 1.04 16.42
N SER A 354 -3.47 1.79 15.89
CA SER A 354 -2.63 1.30 14.80
C SER A 354 -1.83 0.09 15.23
N LEU A 355 -1.19 0.18 16.39
CA LEU A 355 -0.35 -0.92 16.87
C LEU A 355 -1.18 -2.17 17.12
N MET A 356 -2.37 -2.02 17.71
CA MET A 356 -3.17 -3.20 18.00
C MET A 356 -3.71 -3.81 16.72
N THR A 357 -3.97 -2.98 15.70
CA THR A 357 -4.36 -3.50 14.40
C THR A 357 -3.24 -4.33 13.78
N GLN A 358 -2.02 -3.79 13.81
CA GLN A 358 -0.86 -4.53 13.32
C GLN A 358 -0.65 -5.81 14.11
N LYS A 359 -0.70 -5.71 15.44
CA LYS A 359 -0.45 -6.88 16.29
C LYS A 359 -1.46 -7.99 16.01
N ALA A 360 -2.75 -7.67 16.02
CA ALA A 360 -3.77 -8.69 15.88
C ALA A 360 -3.70 -9.37 14.52
N TYR A 361 -3.42 -8.59 13.47
CA TYR A 361 -3.34 -9.21 12.16
C TYR A 361 -2.06 -10.02 12.01
N ALA A 362 -0.93 -9.52 12.50
CA ALA A 362 0.31 -10.29 12.43
C ALA A 362 0.16 -11.61 13.17
N GLU A 363 -0.33 -11.56 14.41
CA GLU A 363 -0.44 -12.78 15.20
C GLU A 363 -1.57 -13.67 14.69
N GLY A 364 -2.67 -13.07 14.22
CA GLY A 364 -3.71 -13.89 13.63
C GLY A 364 -3.25 -14.61 12.38
N LEU A 365 -2.45 -13.93 11.56
CA LEU A 365 -1.92 -14.54 10.35
C LEU A 365 -0.92 -15.65 10.67
N ARG A 366 -0.12 -15.47 11.71
CA ARG A 366 0.80 -16.53 12.10
C ARG A 366 0.03 -17.77 12.55
N ALA A 367 -1.01 -17.57 13.37
CA ALA A 367 -1.86 -18.70 13.75
C ALA A 367 -2.44 -19.40 12.52
N ILE A 368 -2.86 -18.62 11.51
CA ILE A 368 -3.47 -19.22 10.31
C ILE A 368 -2.47 -20.10 9.57
N TYR A 369 -1.25 -19.60 9.31
CA TYR A 369 -0.34 -20.44 8.53
C TYR A 369 0.13 -21.64 9.35
N LEU A 370 0.30 -21.48 10.67
CA LEU A 370 0.65 -22.65 11.49
C LEU A 370 -0.52 -23.63 11.58
N TYR A 371 -1.74 -23.13 11.79
CA TYR A 371 -2.92 -24.01 11.74
C TYR A 371 -2.97 -24.76 10.41
N THR A 372 -2.76 -24.04 9.29
CA THR A 372 -2.73 -24.68 7.99
C THR A 372 -1.70 -25.79 7.95
N ALA A 373 -0.51 -25.53 8.50
CA ALA A 373 0.57 -26.49 8.44
C ALA A 373 0.29 -27.74 9.27
N THR A 374 -0.56 -27.64 10.31
CA THR A 374 -0.87 -28.83 11.08
C THR A 374 -1.70 -29.84 10.29
N PHE A 375 -2.21 -29.47 9.10
CA PHE A 375 -2.92 -30.39 8.22
C PHE A 375 -2.04 -30.95 7.11
N GLN A 376 -0.77 -30.55 7.04
CA GLN A 376 0.13 -31.00 5.98
C GLN A 376 0.83 -32.32 6.30
N ASP A 377 0.78 -32.80 7.54
CA ASP A 377 1.25 -34.12 7.92
C ASP A 377 0.06 -34.93 8.40
N ALA A 378 -0.15 -36.12 7.81
CA ALA A 378 -1.24 -36.97 8.28
C ALA A 378 -1.12 -37.25 9.77
N GLU A 379 0.10 -37.56 10.23
CA GLU A 379 0.29 -37.91 11.63
C GLU A 379 0.00 -36.75 12.56
N VAL A 380 0.39 -35.53 12.18
CA VAL A 380 0.06 -34.38 13.02
C VAL A 380 -1.44 -34.14 13.00
N ALA A 381 -2.03 -34.11 11.80
CA ALA A 381 -3.47 -33.90 11.68
C ALA A 381 -4.25 -34.91 12.50
N GLN A 382 -3.83 -36.18 12.46
CA GLN A 382 -4.49 -37.21 13.28
C GLN A 382 -4.32 -36.91 14.76
N ALA A 383 -3.09 -36.57 15.17
CA ALA A 383 -2.80 -36.42 16.60
C ALA A 383 -3.41 -35.15 17.19
N VAL A 384 -3.36 -34.02 16.47
CA VAL A 384 -3.82 -32.77 17.06
C VAL A 384 -5.25 -32.41 16.68
N HIS A 385 -5.80 -33.00 15.61
CA HIS A 385 -7.18 -32.71 15.21
C HIS A 385 -8.09 -33.92 15.16
N GLY A 386 -7.54 -35.13 15.14
CA GLY A 386 -8.37 -36.31 15.00
C GLY A 386 -8.99 -36.47 13.63
N VAL A 387 -8.34 -35.98 12.58
CA VAL A 387 -8.84 -36.08 11.22
C VAL A 387 -7.94 -37.01 10.43
N ASP A 388 -8.54 -37.78 9.53
CA ASP A 388 -7.79 -38.78 8.77
C ASP A 388 -7.07 -38.11 7.60
N GLY A 389 -6.26 -38.90 6.88
CA GLY A 389 -5.40 -38.33 5.86
C GLY A 389 -6.18 -37.63 4.75
N ASP A 390 -7.29 -38.22 4.32
CA ASP A 390 -8.05 -37.66 3.20
C ASP A 390 -8.63 -36.29 3.57
N LEU A 391 -9.30 -36.20 4.73
CA LEU A 391 -9.86 -34.92 5.15
C LEU A 391 -8.76 -33.90 5.41
N ALA A 392 -7.65 -34.34 6.03
CA ALA A 392 -6.54 -33.44 6.29
C ALA A 392 -5.99 -32.83 5.00
N ALA A 393 -5.91 -33.62 3.94
CA ALA A 393 -5.40 -33.08 2.68
C ALA A 393 -6.36 -32.04 2.10
N ARG A 394 -7.67 -32.27 2.24
CA ARG A 394 -8.64 -31.34 1.68
C ARG A 394 -8.67 -30.05 2.49
N VAL A 395 -8.49 -30.14 3.80
CA VAL A 395 -8.46 -28.93 4.63
C VAL A 395 -7.21 -28.11 4.32
N ASN A 396 -6.06 -28.77 4.19
CA ASN A 396 -4.84 -28.05 3.80
C ASN A 396 -5.03 -27.34 2.46
N ASP A 397 -5.60 -28.03 1.47
CA ASP A 397 -5.84 -27.42 0.17
C ASP A 397 -6.85 -26.28 0.27
N LEU A 398 -7.85 -26.40 1.15
CA LEU A 398 -8.77 -25.29 1.39
C LEU A 398 -8.03 -24.06 1.89
N LEU A 399 -7.10 -24.26 2.83
CA LEU A 399 -6.47 -23.16 3.55
C LEU A 399 -5.32 -22.52 2.77
N LEU A 400 -4.70 -23.23 1.83
CA LEU A 400 -3.57 -22.66 1.09
C LEU A 400 -3.90 -21.32 0.43
N PRO A 401 -5.00 -21.18 -0.32
CA PRO A 401 -5.27 -19.86 -0.91
C PRO A 401 -5.60 -18.79 0.13
N ILE A 402 -5.99 -19.17 1.34
CA ILE A 402 -6.11 -18.20 2.43
C ILE A 402 -4.73 -17.73 2.86
N VAL A 403 -3.82 -18.67 3.14
CA VAL A 403 -2.46 -18.30 3.51
C VAL A 403 -1.86 -17.38 2.47
N LYS A 404 -2.00 -17.76 1.19
CA LYS A 404 -1.37 -16.98 0.12
C LYS A 404 -2.13 -15.70 -0.15
N GLY A 405 -3.42 -15.81 -0.49
CA GLY A 405 -4.18 -14.64 -0.91
C GLY A 405 -4.50 -13.69 0.22
N PHE A 406 -5.09 -14.20 1.30
CA PHE A 406 -5.41 -13.35 2.45
C PHE A 406 -4.14 -12.91 3.16
N GLY A 407 -3.13 -13.79 3.24
CA GLY A 407 -1.86 -13.40 3.84
C GLY A 407 -1.18 -12.27 3.09
N SER A 408 -1.02 -12.43 1.77
CA SER A 408 -0.33 -11.41 0.99
C SER A 408 -1.05 -10.07 1.04
N GLU A 409 -2.37 -10.07 0.81
CA GLU A 409 -3.10 -8.81 0.76
C GLU A 409 -3.10 -8.10 2.11
N THR A 410 -3.28 -8.87 3.19
CA THR A 410 -3.37 -8.29 4.52
C THR A 410 -2.02 -7.73 4.97
N ALA A 411 -0.94 -8.48 4.75
CA ALA A 411 0.38 -8.02 5.20
C ALA A 411 0.75 -6.69 4.56
N TYR A 412 0.57 -6.56 3.24
CA TYR A 412 0.90 -5.32 2.56
C TYR A 412 0.03 -4.16 3.05
N ALA A 413 -1.28 -4.41 3.23
CA ALA A 413 -2.17 -3.36 3.72
C ALA A 413 -1.80 -2.91 5.13
N LYS A 414 -1.48 -3.84 6.03
CA LYS A 414 -1.23 -3.43 7.42
C LYS A 414 0.18 -2.88 7.62
N LEU A 415 1.14 -3.23 6.76
CA LEU A 415 2.41 -2.53 6.77
C LEU A 415 2.25 -1.03 6.58
N THR A 416 1.17 -0.58 5.95
CA THR A 416 0.89 0.85 5.87
C THR A 416 0.78 1.46 7.26
N GLU A 417 0.14 0.73 8.18
CA GLU A 417 0.04 1.19 9.57
C GLU A 417 1.41 1.20 10.24
N SER A 418 2.22 0.17 10.02
CA SER A 418 3.58 0.13 10.56
C SER A 418 4.38 1.36 10.12
N LEU A 419 4.33 1.69 8.83
CA LEU A 419 5.10 2.85 8.36
C LEU A 419 4.55 4.14 8.95
N GLN A 420 3.22 4.27 8.99
CA GLN A 420 2.59 5.46 9.53
C GLN A 420 3.01 5.71 10.98
N THR A 421 3.26 4.65 11.74
CA THR A 421 3.64 4.79 13.13
C THR A 421 4.96 5.55 13.28
N LEU A 422 5.81 5.49 12.27
CA LEU A 422 7.09 6.21 12.37
C LEU A 422 6.98 7.67 11.97
N GLY A 423 5.83 8.12 11.50
CA GLY A 423 5.77 9.50 11.06
C GLY A 423 6.57 9.68 9.78
N GLY A 424 7.07 10.89 9.58
CA GLY A 424 7.88 11.17 8.40
C GLY A 424 9.08 10.26 8.26
N SER A 425 9.63 9.78 9.37
CA SER A 425 10.79 8.90 9.32
C SER A 425 10.47 7.55 8.68
N GLY A 426 9.20 7.11 8.71
CA GLY A 426 8.85 5.88 8.00
C GLY A 426 9.08 5.95 6.50
N PHE A 427 9.08 7.15 5.94
CA PHE A 427 9.35 7.34 4.51
C PHE A 427 10.83 7.28 4.17
N LEU A 428 11.72 7.16 5.17
CA LEU A 428 13.16 7.15 4.92
C LEU A 428 13.68 5.74 4.71
N GLN A 429 14.65 5.61 3.82
CA GLN A 429 15.30 4.31 3.68
C GLN A 429 16.13 3.95 4.90
N ASP A 430 16.35 4.92 5.81
CA ASP A 430 17.06 4.66 7.06
C ASP A 430 16.38 3.59 7.89
N TYR A 431 15.05 3.44 7.74
CA TYR A 431 14.28 2.43 8.44
C TYR A 431 13.82 1.38 7.44
N PRO A 432 13.61 0.13 7.89
CA PRO A 432 13.36 -0.96 6.93
C PRO A 432 11.93 -1.04 6.42
N ILE A 433 11.00 -0.25 6.96
CA ILE A 433 9.59 -0.51 6.66
C ILE A 433 9.28 -0.19 5.19
N GLU A 434 9.88 0.86 4.62
CA GLU A 434 9.58 1.12 3.22
C GLU A 434 10.06 -0.01 2.32
N GLN A 435 11.16 -0.67 2.69
CA GLN A 435 11.59 -1.82 1.90
C GLN A 435 10.68 -3.03 2.13
N TYR A 436 10.23 -3.22 3.38
CA TYR A 436 9.21 -4.25 3.65
C TYR A 436 8.02 -4.08 2.71
N ILE A 437 7.56 -2.84 2.51
CA ILE A 437 6.40 -2.59 1.65
C ILE A 437 6.72 -2.97 0.21
N ARG A 438 7.87 -2.52 -0.29
CA ARG A 438 8.24 -2.79 -1.68
C ARG A 438 8.48 -4.27 -1.91
N ASP A 439 9.14 -4.95 -0.95
CA ASP A 439 9.42 -6.37 -1.08
C ASP A 439 8.16 -7.21 -1.00
N SER A 440 7.13 -6.74 -0.29
CA SER A 440 5.92 -7.54 -0.10
C SER A 440 4.84 -7.29 -1.16
N LYS A 441 4.97 -6.24 -1.95
CA LYS A 441 3.90 -5.94 -2.97
C LYS A 441 3.74 -7.11 -3.95
N ILE A 442 4.85 -7.78 -4.26
CA ILE A 442 4.84 -8.90 -5.20
C ILE A 442 4.08 -10.12 -4.67
N ASP A 443 3.86 -10.20 -3.36
CA ASP A 443 3.22 -11.40 -2.82
C ASP A 443 1.78 -11.56 -3.24
N SER A 444 1.13 -10.50 -3.72
CA SER A 444 -0.24 -10.59 -4.23
C SER A 444 -0.27 -10.98 -5.70
N LEU A 445 0.89 -11.14 -6.33
CA LEU A 445 0.99 -11.32 -7.78
C LEU A 445 1.58 -12.67 -8.15
N TYR A 446 2.83 -12.93 -7.78
CA TYR A 446 3.43 -14.23 -8.18
C TYR A 446 2.80 -15.40 -7.42
N ALA A 447 3.09 -16.60 -7.96
CA ALA A 447 2.48 -17.85 -7.47
C ALA A 447 0.95 -17.79 -7.56
N GLY A 448 0.44 -17.00 -8.49
CA GLY A 448 -0.99 -16.88 -8.68
C GLY A 448 -1.56 -15.62 -8.04
N THR A 449 -2.12 -14.71 -8.83
CA THR A 449 -2.65 -13.47 -8.25
C THR A 449 -3.79 -13.75 -7.27
N THR A 450 -4.15 -12.71 -6.53
CA THR A 450 -5.22 -12.84 -5.55
C THR A 450 -6.52 -13.32 -6.19
N ALA A 451 -6.84 -12.81 -7.38
CA ALA A 451 -8.07 -13.25 -8.03
C ALA A 451 -8.00 -14.74 -8.35
N ILE A 452 -6.83 -15.22 -8.74
CA ILE A 452 -6.68 -16.64 -9.03
C ILE A 452 -6.76 -17.44 -7.75
N GLN A 453 -6.20 -16.91 -6.64
CA GLN A 453 -6.38 -17.57 -5.34
C GLN A 453 -7.85 -17.67 -4.97
N ALA A 454 -8.61 -16.58 -5.15
CA ALA A 454 -10.00 -16.59 -4.72
C ALA A 454 -10.86 -17.48 -5.61
N GLN A 455 -10.50 -17.59 -6.89
CA GLN A 455 -11.20 -18.50 -7.79
C GLN A 455 -10.89 -19.95 -7.44
N ASP A 456 -9.62 -20.26 -7.13
CA ASP A 456 -9.24 -21.59 -6.67
C ASP A 456 -9.99 -21.97 -5.39
N PHE A 457 -9.98 -21.06 -4.41
CA PHE A 457 -10.68 -21.27 -3.15
C PHE A 457 -12.15 -21.65 -3.36
N PHE A 458 -12.88 -20.85 -4.14
CA PHE A 458 -14.31 -21.10 -4.28
C PHE A 458 -14.59 -22.28 -5.22
N PHE A 459 -14.04 -22.25 -6.43
CA PHE A 459 -14.41 -23.24 -7.43
C PHE A 459 -13.82 -24.61 -7.12
N ARG A 460 -12.54 -24.66 -6.77
CA ARG A 460 -11.87 -25.95 -6.58
C ARG A 460 -11.91 -26.42 -5.12
N LYS A 461 -11.63 -25.55 -4.16
CA LYS A 461 -11.51 -25.99 -2.78
C LYS A 461 -12.84 -26.03 -2.03
N ILE A 462 -13.91 -25.48 -2.60
CA ILE A 462 -15.22 -25.53 -1.99
C ILE A 462 -16.20 -26.30 -2.88
N ILE A 463 -16.49 -25.78 -4.08
CA ILE A 463 -17.54 -26.37 -4.91
C ILE A 463 -17.13 -27.77 -5.35
N ARG A 464 -15.98 -27.90 -6.00
CA ARG A 464 -15.52 -29.21 -6.43
C ARG A 464 -15.37 -30.16 -5.24
N ASP A 465 -15.01 -29.62 -4.08
CA ASP A 465 -14.86 -30.39 -2.85
C ASP A 465 -16.20 -30.75 -2.20
N LYS A 466 -17.31 -30.22 -2.71
CA LYS A 466 -18.64 -30.37 -2.12
C LYS A 466 -18.66 -29.89 -0.67
N GLY A 467 -17.86 -28.86 -0.37
CA GLY A 467 -17.90 -28.20 0.92
C GLY A 467 -17.41 -29.00 2.12
N GLN A 468 -16.79 -30.16 1.90
CA GLN A 468 -16.44 -31.02 3.04
C GLN A 468 -15.38 -30.37 3.92
N ALA A 469 -14.26 -29.92 3.33
CA ALA A 469 -13.24 -29.22 4.13
C ALA A 469 -13.82 -27.97 4.76
N LEU A 470 -14.58 -27.18 3.99
CA LEU A 470 -15.17 -25.95 4.53
C LEU A 470 -16.11 -26.25 5.69
N ALA A 471 -16.92 -27.32 5.58
CA ALA A 471 -17.83 -27.66 6.66
C ALA A 471 -17.07 -28.11 7.89
N TYR A 472 -15.95 -28.82 7.71
CA TYR A 472 -15.15 -29.24 8.86
C TYR A 472 -14.64 -28.03 9.62
N VAL A 473 -14.12 -27.04 8.90
CA VAL A 473 -13.57 -25.88 9.59
C VAL A 473 -14.66 -25.10 10.28
N ALA A 474 -15.80 -24.89 9.58
CA ALA A 474 -16.92 -24.17 10.18
C ALA A 474 -17.42 -24.87 11.45
N GLY A 475 -17.39 -26.20 11.48
CA GLY A 475 -17.79 -26.92 12.67
C GLY A 475 -16.84 -26.70 13.84
N GLU A 476 -15.54 -26.58 13.56
CA GLU A 476 -14.60 -26.27 14.63
C GLU A 476 -14.85 -24.87 15.18
N ILE A 477 -15.15 -23.91 14.31
CA ILE A 477 -15.48 -22.57 14.77
C ILE A 477 -16.76 -22.59 15.60
N GLU A 478 -17.79 -23.30 15.12
CA GLU A 478 -19.04 -23.36 15.86
C GLU A 478 -18.84 -23.99 17.23
N GLN A 479 -17.97 -25.00 17.32
CA GLN A 479 -17.74 -25.66 18.61
C GLN A 479 -17.11 -24.71 19.62
N PHE A 480 -16.17 -23.88 19.17
CA PHE A 480 -15.62 -22.85 20.05
C PHE A 480 -16.70 -21.88 20.48
N ILE A 481 -17.54 -21.44 19.53
CA ILE A 481 -18.62 -20.50 19.89
C ILE A 481 -19.54 -21.11 20.92
N LYS A 482 -19.86 -22.40 20.79
CA LYS A 482 -20.79 -23.08 21.68
C LYS A 482 -20.25 -23.23 23.10
N ASN A 483 -18.93 -23.37 23.25
CA ASN A 483 -18.26 -23.51 24.55
C ASN A 483 -18.85 -24.60 25.41
N GLY A 488 -17.20 -16.74 30.10
CA GLY A 488 -17.63 -15.48 30.68
C GLY A 488 -16.82 -14.29 30.16
N ARG A 489 -15.51 -14.35 30.37
CA ARG A 489 -14.62 -13.32 29.83
C ARG A 489 -14.52 -13.38 28.30
N LEU A 490 -14.96 -14.47 27.65
CA LEU A 490 -14.95 -14.53 26.19
C LEU A 490 -16.37 -14.60 25.61
N LYS A 491 -17.39 -14.24 26.39
CA LYS A 491 -18.77 -14.26 25.91
C LYS A 491 -18.99 -13.26 24.76
N THR A 492 -18.51 -12.03 24.93
CA THR A 492 -18.72 -11.02 23.87
C THR A 492 -18.03 -11.45 22.57
N GLU A 493 -16.81 -11.98 22.67
CA GLU A 493 -16.10 -12.44 21.47
C GLU A 493 -16.84 -13.59 20.78
N ARG A 494 -17.32 -14.56 21.56
CA ARG A 494 -18.05 -15.67 20.96
C ARG A 494 -19.32 -15.17 20.27
N GLU A 495 -19.98 -14.16 20.83
CA GLU A 495 -21.15 -13.59 20.16
C GLU A 495 -20.77 -12.91 18.85
N LEU A 496 -19.65 -12.16 18.84
CA LEU A 496 -19.18 -11.53 17.61
C LEU A 496 -18.72 -12.58 16.60
N LEU A 497 -18.09 -13.66 17.07
CA LEU A 497 -17.70 -14.74 16.17
C LEU A 497 -18.92 -15.44 15.59
N ALA A 498 -19.99 -15.57 16.37
CA ALA A 498 -21.21 -16.18 15.85
C ALA A 498 -21.80 -15.34 14.73
N THR A 499 -21.83 -14.02 14.89
CA THR A 499 -22.27 -13.16 13.80
C THR A 499 -21.38 -13.32 12.58
N ALA A 500 -20.06 -13.32 12.79
CA ALA A 500 -19.14 -13.43 11.66
C ALA A 500 -19.28 -14.77 10.95
N LEU A 501 -19.50 -15.86 11.70
CA LEU A 501 -19.69 -17.16 11.06
C LEU A 501 -20.94 -17.14 10.20
N ALA A 502 -22.04 -16.63 10.73
CA ALA A 502 -23.28 -16.54 9.95
C ALA A 502 -23.08 -15.67 8.71
N ASP A 503 -22.32 -14.59 8.84
CA ASP A 503 -22.06 -13.72 7.69
C ASP A 503 -21.33 -14.48 6.59
N VAL A 504 -20.26 -15.21 6.95
CA VAL A 504 -19.53 -15.98 5.94
C VAL A 504 -20.42 -17.08 5.37
N GLN A 505 -21.22 -17.72 6.23
CA GLN A 505 -22.19 -18.70 5.72
C GLN A 505 -23.12 -18.05 4.69
N GLY A 506 -23.65 -16.86 5.00
CA GLY A 506 -24.49 -16.17 4.05
C GLY A 506 -23.79 -15.87 2.74
N MET A 507 -22.53 -15.44 2.82
CA MET A 507 -21.77 -15.17 1.60
C MET A 507 -21.61 -16.43 0.76
N ALA A 508 -21.20 -17.53 1.40
CA ALA A 508 -21.02 -18.79 0.69
C ALA A 508 -22.31 -19.21 -0.02
N ALA A 509 -23.46 -19.01 0.64
CA ALA A 509 -24.73 -19.41 0.06
C ALA A 509 -25.14 -18.53 -1.11
N SER A 510 -24.92 -17.22 -1.02
CA SER A 510 -25.24 -16.32 -2.13
C SER A 510 -24.41 -16.66 -3.36
N LEU A 511 -23.09 -16.81 -3.17
CA LEU A 511 -22.20 -17.12 -4.28
C LEU A 511 -22.49 -18.50 -4.87
N THR A 512 -22.85 -19.46 -4.02
CA THR A 512 -23.21 -20.77 -4.56
C THR A 512 -24.49 -20.68 -5.38
N GLY A 513 -25.45 -19.88 -4.93
CA GLY A 513 -26.63 -19.63 -5.73
C GLY A 513 -26.32 -19.00 -7.07
N TYR A 514 -25.43 -17.98 -7.08
CA TYR A 514 -25.05 -17.34 -8.34
C TYR A 514 -24.42 -18.35 -9.30
N LEU A 515 -23.61 -19.26 -8.76
CA LEU A 515 -22.99 -20.29 -9.61
C LEU A 515 -24.04 -21.27 -10.14
N MET A 516 -24.88 -21.82 -9.27
CA MET A 516 -25.84 -22.82 -9.74
C MET A 516 -26.86 -22.22 -10.68
N ALA A 517 -27.25 -20.96 -10.47
CA ALA A 517 -28.21 -20.34 -11.39
C ALA A 517 -27.61 -20.06 -12.77
N ALA A 518 -26.28 -20.13 -12.91
CA ALA A 518 -25.68 -19.97 -14.22
C ALA A 518 -26.09 -21.07 -15.20
N GLN A 519 -26.64 -22.19 -14.72
CA GLN A 519 -27.11 -23.22 -15.62
C GLN A 519 -28.27 -22.71 -16.48
N GLU A 520 -29.12 -21.84 -15.93
CA GLU A 520 -30.22 -21.28 -16.68
C GLU A 520 -29.96 -19.86 -17.17
N ASP A 521 -28.97 -19.17 -16.61
CA ASP A 521 -28.68 -17.77 -16.94
C ASP A 521 -27.15 -17.62 -16.85
N ALA A 522 -26.50 -17.75 -18.00
CA ALA A 522 -25.05 -17.92 -18.03
C ALA A 522 -24.32 -16.76 -17.36
N ALA A 523 -24.81 -15.54 -17.57
CA ALA A 523 -24.14 -14.37 -16.99
C ALA A 523 -24.23 -14.31 -15.47
N SER A 524 -25.06 -15.15 -14.83
CA SER A 524 -25.07 -15.21 -13.37
C SER A 524 -23.69 -15.49 -12.81
N ILE A 525 -22.87 -16.26 -13.53
CA ILE A 525 -21.57 -16.65 -13.01
C ILE A 525 -20.68 -15.44 -12.76
N TYR A 526 -20.92 -14.32 -13.45
CA TYR A 526 -20.08 -13.15 -13.24
C TYR A 526 -20.17 -12.65 -11.80
N LYS A 527 -21.35 -12.77 -11.18
CA LYS A 527 -21.49 -12.32 -9.80
C LYS A 527 -20.60 -13.13 -8.86
N VAL A 528 -20.33 -14.39 -9.20
CA VAL A 528 -19.33 -15.15 -8.45
C VAL A 528 -17.97 -14.48 -8.54
N GLY A 529 -17.57 -14.10 -9.76
CA GLY A 529 -16.28 -13.45 -9.92
C GLY A 529 -16.23 -12.10 -9.22
N LEU A 530 -17.35 -11.38 -9.25
CA LEU A 530 -17.39 -10.08 -8.58
C LEU A 530 -17.21 -10.21 -7.07
N GLY A 531 -17.70 -11.30 -6.50
CA GLY A 531 -17.64 -11.44 -5.06
C GLY A 531 -16.52 -12.28 -4.52
N SER A 532 -15.72 -12.93 -5.39
CA SER A 532 -14.85 -14.02 -4.92
C SER A 532 -13.73 -13.51 -4.02
N VAL A 533 -13.08 -12.40 -4.38
CA VAL A 533 -11.97 -11.93 -3.55
C VAL A 533 -12.48 -11.48 -2.19
N ARG A 534 -13.57 -10.71 -2.16
CA ARG A 534 -14.14 -10.28 -0.88
C ARG A 534 -14.52 -11.48 0.00
N PHE A 535 -15.00 -12.55 -0.62
CA PHE A 535 -15.32 -13.75 0.16
C PHE A 535 -14.05 -14.37 0.74
N LEU A 536 -12.99 -14.50 -0.07
CA LEU A 536 -11.72 -15.02 0.44
C LEU A 536 -11.22 -14.19 1.62
N MET A 537 -11.36 -12.86 1.53
CA MET A 537 -10.87 -12.02 2.61
C MET A 537 -11.74 -12.13 3.85
N ALA A 538 -13.05 -12.31 3.66
CA ALA A 538 -13.94 -12.50 4.81
C ALA A 538 -13.62 -13.78 5.56
N VAL A 539 -13.37 -14.88 4.84
CA VAL A 539 -12.99 -16.13 5.48
C VAL A 539 -11.70 -15.94 6.26
N GLY A 540 -10.75 -15.18 5.69
CA GLY A 540 -9.51 -14.92 6.40
C GLY A 540 -9.73 -14.14 7.69
N ASP A 541 -10.56 -13.10 7.63
CA ASP A 541 -10.88 -12.35 8.84
C ASP A 541 -11.57 -13.23 9.87
N LEU A 542 -12.50 -14.08 9.43
CA LEU A 542 -13.19 -14.99 10.34
C LEU A 542 -12.20 -15.92 11.02
N LEU A 543 -11.30 -16.53 10.23
CA LEU A 543 -10.29 -17.43 10.80
C LEU A 543 -9.37 -16.70 11.77
N SER A 544 -8.90 -15.50 11.37
CA SER A 544 -8.10 -14.69 12.28
C SER A 544 -8.80 -14.49 13.61
N GLY A 545 -10.08 -14.11 13.56
CA GLY A 545 -10.78 -13.82 14.80
C GLY A 545 -10.96 -15.06 15.65
N TRP A 546 -11.24 -16.20 15.02
CA TRP A 546 -11.43 -17.44 15.77
C TRP A 546 -10.12 -17.88 16.41
N LEU A 547 -9.04 -17.91 15.64
CA LEU A 547 -7.75 -18.35 16.19
C LEU A 547 -7.25 -17.40 17.28
N LEU A 548 -7.44 -16.09 17.11
CA LEU A 548 -7.11 -15.15 18.19
C LEU A 548 -7.95 -15.44 19.43
N ALA A 549 -9.24 -15.70 19.25
CA ALA A 549 -10.08 -16.01 20.40
C ALA A 549 -9.63 -17.32 21.06
N ARG A 550 -9.28 -18.33 20.26
CA ARG A 550 -8.72 -19.55 20.84
C ARG A 550 -7.47 -19.25 21.66
N GLN A 551 -6.58 -18.39 21.13
CA GLN A 551 -5.38 -18.02 21.87
C GLN A 551 -5.71 -17.34 23.20
N ALA A 552 -6.70 -16.43 23.19
CA ALA A 552 -7.11 -15.75 24.41
C ALA A 552 -7.68 -16.72 25.43
N ALA A 553 -8.40 -17.75 24.97
CA ALA A 553 -8.90 -18.77 25.90
C ALA A 553 -7.73 -19.49 26.58
N VAL A 554 -6.67 -19.80 25.82
CA VAL A 554 -5.48 -20.39 26.43
C VAL A 554 -4.81 -19.39 27.39
N ALA A 555 -4.77 -18.12 26.99
CA ALA A 555 -4.12 -17.11 27.83
C ALA A 555 -4.86 -16.92 29.16
N ILE A 556 -6.20 -17.01 29.12
CA ILE A 556 -6.99 -16.90 30.34
C ILE A 556 -6.65 -18.04 31.28
N GLU A 557 -6.51 -19.26 30.73
CA GLU A 557 -6.17 -20.42 31.55
C GLU A 557 -4.79 -20.25 32.20
N LYS A 558 -3.82 -19.76 31.43
CA LYS A 558 -2.47 -19.59 31.97
C LYS A 558 -2.40 -18.44 32.98
N LEU A 559 -3.17 -17.37 32.75
CA LEU A 559 -3.20 -16.30 33.74
C LEU A 559 -3.86 -16.78 35.03
N ASP A 560 -4.99 -17.49 34.91
CA ASP A 560 -5.64 -18.06 36.09
C ASP A 560 -4.73 -19.02 36.85
N ALA A 561 -3.84 -19.71 36.14
CA ALA A 561 -2.90 -20.62 36.77
C ALA A 561 -1.73 -19.91 37.43
N GLY A 562 -1.61 -18.59 37.28
CA GLY A 562 -0.60 -17.82 37.98
C GLY A 562 0.59 -17.34 37.19
N ALA A 563 0.44 -17.13 35.88
CA ALA A 563 1.53 -16.58 35.08
C ALA A 563 1.98 -15.24 35.63
N THR A 564 3.29 -14.98 35.55
CA THR A 564 3.87 -13.73 36.06
C THR A 564 4.82 -13.16 35.01
N GLY A 565 5.30 -11.95 35.27
CA GLY A 565 6.42 -11.41 34.52
C GLY A 565 6.09 -11.27 33.04
N ALA A 566 7.07 -11.60 32.20
CA ALA A 566 6.91 -11.45 30.76
C ALA A 566 5.84 -12.38 30.20
N ASP A 567 5.67 -13.57 30.80
CA ASP A 567 4.60 -14.48 30.37
C ASP A 567 3.24 -13.82 30.53
N LYS A 568 3.01 -13.21 31.69
CA LYS A 568 1.73 -12.56 31.97
C LYS A 568 1.44 -11.45 30.96
N SER A 569 2.45 -10.63 30.67
CA SER A 569 2.29 -9.57 29.68
C SER A 569 1.89 -10.15 28.33
N PHE A 570 2.58 -11.22 27.91
CA PHE A 570 2.25 -11.88 26.65
C PHE A 570 0.79 -12.32 26.63
N TYR A 571 0.36 -13.02 27.67
CA TYR A 571 -1.01 -13.53 27.73
C TYR A 571 -2.03 -12.39 27.77
N GLU A 572 -1.74 -11.32 28.51
CA GLU A 572 -2.62 -10.15 28.49
C GLU A 572 -2.74 -9.58 27.09
N GLY A 573 -1.65 -9.60 26.33
CA GLY A 573 -1.69 -9.10 24.96
C GLY A 573 -2.58 -9.95 24.08
N LYS A 574 -2.61 -11.27 24.30
CA LYS A 574 -3.48 -12.13 23.51
C LYS A 574 -4.95 -11.85 23.78
N ILE A 575 -5.30 -11.65 25.05
CA ILE A 575 -6.69 -11.34 25.39
C ILE A 575 -7.10 -10.01 24.76
N ALA A 576 -6.24 -9.01 24.87
CA ALA A 576 -6.52 -7.70 24.27
C ALA A 576 -6.66 -7.79 22.74
N ALA A 577 -5.77 -8.56 22.09
CA ALA A 577 -5.83 -8.63 20.64
C ALA A 577 -7.09 -9.34 20.16
N ALA A 578 -7.47 -10.44 20.80
CA ALA A 578 -8.68 -11.16 20.38
C ALA A 578 -9.91 -10.29 20.54
N SER A 579 -9.97 -9.52 21.63
CA SER A 579 -11.12 -8.67 21.88
C SER A 579 -11.16 -7.50 20.89
N PHE A 580 -10.02 -6.84 20.66
CA PHE A 580 -9.96 -5.75 19.69
C PHE A 580 -10.39 -6.22 18.31
N PHE A 581 -9.86 -7.37 17.88
CA PHE A 581 -10.17 -7.89 16.56
C PHE A 581 -11.66 -8.19 16.42
N ALA A 582 -12.23 -8.88 17.41
CA ALA A 582 -13.65 -9.18 17.37
C ALA A 582 -14.49 -7.90 17.28
N LYS A 583 -14.09 -6.85 17.99
CA LYS A 583 -14.94 -5.66 18.06
C LYS A 583 -14.69 -4.69 16.91
N ASN A 584 -13.52 -4.71 16.28
CA ASN A 584 -13.18 -3.71 15.27
C ASN A 584 -13.03 -4.25 13.86
N MET A 585 -12.76 -5.54 13.70
CA MET A 585 -12.60 -6.17 12.39
C MET A 585 -13.78 -7.03 11.98
N LEU A 586 -14.21 -7.95 12.83
CA LEU A 586 -15.30 -8.86 12.46
C LEU A 586 -16.60 -8.17 12.02
N PRO A 587 -17.08 -7.10 12.66
CA PRO A 587 -18.42 -6.58 12.30
C PRO A 587 -18.54 -6.16 10.85
N LEU A 588 -17.43 -5.73 10.21
CA LEU A 588 -17.49 -5.30 8.82
C LEU A 588 -17.95 -6.41 7.89
N LEU A 589 -17.77 -7.67 8.29
CA LEU A 589 -18.23 -8.80 7.48
C LEU A 589 -19.76 -8.79 7.29
N THR A 590 -20.49 -8.18 8.22
CA THR A 590 -21.94 -8.08 8.04
C THR A 590 -22.30 -7.21 6.85
N SER A 591 -21.65 -6.05 6.72
CA SER A 591 -21.88 -5.22 5.54
C SER A 591 -21.41 -5.91 4.26
N THR A 592 -20.25 -6.58 4.32
CA THR A 592 -19.78 -7.30 3.14
C THR A 592 -20.76 -8.40 2.73
N ARG A 593 -21.40 -9.07 3.69
CA ARG A 593 -22.37 -10.10 3.31
C ARG A 593 -23.53 -9.46 2.55
N GLN A 594 -24.04 -8.34 3.06
CA GLN A 594 -25.17 -7.67 2.41
C GLN A 594 -24.77 -7.14 1.03
N ILE A 595 -23.55 -6.66 0.89
CA ILE A 595 -23.07 -6.22 -0.43
C ILE A 595 -23.07 -7.40 -1.41
N ILE A 596 -22.54 -8.55 -0.98
CA ILE A 596 -22.48 -9.73 -1.82
C ILE A 596 -23.87 -10.25 -2.15
N GLU A 597 -24.81 -10.13 -1.20
CA GLU A 597 -26.19 -10.55 -1.47
C GLU A 597 -26.87 -9.67 -2.49
N ASN A 598 -26.31 -8.50 -2.81
CA ASN A 598 -26.94 -7.56 -3.73
C ASN A 598 -26.12 -7.30 -4.99
N LEU A 599 -25.07 -8.08 -5.24
CA LEU A 599 -24.29 -7.92 -6.45
C LEU A 599 -25.18 -8.02 -7.69
N ASP A 600 -24.87 -7.23 -8.71
CA ASP A 600 -25.60 -7.31 -9.97
C ASP A 600 -24.61 -7.20 -11.12
N ASN A 601 -25.10 -7.38 -12.34
CA ASN A 601 -24.22 -7.42 -13.51
C ASN A 601 -24.10 -6.07 -14.23
N ASP A 602 -24.55 -4.97 -13.62
CA ASP A 602 -24.47 -3.67 -14.28
C ASP A 602 -23.03 -3.36 -14.71
N VAL A 603 -22.05 -3.67 -13.85
CA VAL A 603 -20.66 -3.37 -14.16
C VAL A 603 -20.14 -4.26 -15.28
N MET A 604 -20.74 -5.43 -15.47
CA MET A 604 -20.37 -6.33 -16.57
C MET A 604 -20.98 -5.90 -17.91
N GLU A 605 -22.20 -5.35 -17.88
CA GLU A 605 -22.88 -4.91 -19.09
C GLU A 605 -22.36 -3.56 -19.61
N LEU A 606 -21.70 -2.77 -18.76
CA LEU A 606 -21.23 -1.45 -19.17
C LEU A 606 -20.27 -1.56 -20.33
N ASP A 607 -20.43 -0.67 -21.32
CA ASP A 607 -19.49 -0.63 -22.44
C ASP A 607 -18.08 -0.38 -21.93
N GLU A 608 -17.12 -1.15 -22.42
CA GLU A 608 -15.73 -0.92 -22.05
C GLU A 608 -15.29 0.53 -22.24
N ALA A 609 -15.84 1.23 -23.25
CA ALA A 609 -15.43 2.60 -23.53
C ALA A 609 -15.91 3.58 -22.47
N ALA A 610 -16.87 3.18 -21.63
CA ALA A 610 -17.35 4.06 -20.58
C ALA A 610 -16.41 4.14 -19.38
N PHE A 611 -15.46 3.22 -19.25
CA PHE A 611 -14.50 3.29 -18.14
C PHE A 611 -13.54 4.49 -18.29
N SER B 2 6.19 9.03 -21.05
CA SER B 2 4.79 9.37 -21.34
C SER B 2 3.85 8.64 -20.37
N HIS B 3 4.33 8.50 -19.13
CA HIS B 3 3.57 7.83 -18.08
C HIS B 3 2.25 8.57 -17.77
N TYR B 4 2.22 9.88 -17.94
CA TYR B 4 1.12 10.65 -17.40
C TYR B 4 -0.08 10.60 -18.34
N LYS B 5 -1.21 10.12 -17.85
CA LYS B 5 -2.46 10.15 -18.59
C LYS B 5 -3.40 11.13 -17.89
N SER B 6 -3.76 12.20 -18.60
CA SER B 6 -4.57 13.28 -18.05
C SER B 6 -6.04 13.04 -18.29
N ASN B 7 -6.88 13.82 -17.59
CA ASN B 7 -8.32 13.73 -17.75
C ASN B 7 -8.96 15.14 -17.74
N VAL B 8 -8.67 15.91 -18.79
CA VAL B 8 -9.26 17.24 -18.92
C VAL B 8 -10.77 17.15 -19.04
N ARG B 9 -11.27 16.13 -19.75
CA ARG B 9 -12.71 16.02 -19.95
C ARG B 9 -13.45 15.92 -18.62
N ASP B 10 -12.94 15.11 -17.69
CA ASP B 10 -13.61 15.01 -16.39
C ASP B 10 -13.47 16.30 -15.60
N GLN B 11 -12.34 16.99 -15.73
CA GLN B 11 -12.18 18.29 -15.07
C GLN B 11 -13.23 19.28 -15.57
N VAL B 12 -13.37 19.39 -16.88
CA VAL B 12 -14.33 20.35 -17.45
C VAL B 12 -15.74 19.97 -17.06
N PHE B 13 -16.06 18.67 -17.10
CA PHE B 13 -17.37 18.21 -16.66
C PHE B 13 -17.68 18.70 -15.25
N ASN B 14 -16.73 18.52 -14.32
CA ASN B 14 -16.94 19.00 -12.95
C ASN B 14 -17.10 20.51 -12.92
N LEU B 15 -16.14 21.22 -13.51
CA LEU B 15 -16.08 22.67 -13.37
C LEU B 15 -17.31 23.33 -13.98
N PHE B 16 -17.79 22.84 -15.12
CA PHE B 16 -18.84 23.52 -15.85
C PHE B 16 -20.20 22.84 -15.74
N GLU B 17 -20.28 21.54 -15.98
CA GLU B 17 -21.59 20.88 -15.99
C GLU B 17 -22.09 20.57 -14.59
N VAL B 18 -21.21 20.38 -13.61
CA VAL B 18 -21.63 20.01 -12.26
C VAL B 18 -21.68 21.22 -11.33
N PHE B 19 -20.57 21.95 -11.21
CA PHE B 19 -20.47 23.03 -10.23
C PHE B 19 -20.77 24.41 -10.80
N GLY B 20 -20.77 24.57 -12.12
CA GLY B 20 -21.13 25.83 -12.73
C GLY B 20 -20.13 26.95 -12.51
N VAL B 21 -18.84 26.62 -12.41
CA VAL B 21 -17.83 27.65 -12.20
C VAL B 21 -17.77 28.62 -13.37
N ASP B 22 -18.27 28.23 -14.55
CA ASP B 22 -18.33 29.17 -15.66
C ASP B 22 -19.32 30.31 -15.41
N LYS B 23 -20.16 30.20 -14.37
CA LYS B 23 -21.04 31.30 -14.00
C LYS B 23 -20.26 32.58 -13.69
N VAL B 24 -19.07 32.46 -13.08
CA VAL B 24 -18.31 33.64 -12.70
C VAL B 24 -17.29 34.08 -13.75
N LEU B 25 -17.01 33.25 -14.74
CA LEU B 25 -16.02 33.61 -15.75
C LEU B 25 -16.55 34.73 -16.64
N GLY B 26 -15.77 35.81 -16.73
CA GLY B 26 -16.19 36.99 -17.46
C GLY B 26 -16.94 38.03 -16.65
N ALA B 27 -16.93 37.92 -15.33
CA ALA B 27 -17.61 38.88 -14.47
C ALA B 27 -16.76 39.16 -13.24
N ASP B 28 -16.78 40.42 -12.79
CA ASP B 28 -16.18 40.83 -11.51
C ASP B 28 -14.69 40.51 -11.55
N LYS B 29 -14.15 39.77 -10.57
CA LYS B 29 -12.72 39.52 -10.51
C LYS B 29 -12.19 38.77 -11.73
N PHE B 30 -13.05 38.02 -12.42
CA PHE B 30 -12.64 37.21 -13.57
C PHE B 30 -13.18 37.76 -14.89
N SER B 31 -13.32 39.08 -14.97
CA SER B 31 -13.90 39.72 -16.15
C SER B 31 -13.11 39.46 -17.42
N ASP B 32 -11.81 39.21 -17.32
CA ASP B 32 -10.97 39.05 -18.49
C ASP B 32 -10.69 37.58 -18.84
N LEU B 33 -11.38 36.64 -18.20
CA LEU B 33 -11.17 35.22 -18.45
C LEU B 33 -12.51 34.59 -18.75
N ASP B 34 -12.70 34.12 -19.98
CA ASP B 34 -13.96 33.50 -20.37
C ASP B 34 -13.82 31.98 -20.39
N ALA B 35 -14.96 31.30 -20.62
CA ALA B 35 -14.99 29.84 -20.51
C ALA B 35 -14.12 29.18 -21.57
N ASP B 36 -14.09 29.74 -22.79
CA ASP B 36 -13.24 29.17 -23.83
C ASP B 36 -11.77 29.19 -23.42
N THR B 37 -11.33 30.32 -22.87
CA THR B 37 -9.93 30.46 -22.50
C THR B 37 -9.55 29.50 -21.37
N ALA B 38 -10.45 29.33 -20.39
CA ALA B 38 -10.17 28.40 -19.30
C ALA B 38 -9.97 26.99 -19.84
N ARG B 39 -10.84 26.57 -20.77
CA ARG B 39 -10.71 25.25 -21.38
C ARG B 39 -9.39 25.12 -22.14
N GLU B 40 -9.00 26.18 -22.86
CA GLU B 40 -7.74 26.15 -23.60
C GLU B 40 -6.55 26.03 -22.66
N MET B 41 -6.60 26.71 -21.51
CA MET B 41 -5.53 26.60 -20.53
C MET B 41 -5.40 25.17 -19.99
N LEU B 42 -6.53 24.54 -19.66
CA LEU B 42 -6.48 23.14 -19.18
C LEU B 42 -5.87 22.23 -20.23
N THR B 43 -6.30 22.37 -21.49
CA THR B 43 -5.73 21.56 -22.56
C THR B 43 -4.24 21.82 -22.71
N GLU B 44 -3.84 23.09 -22.60
CA GLU B 44 -2.44 23.44 -22.82
C GLU B 44 -1.55 22.88 -21.73
N ILE B 45 -1.93 23.05 -20.46
CA ILE B 45 -1.05 22.53 -19.41
C ILE B 45 -1.09 21.02 -19.37
N ALA B 46 -2.22 20.41 -19.74
CA ALA B 46 -2.27 18.94 -19.80
C ALA B 46 -1.32 18.42 -20.87
N ARG B 47 -1.28 19.09 -22.03
CA ARG B 47 -0.33 18.70 -23.06
C ARG B 47 1.09 18.88 -22.57
N LEU B 48 1.40 20.03 -21.97
CA LEU B 48 2.74 20.25 -21.43
C LEU B 48 3.07 19.25 -20.34
N ALA B 49 2.11 18.94 -19.48
CA ALA B 49 2.35 17.93 -18.44
C ALA B 49 2.65 16.58 -19.06
N GLU B 50 1.86 16.17 -20.05
CA GLU B 50 2.08 14.87 -20.68
C GLU B 50 3.40 14.81 -21.42
N GLY B 51 3.90 15.94 -21.90
CA GLY B 51 5.12 15.96 -22.66
C GLY B 51 6.31 16.28 -21.79
N PRO B 52 6.79 17.53 -21.87
CA PRO B 52 8.05 17.93 -21.22
C PRO B 52 8.09 17.72 -19.71
N ILE B 53 6.98 17.86 -19.00
CA ILE B 53 7.01 17.71 -17.55
C ILE B 53 7.11 16.23 -17.16
N ALA B 54 6.25 15.38 -17.72
CA ALA B 54 6.32 13.94 -17.47
C ALA B 54 7.60 13.33 -18.00
N GLU B 55 8.26 13.99 -18.97
CA GLU B 55 9.46 13.44 -19.60
C GLU B 55 10.52 13.03 -18.59
N SER B 56 10.66 13.77 -17.48
CA SER B 56 11.73 13.51 -16.52
C SER B 56 11.23 12.81 -15.23
N PHE B 57 9.98 12.32 -15.24
CA PHE B 57 9.42 11.64 -14.07
C PHE B 57 10.29 10.47 -13.64
N VAL B 58 10.60 9.57 -14.58
CA VAL B 58 11.44 8.42 -14.29
C VAL B 58 12.86 8.86 -13.94
N GLU B 59 13.42 9.81 -14.71
CA GLU B 59 14.81 10.22 -14.50
C GLU B 59 15.02 10.77 -13.08
N GLY B 60 14.07 11.57 -12.61
CA GLY B 60 14.19 12.14 -11.27
C GLY B 60 14.29 11.08 -10.19
N ASP B 61 13.60 9.95 -10.39
CA ASP B 61 13.63 8.85 -9.43
C ASP B 61 14.87 7.98 -9.58
N ARG B 62 15.32 7.73 -10.81
CA ARG B 62 16.44 6.81 -11.00
C ARG B 62 17.80 7.49 -10.85
N ASN B 63 17.88 8.80 -11.10
CA ASN B 63 19.11 9.56 -10.98
C ASN B 63 18.85 10.73 -10.03
N PRO B 64 18.70 10.44 -8.74
CA PRO B 64 18.18 11.43 -7.81
C PRO B 64 19.22 12.46 -7.45
N PRO B 65 18.81 13.55 -6.79
CA PRO B 65 19.75 14.63 -6.46
C PRO B 65 20.92 14.13 -5.63
N VAL B 66 22.06 14.79 -5.81
CA VAL B 66 23.28 14.45 -5.08
C VAL B 66 23.72 15.68 -4.31
N PHE B 67 24.07 15.46 -3.04
CA PHE B 67 24.42 16.53 -2.11
C PHE B 67 25.94 16.67 -2.04
N ASP B 68 26.44 17.92 -2.11
CA ASP B 68 27.84 18.19 -1.79
C ASP B 68 27.89 18.82 -0.41
N PRO B 69 28.36 18.12 0.63
CA PRO B 69 28.29 18.69 1.98
C PRO B 69 29.25 19.84 2.21
N GLU B 70 30.26 20.02 1.36
CA GLU B 70 31.18 21.13 1.54
C GLU B 70 30.66 22.42 0.91
N THR B 71 29.86 22.33 -0.15
CA THR B 71 29.19 23.51 -0.68
C THR B 71 27.79 23.69 -0.13
N HIS B 72 27.24 22.68 0.55
CA HIS B 72 25.87 22.74 1.07
C HIS B 72 24.84 22.94 -0.05
N THR B 73 25.06 22.29 -1.20
CA THR B 73 24.15 22.43 -2.33
C THR B 73 23.82 21.05 -2.88
N VAL B 74 22.72 20.97 -3.62
CA VAL B 74 22.33 19.75 -4.30
C VAL B 74 22.42 19.96 -5.79
N THR B 75 22.76 18.90 -6.50
CA THR B 75 22.74 18.86 -7.96
C THR B 75 21.51 18.09 -8.41
N LEU B 76 20.69 18.70 -9.26
CA LEU B 76 19.54 17.97 -9.75
C LEU B 76 19.84 17.41 -11.14
N PRO B 77 19.22 16.28 -11.51
CA PRO B 77 19.43 15.74 -12.86
C PRO B 77 18.98 16.71 -13.94
N GLU B 78 19.73 16.71 -15.05
CA GLU B 78 19.51 17.72 -16.09
C GLU B 78 18.11 17.65 -16.69
N GLY B 79 17.60 16.44 -16.94
CA GLY B 79 16.27 16.34 -17.52
C GLY B 79 15.19 16.96 -16.65
N PHE B 80 15.32 16.83 -15.34
CA PHE B 80 14.34 17.42 -14.45
C PHE B 80 14.41 18.94 -14.48
N LYS B 81 15.62 19.51 -14.49
CA LYS B 81 15.73 20.97 -14.58
C LYS B 81 15.16 21.49 -15.90
N LYS B 82 15.32 20.71 -16.97
CA LYS B 82 14.69 21.08 -18.24
C LYS B 82 13.17 21.09 -18.12
N SER B 83 12.61 20.13 -17.38
CA SER B 83 11.17 20.11 -17.11
C SER B 83 10.75 21.36 -16.33
N MET B 84 11.55 21.74 -15.32
CA MET B 84 11.30 22.96 -14.56
C MET B 84 11.29 24.18 -15.47
N ARG B 85 12.23 24.27 -16.41
CA ARG B 85 12.27 25.43 -17.30
C ARG B 85 11.03 25.50 -18.18
N ALA B 86 10.51 24.35 -18.61
CA ALA B 86 9.29 24.36 -19.41
C ALA B 86 8.12 24.88 -18.58
N LEU B 87 8.09 24.54 -17.30
CA LEU B 87 7.08 25.09 -16.40
C LEU B 87 7.20 26.61 -16.32
N PHE B 88 8.41 27.12 -16.10
CA PHE B 88 8.64 28.55 -15.97
C PHE B 88 8.31 29.29 -17.26
N ASP B 89 8.77 28.76 -18.41
CA ASP B 89 8.59 29.45 -19.68
C ASP B 89 7.13 29.57 -20.05
N GLY B 90 6.27 28.68 -19.56
CA GLY B 90 4.85 28.82 -19.81
C GLY B 90 4.10 29.63 -18.77
N GLY B 91 4.77 30.09 -17.72
CA GLY B 91 4.15 30.84 -16.65
C GLY B 91 3.39 30.01 -15.64
N TRP B 92 3.62 28.70 -15.60
CA TRP B 92 2.83 27.79 -14.78
C TRP B 92 3.28 27.73 -13.33
N ASP B 93 4.36 28.42 -12.96
CA ASP B 93 4.64 28.69 -11.56
C ASP B 93 3.89 29.90 -11.03
N LYS B 94 3.04 30.51 -11.85
CA LYS B 94 2.28 31.68 -11.45
C LYS B 94 0.78 31.48 -11.68
N VAL B 95 0.34 30.22 -11.72
CA VAL B 95 -1.08 29.91 -11.77
C VAL B 95 -1.77 30.49 -10.54
N GLY B 96 -2.82 31.26 -10.77
CA GLY B 96 -3.58 31.83 -9.68
C GLY B 96 -2.88 32.92 -8.88
N LEU B 97 -1.67 33.31 -9.29
CA LEU B 97 -0.97 34.41 -8.63
C LEU B 97 -1.78 35.70 -8.77
N ALA B 98 -1.73 36.54 -7.73
CA ALA B 98 -2.41 37.82 -7.76
C ALA B 98 -1.96 38.65 -8.96
N GLU B 99 -2.91 39.39 -9.55
CA GLU B 99 -2.62 40.18 -10.73
C GLU B 99 -1.48 41.15 -10.50
N HIS B 100 -1.45 41.78 -9.31
CA HIS B 100 -0.40 42.74 -9.03
C HIS B 100 0.97 42.08 -8.88
N LEU B 101 1.04 40.75 -8.82
CA LEU B 101 2.32 40.04 -8.84
C LEU B 101 2.65 39.43 -10.20
N GLY B 102 1.84 39.72 -11.22
CA GLY B 102 2.06 39.17 -12.55
C GLY B 102 1.18 37.99 -12.88
N GLY B 103 0.20 37.67 -12.04
CA GLY B 103 -0.63 36.51 -12.28
C GLY B 103 -1.82 36.79 -13.17
N ILE B 104 -2.52 35.72 -13.52
CA ILE B 104 -3.76 35.75 -14.26
C ILE B 104 -4.89 35.43 -13.28
N PRO B 105 -5.76 36.39 -12.96
CA PRO B 105 -6.85 36.09 -12.02
C PRO B 105 -7.72 34.95 -12.51
N MET B 106 -8.09 34.06 -11.60
CA MET B 106 -8.93 32.93 -11.97
C MET B 106 -9.50 32.31 -10.71
N PRO B 107 -10.66 31.67 -10.79
CA PRO B 107 -11.19 30.97 -9.62
C PRO B 107 -10.25 29.86 -9.18
N ARG B 108 -10.20 29.63 -7.87
CA ARG B 108 -9.32 28.61 -7.31
C ARG B 108 -9.65 27.22 -7.85
N ALA B 109 -10.91 26.97 -8.18
CA ALA B 109 -11.29 25.67 -8.74
C ALA B 109 -10.58 25.41 -10.07
N LEU B 110 -10.44 26.46 -10.90
CA LEU B 110 -9.68 26.33 -12.14
C LEU B 110 -8.19 26.21 -11.87
N GLN B 111 -7.68 26.99 -10.90
CA GLN B 111 -6.27 26.95 -10.57
C GLN B 111 -5.84 25.54 -10.14
N TRP B 112 -6.61 24.91 -9.25
CA TRP B 112 -6.22 23.58 -8.80
C TRP B 112 -6.40 22.52 -9.89
N ALA B 113 -7.39 22.69 -10.77
CA ALA B 113 -7.49 21.78 -11.92
C ALA B 113 -6.27 21.89 -12.83
N LEU B 114 -5.77 23.10 -13.06
CA LEU B 114 -4.54 23.24 -13.83
C LEU B 114 -3.38 22.57 -13.12
N ILE B 115 -3.25 22.80 -11.82
CA ILE B 115 -2.13 22.27 -11.04
C ILE B 115 -2.17 20.75 -11.01
N GLU B 116 -3.38 20.15 -11.00
CA GLU B 116 -3.50 18.69 -11.00
C GLU B 116 -2.61 18.04 -12.05
N HIS B 117 -2.47 18.67 -13.22
CA HIS B 117 -1.70 18.06 -14.30
C HIS B 117 -0.22 17.99 -13.98
N ILE B 118 0.32 19.05 -13.37
CA ILE B 118 1.73 19.01 -12.97
C ILE B 118 1.93 17.97 -11.86
N LEU B 119 1.00 17.92 -10.90
CA LEU B 119 1.10 16.97 -9.80
C LEU B 119 1.00 15.52 -10.30
N GLY B 120 0.19 15.29 -11.33
CA GLY B 120 0.12 13.95 -11.90
C GLY B 120 1.37 13.57 -12.68
N ALA B 121 1.98 14.55 -13.37
CA ALA B 121 3.08 14.27 -14.29
C ALA B 121 4.44 14.20 -13.60
N ASN B 122 4.65 15.00 -12.55
CA ASN B 122 5.94 15.14 -11.89
C ASN B 122 5.73 16.05 -10.69
N PRO B 123 5.15 15.53 -9.61
CA PRO B 123 4.66 16.42 -8.53
C PRO B 123 5.74 17.23 -7.86
N ALA B 124 6.97 16.73 -7.78
CA ALA B 124 8.04 17.53 -7.19
C ALA B 124 8.33 18.78 -8.01
N ALA B 125 8.03 18.75 -9.31
CA ALA B 125 8.18 19.95 -10.14
C ALA B 125 7.26 21.06 -9.66
N TYR B 126 6.02 20.72 -9.29
CA TYR B 126 5.15 21.76 -8.75
C TYR B 126 5.66 22.25 -7.40
N MET B 127 6.13 21.33 -6.55
CA MET B 127 6.62 21.76 -5.24
C MET B 127 7.77 22.75 -5.38
N TYR B 128 8.75 22.44 -6.25
CA TYR B 128 9.84 23.39 -6.49
C TYR B 128 9.32 24.73 -7.01
N ALA B 129 8.17 24.72 -7.68
CA ALA B 129 7.60 25.89 -8.34
C ALA B 129 6.65 26.69 -7.46
N MET B 130 6.54 26.37 -6.17
CA MET B 130 5.59 27.07 -5.30
C MET B 130 6.10 28.41 -4.77
N GLY B 131 7.26 28.88 -5.22
CA GLY B 131 7.84 30.11 -4.74
C GLY B 131 6.97 31.33 -4.89
N PRO B 132 6.49 31.60 -6.11
CA PRO B 132 5.62 32.78 -6.30
C PRO B 132 4.38 32.74 -5.42
N GLY B 133 3.71 31.59 -5.33
CA GLY B 133 2.60 31.45 -4.40
C GLY B 133 2.98 31.77 -2.96
N MET B 134 4.17 31.31 -2.53
CA MET B 134 4.63 31.68 -1.19
C MET B 134 4.92 33.17 -1.08
N SER B 135 5.50 33.77 -2.14
CA SER B 135 5.74 35.20 -2.13
C SER B 135 4.43 35.97 -1.95
N GLU B 136 3.35 35.49 -2.56
CA GLU B 136 2.06 36.15 -2.37
C GLU B 136 1.59 36.05 -0.93
N ILE B 137 1.78 34.89 -0.29
CA ILE B 137 1.42 34.78 1.13
C ILE B 137 2.26 35.71 1.97
N PHE B 138 3.57 35.79 1.67
CA PHE B 138 4.43 36.75 2.35
C PHE B 138 3.95 38.17 2.12
N TYR B 139 3.63 38.51 0.86
CA TYR B 139 3.05 39.82 0.54
C TYR B 139 1.83 40.11 1.41
N ASN B 140 0.91 39.15 1.49
CA ASN B 140 -0.34 39.38 2.23
C ASN B 140 -0.10 39.61 3.71
N ASN B 141 0.95 39.00 4.27
CA ASN B 141 1.22 39.11 5.70
C ASN B 141 2.28 40.15 6.03
N GLY B 142 2.87 40.79 5.04
CA GLY B 142 4.02 41.63 5.27
C GLY B 142 3.69 43.11 5.47
N THR B 143 4.68 43.83 5.98
CA THR B 143 4.64 45.28 6.00
C THR B 143 4.68 45.82 4.56
N ASP B 144 4.47 47.14 4.45
CA ASP B 144 4.60 47.80 3.15
C ASP B 144 5.96 47.53 2.53
N GLU B 145 7.03 47.63 3.32
CA GLU B 145 8.37 47.39 2.79
C GLU B 145 8.54 45.94 2.38
N GLN B 146 8.02 44.99 3.18
CA GLN B 146 8.15 43.59 2.83
C GLN B 146 7.36 43.25 1.56
N LYS B 147 6.21 43.90 1.36
CA LYS B 147 5.44 43.75 0.13
C LYS B 147 6.29 44.08 -1.09
N LYS B 148 7.17 45.07 -0.98
CA LYS B 148 8.09 45.38 -2.07
C LYS B 148 9.06 44.24 -2.33
N TRP B 149 9.56 43.60 -1.27
CA TRP B 149 10.42 42.44 -1.46
C TRP B 149 9.64 41.26 -2.04
N ALA B 150 8.42 41.02 -1.53
CA ALA B 150 7.60 39.93 -2.06
C ALA B 150 7.33 40.14 -3.55
N THR B 151 7.10 41.38 -3.97
CA THR B 151 6.90 41.70 -5.38
C THR B 151 8.13 41.34 -6.22
N ILE B 152 9.32 41.71 -5.73
CA ILE B 152 10.55 41.30 -6.41
C ILE B 152 10.64 39.79 -6.49
N ALA B 153 10.48 39.12 -5.35
CA ALA B 153 10.61 37.66 -5.31
C ALA B 153 9.67 36.99 -6.29
N ALA B 154 8.42 37.47 -6.39
CA ALA B 154 7.48 36.87 -7.32
C ALA B 154 7.86 37.15 -8.77
N GLU B 155 8.28 38.39 -9.06
CA GLU B 155 8.64 38.75 -10.43
C GLU B 155 9.90 38.04 -10.88
N ARG B 156 10.86 37.85 -9.98
CA ARG B 156 12.08 37.11 -10.31
C ARG B 156 11.90 35.60 -10.18
N GLY B 157 10.76 35.13 -9.68
CA GLY B 157 10.51 33.70 -9.59
C GLY B 157 11.36 32.95 -8.59
N TRP B 158 11.72 33.59 -7.47
CA TRP B 158 12.48 32.93 -6.43
C TRP B 158 11.77 31.67 -5.96
N GLY B 159 12.55 30.67 -5.58
CA GLY B 159 12.01 29.51 -4.88
C GLY B 159 11.68 29.83 -3.43
N ALA B 160 11.07 28.87 -2.75
CA ALA B 160 10.65 29.11 -1.38
C ALA B 160 10.52 27.80 -0.63
N THR B 161 10.61 27.89 0.70
CA THR B 161 10.42 26.76 1.59
C THR B 161 9.56 27.19 2.78
N MET B 162 8.94 26.20 3.42
CA MET B 162 8.30 26.37 4.73
C MET B 162 9.09 25.55 5.73
N VAL B 163 9.55 26.19 6.80
CA VAL B 163 10.58 25.64 7.67
C VAL B 163 10.01 25.58 9.08
N LEU B 164 9.40 24.46 9.42
CA LEU B 164 8.84 24.25 10.76
C LEU B 164 9.56 23.15 11.53
N THR B 165 9.78 22.01 10.88
CA THR B 165 10.06 20.75 11.57
C THR B 165 11.48 20.68 12.14
N GLU B 166 11.59 20.07 13.31
CA GLU B 166 12.85 19.75 13.98
C GLU B 166 12.80 18.27 14.37
N PRO B 167 13.95 17.66 14.67
CA PRO B 167 13.92 16.26 15.13
C PRO B 167 12.91 15.99 16.23
N ASP B 168 12.74 16.91 17.18
CA ASP B 168 11.81 16.71 18.27
C ASP B 168 10.49 17.44 18.07
N ALA B 169 10.26 18.07 16.92
CA ALA B 169 9.05 18.85 16.70
C ALA B 169 8.55 18.58 15.28
N GLY B 170 7.66 17.58 15.16
CA GLY B 170 7.02 17.27 13.90
C GLY B 170 5.54 17.55 13.97
N SER B 171 4.75 16.58 14.43
CA SER B 171 3.35 16.87 14.71
C SER B 171 3.23 17.97 15.75
N ASP B 172 4.14 17.98 16.73
CA ASP B 172 4.10 18.95 17.82
C ASP B 172 5.02 20.11 17.46
N VAL B 173 4.54 20.95 16.53
CA VAL B 173 5.28 22.13 16.09
C VAL B 173 5.73 22.96 17.29
N GLY B 174 4.87 23.09 18.28
CA GLY B 174 5.15 23.95 19.43
C GLY B 174 6.34 23.50 20.27
N ALA B 175 6.89 22.32 20.02
CA ALA B 175 8.07 21.87 20.75
C ALA B 175 9.37 22.39 20.14
N GLY B 176 9.30 23.13 19.02
CA GLY B 176 10.50 23.54 18.34
C GLY B 176 11.35 24.48 19.20
N ARG B 177 12.67 24.36 19.05
CA ARG B 177 13.61 25.10 19.88
C ARG B 177 14.46 26.09 19.09
N THR B 178 14.36 26.12 17.76
CA THR B 178 15.08 27.12 16.99
C THR B 178 14.77 28.51 17.55
N LYS B 179 15.79 29.31 17.77
CA LYS B 179 15.58 30.56 18.48
C LYS B 179 15.85 31.75 17.57
N ALA B 180 15.26 32.89 17.94
CA ALA B 180 15.46 34.14 17.22
C ALA B 180 15.98 35.18 18.20
N VAL B 181 17.12 35.80 17.83
CA VAL B 181 17.82 36.76 18.68
C VAL B 181 17.68 38.14 18.06
N GLN B 182 17.01 39.06 18.78
CA GLN B 182 16.76 40.37 18.19
C GLN B 182 18.04 41.19 18.15
N GLN B 183 18.23 41.90 17.06
CA GLN B 183 19.35 42.80 16.83
C GLN B 183 18.91 44.24 17.07
N PRO B 184 19.85 45.13 17.42
CA PRO B 184 19.47 46.53 17.65
C PRO B 184 18.76 47.15 16.46
N ASP B 185 19.18 46.85 15.22
CA ASP B 185 18.53 47.45 14.06
C ASP B 185 17.18 46.82 13.70
N GLY B 186 16.68 45.88 14.49
CA GLY B 186 15.36 45.34 14.24
C GLY B 186 15.31 44.07 13.42
N THR B 187 16.42 43.63 12.83
CA THR B 187 16.46 42.28 12.26
C THR B 187 16.63 41.26 13.38
N TRP B 188 16.62 39.98 13.00
CA TRP B 188 16.81 38.90 13.96
C TRP B 188 17.88 37.95 13.43
N HIS B 189 18.58 37.27 14.36
CA HIS B 189 19.48 36.19 13.98
C HIS B 189 18.85 34.87 14.42
N ILE B 190 18.60 33.99 13.45
CA ILE B 190 17.95 32.70 13.69
C ILE B 190 19.02 31.65 13.93
N GLU B 191 18.81 30.81 14.94
CA GLU B 191 19.80 29.83 15.39
C GLU B 191 19.08 28.51 15.71
N GLY B 192 19.38 27.48 14.93
CA GLY B 192 18.82 26.17 15.17
C GLY B 192 19.02 25.27 13.97
N VAL B 193 18.57 24.04 14.12
CA VAL B 193 18.66 23.05 13.05
C VAL B 193 17.25 22.55 12.80
N LYS B 194 16.80 22.67 11.57
CA LYS B 194 15.50 22.20 11.13
C LYS B 194 15.71 20.95 10.26
N ARG B 195 14.65 20.15 10.12
CA ARG B 195 14.77 18.85 9.49
C ARG B 195 13.62 18.63 8.51
N PHE B 196 13.89 17.83 7.47
CA PHE B 196 12.90 17.40 6.48
C PHE B 196 12.38 18.56 5.65
N ILE B 197 13.20 19.56 5.37
CA ILE B 197 12.74 20.77 4.69
C ILE B 197 12.77 20.56 3.19
N THR B 198 11.58 20.59 2.56
CA THR B 198 11.46 20.39 1.12
C THR B 198 12.02 21.58 0.36
N SER B 199 12.92 21.31 -0.59
CA SER B 199 13.48 22.28 -1.53
C SER B 199 14.45 23.27 -0.89
N ALA B 200 15.04 22.93 0.26
CA ALA B 200 15.87 23.89 0.99
C ALA B 200 17.12 24.27 0.21
N ASP B 201 17.59 23.39 -0.68
CA ASP B 201 18.40 23.81 -1.81
C ASP B 201 17.80 23.21 -3.08
N SER B 202 18.05 23.87 -4.21
CA SER B 202 17.42 23.47 -5.47
C SER B 202 18.38 23.69 -6.64
N ASP B 203 19.66 23.41 -6.43
CA ASP B 203 20.65 23.52 -7.51
C ASP B 203 20.59 24.96 -8.04
N ASP B 204 20.68 25.16 -9.35
CA ASP B 204 20.66 26.49 -9.94
C ASP B 204 19.30 26.82 -10.57
N LEU B 205 18.21 26.27 -10.04
CA LEU B 205 16.89 26.58 -10.60
C LEU B 205 16.53 28.04 -10.41
N PHE B 206 16.89 28.63 -9.26
CA PHE B 206 16.48 29.98 -8.90
C PHE B 206 17.69 30.81 -8.53
N GLU B 207 17.54 32.14 -8.63
CA GLU B 207 18.60 33.01 -8.16
C GLU B 207 18.55 33.24 -6.64
N ASN B 208 17.45 32.88 -6.00
CA ASN B 208 17.34 33.03 -4.55
C ASN B 208 16.23 32.11 -4.07
N ILE B 209 16.24 31.83 -2.78
CA ILE B 209 15.19 31.06 -2.12
C ILE B 209 14.72 31.83 -0.90
N MET B 210 13.42 32.00 -0.74
CA MET B 210 12.85 32.59 0.47
C MET B 210 12.51 31.46 1.44
N HIS B 211 13.22 31.38 2.56
CA HIS B 211 12.86 30.46 3.63
C HIS B 211 11.91 31.19 4.59
N LEU B 212 10.71 30.64 4.79
CA LEU B 212 9.78 31.14 5.80
C LEU B 212 9.93 30.24 7.03
N VAL B 213 10.54 30.79 8.09
CA VAL B 213 11.07 29.99 9.20
C VAL B 213 10.33 30.31 10.49
N LEU B 214 9.79 29.29 11.14
CA LEU B 214 9.28 29.43 12.50
C LEU B 214 10.43 29.34 13.50
N ALA B 215 10.48 30.30 14.43
CA ALA B 215 11.47 30.30 15.49
C ALA B 215 10.88 30.97 16.70
N ARG B 216 11.46 30.70 17.87
CA ARG B 216 10.97 31.28 19.11
C ARG B 216 11.85 32.45 19.51
N PRO B 217 11.34 33.68 19.55
CA PRO B 217 12.12 34.78 20.10
C PRO B 217 12.58 34.47 21.52
N GLU B 218 13.81 34.87 21.84
CA GLU B 218 14.31 34.74 23.19
C GLU B 218 13.31 35.29 24.19
N GLY B 219 13.00 34.50 25.21
CA GLY B 219 12.07 34.92 26.23
C GLY B 219 10.60 34.79 25.89
N ALA B 220 10.26 34.37 24.67
CA ALA B 220 8.86 34.14 24.33
C ALA B 220 8.32 32.91 25.07
N GLY B 221 6.99 32.84 25.16
CA GLY B 221 6.36 31.74 25.85
C GLY B 221 6.47 30.44 25.08
N PRO B 222 5.96 29.36 25.67
CA PRO B 222 6.08 28.03 25.06
C PRO B 222 4.97 27.72 24.05
N GLY B 223 5.15 26.57 23.38
CA GLY B 223 4.14 26.07 22.45
C GLY B 223 4.12 26.87 21.15
N THR B 224 3.09 26.60 20.36
CA THR B 224 2.98 27.29 19.07
C THR B 224 2.71 28.77 19.26
N LYS B 225 2.01 29.14 20.34
CA LYS B 225 1.66 30.55 20.51
C LYS B 225 2.89 31.43 20.70
N GLY B 226 4.01 30.88 21.19
CA GLY B 226 5.25 31.61 21.33
C GLY B 226 6.10 31.72 20.08
N LEU B 227 5.68 31.12 18.97
CA LEU B 227 6.49 31.11 17.77
C LEU B 227 6.22 32.34 16.92
N SER B 228 7.26 32.81 16.23
CA SER B 228 7.15 33.87 15.25
C SER B 228 7.66 33.37 13.92
N LEU B 229 7.25 34.04 12.84
CA LEU B 229 7.60 33.64 11.48
C LEU B 229 8.55 34.65 10.88
N PHE B 230 9.62 34.16 10.21
CA PHE B 230 10.70 35.01 9.73
C PHE B 230 10.99 34.77 8.26
N PHE B 231 11.22 35.87 7.55
CA PHE B 231 11.70 35.86 6.17
C PHE B 231 13.22 35.71 6.22
N VAL B 232 13.72 34.57 5.73
CA VAL B 232 15.14 34.24 5.79
C VAL B 232 15.62 33.89 4.39
N PRO B 233 16.15 34.85 3.63
CA PRO B 233 16.56 34.55 2.26
C PRO B 233 17.88 33.80 2.22
N LYS B 234 18.00 32.92 1.23
CA LYS B 234 19.26 32.21 1.02
C LYS B 234 20.39 33.21 0.78
N PHE B 235 20.15 34.21 -0.04
CA PHE B 235 21.08 35.31 -0.30
C PHE B 235 20.47 36.61 0.22
N HIS B 236 21.29 37.42 0.87
CA HIS B 236 20.95 38.83 0.99
C HIS B 236 20.77 39.44 -0.40
N PHE B 237 20.01 40.52 -0.46
CA PHE B 237 19.74 41.15 -1.75
C PHE B 237 19.49 42.63 -1.52
N ASP B 238 19.56 43.37 -2.62
CA ASP B 238 19.23 44.80 -2.61
C ASP B 238 17.71 44.96 -2.51
N HIS B 239 17.25 45.54 -1.40
CA HIS B 239 15.82 45.66 -1.17
C HIS B 239 15.12 46.54 -2.21
N GLU B 240 15.85 47.41 -2.90
CA GLU B 240 15.21 48.25 -3.91
C GLU B 240 15.19 47.59 -5.29
N THR B 241 16.32 47.05 -5.74
CA THR B 241 16.42 46.48 -7.08
C THR B 241 16.32 44.97 -7.13
N GLY B 242 16.47 44.28 -5.99
CA GLY B 242 16.49 42.84 -5.99
C GLY B 242 17.81 42.22 -6.41
N GLU B 243 18.83 43.02 -6.70
CA GLU B 243 20.13 42.46 -7.09
C GLU B 243 20.67 41.58 -5.97
N ILE B 244 21.14 40.39 -6.35
CA ILE B 244 21.51 39.37 -5.37
C ILE B 244 22.85 39.73 -4.74
N GLY B 245 22.93 39.61 -3.41
CA GLY B 245 24.13 39.94 -2.67
C GLY B 245 24.84 38.74 -2.06
N GLU B 246 25.37 38.91 -0.85
CA GLU B 246 26.20 37.88 -0.27
C GLU B 246 25.36 36.80 0.40
N ARG B 247 25.97 35.63 0.59
CA ARG B 247 25.26 34.49 1.13
C ARG B 247 24.86 34.74 2.57
N ASN B 248 23.59 34.47 2.88
CA ASN B 248 23.04 34.53 4.22
C ASN B 248 23.31 33.19 4.92
N GLY B 249 23.30 33.21 6.26
CA GLY B 249 23.84 32.09 7.02
C GLY B 249 22.94 30.89 7.23
N VAL B 250 22.36 30.38 6.15
CA VAL B 250 21.36 29.30 6.22
C VAL B 250 21.80 28.21 5.22
N PHE B 251 22.17 27.04 5.72
CA PHE B 251 22.91 26.05 4.93
C PHE B 251 22.31 24.66 5.10
N VAL B 252 22.06 24.01 3.97
CA VAL B 252 21.68 22.60 3.98
C VAL B 252 22.86 21.75 4.46
N THR B 253 22.60 20.87 5.42
CA THR B 253 23.64 20.01 5.99
C THR B 253 23.35 18.53 5.80
N ASN B 254 22.22 18.17 5.21
CA ASN B 254 21.97 16.78 4.87
C ASN B 254 20.79 16.72 3.90
N VAL B 255 20.74 15.65 3.11
CA VAL B 255 19.65 15.40 2.18
C VAL B 255 19.22 13.93 2.36
N GLU B 256 17.93 13.73 2.67
CA GLU B 256 17.44 12.40 3.04
C GLU B 256 17.38 11.47 1.84
N HIS B 257 17.53 10.16 2.11
CA HIS B 257 17.30 9.11 1.14
C HIS B 257 15.91 8.53 1.41
N LYS B 258 14.98 8.68 0.47
CA LYS B 258 13.56 8.44 0.69
C LYS B 258 13.04 7.29 -0.14
N MET B 259 11.90 6.75 0.30
CA MET B 259 11.20 5.68 -0.44
C MET B 259 10.80 6.13 -1.84
N GLY B 260 10.31 7.36 -1.96
CA GLY B 260 9.89 7.92 -3.22
C GLY B 260 10.00 9.43 -3.17
N LEU B 261 9.35 10.11 -4.12
CA LEU B 261 9.49 11.56 -4.28
C LEU B 261 10.97 11.96 -4.25
N LYS B 262 11.82 11.13 -4.85
CA LYS B 262 13.25 11.24 -4.62
C LYS B 262 13.82 12.54 -5.16
N VAL B 263 13.26 13.09 -6.25
CA VAL B 263 13.84 14.28 -6.87
C VAL B 263 13.54 15.55 -6.09
N SER B 264 12.67 15.47 -5.09
CA SER B 264 12.41 16.59 -4.18
C SER B 264 13.44 16.52 -3.05
N ALA B 265 14.40 17.42 -3.05
CA ALA B 265 15.45 17.40 -2.04
C ALA B 265 14.88 17.76 -0.67
N THR B 266 15.00 16.82 0.28
CA THR B 266 14.41 16.91 1.60
C THR B 266 15.56 17.02 2.59
N CYS B 267 15.67 18.18 3.27
CA CYS B 267 16.96 18.67 3.75
C CYS B 267 16.97 18.98 5.24
N GLU B 268 18.07 18.61 5.90
CA GLU B 268 18.42 19.24 7.16
C GLU B 268 18.92 20.65 6.87
N LEU B 269 18.38 21.65 7.56
CA LEU B 269 18.69 23.05 7.27
C LEU B 269 19.24 23.71 8.53
N SER B 270 20.50 24.15 8.48
CA SER B 270 21.17 24.72 9.65
C SER B 270 21.22 26.23 9.57
N LEU B 271 20.73 26.90 10.61
CA LEU B 271 20.63 28.35 10.63
C LEU B 271 21.62 28.89 11.65
N GLY B 272 22.55 29.72 11.19
CA GLY B 272 23.50 30.35 12.09
C GLY B 272 24.45 29.38 12.77
N GLN B 273 24.72 28.23 12.15
CA GLN B 273 25.63 27.23 12.72
C GLN B 273 27.01 27.24 12.09
N HIS B 274 27.27 28.05 11.06
CA HIS B 274 28.53 28.00 10.34
C HIS B 274 29.30 29.32 10.44
N GLY B 275 29.14 30.03 11.55
CA GLY B 275 29.90 31.25 11.76
C GLY B 275 29.40 32.45 11.00
N ILE B 276 28.26 32.30 10.31
CA ILE B 276 27.63 33.38 9.57
C ILE B 276 26.20 33.47 10.07
N PRO B 277 25.72 34.64 10.50
CA PRO B 277 24.35 34.72 11.01
C PRO B 277 23.32 34.47 9.92
N ALA B 278 22.25 33.75 10.31
CA ALA B 278 21.05 33.65 9.48
C ALA B 278 20.16 34.82 9.84
N VAL B 279 20.26 35.90 9.06
CA VAL B 279 19.42 37.08 9.30
C VAL B 279 17.99 36.77 8.88
N GLY B 280 17.05 37.00 9.79
CA GLY B 280 15.64 36.91 9.47
C GLY B 280 14.91 38.21 9.75
N TRP B 281 13.85 38.47 8.97
CA TRP B 281 12.99 39.63 9.18
C TRP B 281 11.63 39.15 9.68
N LEU B 282 11.15 39.74 10.76
CA LEU B 282 9.88 39.35 11.35
C LEU B 282 8.72 39.64 10.40
N VAL B 283 7.98 38.59 10.03
CA VAL B 283 6.95 38.74 8.99
C VAL B 283 5.84 39.63 9.50
N GLY B 284 5.52 40.66 8.72
CA GLY B 284 4.58 41.68 9.13
C GLY B 284 5.02 42.52 10.31
N GLU B 285 6.25 42.33 10.77
CA GLU B 285 6.76 42.96 11.99
C GLU B 285 5.80 42.78 13.15
N VAL B 286 5.15 41.61 13.22
CA VAL B 286 4.35 41.24 14.38
C VAL B 286 4.73 39.82 14.78
N HIS B 287 4.44 39.49 16.03
CA HIS B 287 4.68 38.15 16.56
C HIS B 287 3.36 37.39 16.46
N ASN B 288 3.23 36.56 15.43
CA ASN B 288 1.99 35.84 15.16
C ASN B 288 2.30 34.62 14.29
N GLY B 289 3.33 33.85 14.67
CA GLY B 289 3.96 32.93 13.74
C GLY B 289 3.08 31.76 13.32
N ILE B 290 2.40 31.12 14.27
CA ILE B 290 1.67 29.92 13.88
C ILE B 290 0.46 30.28 13.03
N ALA B 291 -0.21 31.39 13.34
CA ALA B 291 -1.32 31.84 12.48
C ALA B 291 -0.82 32.20 11.08
N GLN B 292 0.30 32.93 10.99
CA GLN B 292 0.82 33.28 9.66
C GLN B 292 1.22 32.03 8.90
N MET B 293 1.92 31.11 9.56
CA MET B 293 2.39 29.92 8.87
C MET B 293 1.23 29.03 8.42
N PHE B 294 0.09 29.06 9.12
CA PHE B 294 -1.04 28.23 8.67
C PHE B 294 -1.65 28.73 7.36
N ASP B 295 -1.42 29.99 6.98
CA ASP B 295 -1.74 30.38 5.60
C ASP B 295 -0.99 29.49 4.62
N VAL B 296 0.26 29.16 4.94
CA VAL B 296 1.07 28.29 4.09
C VAL B 296 0.61 26.84 4.22
N ILE B 297 0.42 26.39 5.47
CA ILE B 297 0.03 25.00 5.73
C ILE B 297 -1.27 24.66 5.01
N GLU B 298 -2.22 25.60 5.00
CA GLU B 298 -3.50 25.34 4.33
C GLU B 298 -3.32 25.07 2.86
N GLN B 299 -2.45 25.83 2.19
CA GLN B 299 -2.14 25.59 0.78
C GLN B 299 -1.41 24.26 0.61
N ALA B 300 -0.45 23.96 1.50
CA ALA B 300 0.29 22.71 1.40
C ALA B 300 -0.63 21.51 1.56
N ARG B 301 -1.60 21.60 2.46
CA ARG B 301 -2.50 20.46 2.65
C ARG B 301 -3.41 20.28 1.45
N MET B 302 -3.88 21.39 0.87
CA MET B 302 -4.66 21.31 -0.36
C MET B 302 -3.85 20.67 -1.46
N MET B 303 -2.59 21.11 -1.61
CA MET B 303 -1.71 20.55 -2.65
C MET B 303 -1.48 19.07 -2.45
N VAL B 304 -1.21 18.63 -1.21
CA VAL B 304 -0.85 17.24 -0.98
C VAL B 304 -2.04 16.33 -1.29
N GLY B 305 -3.25 16.73 -0.88
CA GLY B 305 -4.43 15.97 -1.24
C GLY B 305 -4.65 15.94 -2.74
N THR B 306 -4.50 17.09 -3.40
CA THR B 306 -4.68 17.13 -4.84
C THR B 306 -3.60 16.29 -5.53
N LYS B 307 -2.39 16.29 -4.97
CA LYS B 307 -1.31 15.45 -5.49
C LYS B 307 -1.69 13.98 -5.45
N ALA B 308 -2.14 13.49 -4.29
CA ALA B 308 -2.51 12.09 -4.18
C ALA B 308 -3.61 11.76 -5.18
N ILE B 309 -4.60 12.65 -5.33
CA ILE B 309 -5.73 12.40 -6.22
C ILE B 309 -5.27 12.36 -7.68
N ALA B 310 -4.43 13.33 -8.08
CA ALA B 310 -3.84 13.34 -9.41
C ALA B 310 -3.10 12.03 -9.68
N THR B 311 -2.42 11.50 -8.68
CA THR B 311 -1.60 10.31 -8.90
C THR B 311 -2.47 9.07 -9.07
N LEU B 312 -3.53 8.95 -8.27
CA LEU B 312 -4.45 7.83 -8.45
C LEU B 312 -5.12 7.89 -9.82
N SER B 313 -5.45 9.10 -10.29
CA SER B 313 -6.12 9.21 -11.59
C SER B 313 -5.22 8.66 -12.72
N THR B 314 -3.96 9.09 -12.78
CA THR B 314 -3.08 8.57 -13.84
C THR B 314 -2.74 7.10 -13.62
N GLY B 315 -2.71 6.66 -12.34
CA GLY B 315 -2.55 5.24 -12.08
C GLY B 315 -3.70 4.44 -12.66
N TYR B 316 -4.93 4.88 -12.42
CA TYR B 316 -6.10 4.20 -12.96
C TYR B 316 -6.06 4.16 -14.48
N LEU B 317 -5.81 5.31 -15.12
CA LEU B 317 -5.85 5.36 -16.58
C LEU B 317 -4.75 4.49 -17.20
N ASN B 318 -3.60 4.38 -16.53
CA ASN B 318 -2.59 3.43 -17.00
C ASN B 318 -3.07 1.99 -16.85
N ALA B 319 -3.67 1.66 -15.70
CA ALA B 319 -4.19 0.31 -15.50
C ALA B 319 -5.26 -0.02 -16.52
N LEU B 320 -6.17 0.93 -16.77
CA LEU B 320 -7.25 0.72 -17.73
C LEU B 320 -6.70 0.44 -19.13
N GLU B 321 -5.75 1.27 -19.58
CA GLU B 321 -5.20 1.07 -20.92
C GLU B 321 -4.47 -0.26 -21.04
N TYR B 322 -3.78 -0.68 -19.97
CA TYR B 322 -3.16 -2.00 -19.97
C TYR B 322 -4.22 -3.09 -20.08
N ALA B 323 -5.25 -3.01 -19.24
CA ALA B 323 -6.29 -4.04 -19.20
C ALA B 323 -7.01 -4.16 -20.54
N LYS B 324 -7.18 -3.05 -21.26
CA LYS B 324 -7.87 -3.10 -22.55
C LYS B 324 -7.11 -3.95 -23.56
N GLU B 325 -5.79 -4.05 -23.41
CA GLU B 325 -4.96 -4.74 -24.39
C GLU B 325 -4.46 -6.10 -23.94
N ARG B 326 -4.46 -6.39 -22.64
CA ARG B 326 -3.90 -7.63 -22.14
C ARG B 326 -4.88 -8.79 -22.38
N VAL B 327 -4.49 -9.74 -23.21
CA VAL B 327 -5.29 -10.96 -23.41
C VAL B 327 -4.82 -12.02 -22.42
N GLN B 328 -5.74 -12.57 -21.64
CA GLN B 328 -5.38 -13.63 -20.70
C GLN B 328 -6.64 -14.35 -20.23
N GLY B 329 -6.75 -15.63 -20.55
CA GLY B 329 -7.83 -16.45 -20.04
C GLY B 329 -9.06 -16.39 -20.92
N ALA B 330 -10.06 -17.19 -20.53
CA ALA B 330 -11.30 -17.26 -21.27
C ALA B 330 -12.37 -16.48 -20.51
N ASP B 331 -13.47 -16.18 -21.21
CA ASP B 331 -14.59 -15.59 -20.51
C ASP B 331 -15.08 -16.53 -19.41
N MET B 332 -15.55 -15.95 -18.31
CA MET B 332 -16.00 -16.78 -17.20
C MET B 332 -17.17 -17.67 -17.61
N THR B 333 -17.99 -17.23 -18.56
CA THR B 333 -19.08 -18.08 -19.04
C THR B 333 -18.58 -19.30 -19.81
N GLN B 334 -17.27 -19.39 -20.09
CA GLN B 334 -16.71 -20.52 -20.82
C GLN B 334 -15.53 -21.14 -20.09
N MET B 335 -15.42 -20.94 -18.77
CA MET B 335 -14.20 -21.31 -18.05
C MET B 335 -13.92 -22.80 -18.10
N THR B 336 -14.95 -23.64 -18.19
CA THR B 336 -14.72 -25.08 -18.22
C THR B 336 -14.32 -25.59 -19.60
N ASP B 337 -14.58 -24.82 -20.65
CA ASP B 337 -14.14 -25.16 -22.01
C ASP B 337 -12.72 -24.68 -22.19
N LYS B 338 -11.76 -25.59 -22.13
CA LYS B 338 -10.37 -25.16 -22.16
C LYS B 338 -9.86 -24.89 -23.57
N THR B 339 -10.73 -24.95 -24.60
CA THR B 339 -10.40 -24.41 -25.92
C THR B 339 -11.21 -23.16 -26.26
N ALA B 340 -11.93 -22.56 -25.30
CA ALA B 340 -12.67 -21.34 -25.55
C ALA B 340 -11.73 -20.22 -26.03
N PRO B 341 -12.26 -19.23 -26.77
CA PRO B 341 -11.42 -18.10 -27.19
C PRO B 341 -10.85 -17.35 -26.00
N ARG B 342 -9.61 -16.86 -26.16
CA ARG B 342 -9.02 -16.01 -25.13
C ARG B 342 -9.61 -14.61 -25.20
N VAL B 343 -9.64 -13.92 -24.06
CA VAL B 343 -10.30 -12.63 -23.98
C VAL B 343 -9.36 -11.63 -23.31
N THR B 344 -9.56 -10.35 -23.61
CA THR B 344 -8.86 -9.32 -22.89
C THR B 344 -9.38 -9.24 -21.45
N ILE B 345 -8.51 -8.81 -20.52
CA ILE B 345 -8.86 -9.02 -19.12
C ILE B 345 -9.94 -8.09 -18.62
N THR B 346 -10.31 -7.04 -19.36
CA THR B 346 -11.51 -6.30 -19.00
C THR B 346 -12.76 -7.16 -19.06
N HIS B 347 -12.69 -8.37 -19.62
CA HIS B 347 -13.86 -9.25 -19.59
C HIS B 347 -13.99 -9.97 -18.26
N HIS B 348 -12.98 -9.94 -17.42
CA HIS B 348 -13.08 -10.71 -16.19
C HIS B 348 -13.76 -9.90 -15.11
N PRO B 349 -14.73 -10.48 -14.39
CA PRO B 349 -15.40 -9.74 -13.31
C PRO B 349 -14.47 -9.09 -12.29
N ASP B 350 -13.47 -9.81 -11.77
CA ASP B 350 -12.64 -9.17 -10.76
C ASP B 350 -11.87 -7.99 -11.34
N VAL B 351 -11.51 -8.04 -12.62
CA VAL B 351 -10.82 -6.89 -13.21
C VAL B 351 -11.78 -5.72 -13.37
N ARG B 352 -13.04 -5.98 -13.75
CA ARG B 352 -14.00 -4.87 -13.85
C ARG B 352 -14.33 -4.28 -12.48
N ARG B 353 -14.44 -5.14 -11.46
CA ARG B 353 -14.60 -4.67 -10.08
C ARG B 353 -13.43 -3.78 -9.69
N SER B 354 -12.21 -4.26 -9.94
CA SER B 354 -11.01 -3.47 -9.66
C SER B 354 -11.04 -2.12 -10.37
N LEU B 355 -11.29 -2.14 -11.69
CA LEU B 355 -11.26 -0.91 -12.48
C LEU B 355 -12.35 0.06 -12.05
N MET B 356 -13.56 -0.44 -11.78
CA MET B 356 -14.62 0.47 -11.35
C MET B 356 -14.36 1.02 -9.95
N THR B 357 -13.72 0.24 -9.09
CA THR B 357 -13.28 0.75 -7.80
C THR B 357 -12.27 1.88 -7.97
N GLN B 358 -11.29 1.69 -8.85
CA GLN B 358 -10.33 2.76 -9.11
C GLN B 358 -10.99 3.98 -9.73
N LYS B 359 -11.88 3.75 -10.70
CA LYS B 359 -12.56 4.84 -11.39
C LYS B 359 -13.41 5.67 -10.42
N ALA B 360 -14.29 4.98 -9.67
CA ALA B 360 -15.19 5.69 -8.76
C ALA B 360 -14.42 6.52 -7.75
N TYR B 361 -13.36 5.95 -7.16
CA TYR B 361 -12.61 6.71 -6.16
C TYR B 361 -11.80 7.83 -6.80
N ALA B 362 -11.17 7.57 -7.95
CA ALA B 362 -10.44 8.65 -8.62
C ALA B 362 -11.36 9.81 -8.96
N GLU B 363 -12.52 9.51 -9.54
CA GLU B 363 -13.42 10.57 -9.97
C GLU B 363 -14.16 11.20 -8.79
N GLY B 364 -14.49 10.41 -7.76
CA GLY B 364 -15.10 11.00 -6.58
C GLY B 364 -14.15 11.93 -5.86
N LEU B 365 -12.88 11.54 -5.79
CA LEU B 365 -11.86 12.40 -5.18
C LEU B 365 -11.64 13.68 -6.00
N ARG B 366 -11.65 13.57 -7.34
CA ARG B 366 -11.55 14.77 -8.15
C ARG B 366 -12.69 15.72 -7.86
N ALA B 367 -13.91 15.19 -7.76
CA ALA B 367 -15.05 16.04 -7.43
C ALA B 367 -14.88 16.66 -6.04
N ILE B 368 -14.30 15.93 -5.09
CA ILE B 368 -14.14 16.45 -3.74
C ILE B 368 -13.20 17.66 -3.71
N TYR B 369 -12.03 17.55 -4.36
CA TYR B 369 -11.10 18.69 -4.27
C TYR B 369 -11.61 19.88 -5.07
N LEU B 370 -12.30 19.63 -6.19
CA LEU B 370 -12.87 20.74 -6.95
C LEU B 370 -14.04 21.37 -6.20
N TYR B 371 -14.90 20.55 -5.59
CA TYR B 371 -15.95 21.07 -4.70
C TYR B 371 -15.34 21.93 -3.59
N THR B 372 -14.28 21.42 -2.94
CA THR B 372 -13.61 22.17 -1.88
C THR B 372 -13.12 23.52 -2.40
N ALA B 373 -12.54 23.52 -3.59
CA ALA B 373 -12.03 24.76 -4.19
C ALA B 373 -13.14 25.76 -4.50
N THR B 374 -14.38 25.29 -4.74
CA THR B 374 -15.45 26.25 -5.02
C THR B 374 -15.80 27.10 -3.80
N PHE B 375 -15.31 26.74 -2.61
CA PHE B 375 -15.52 27.56 -1.42
C PHE B 375 -14.33 28.44 -1.10
N GLN B 376 -13.26 28.39 -1.91
CA GLN B 376 -12.04 29.15 -1.64
C GLN B 376 -12.06 30.55 -2.23
N ASP B 377 -13.06 30.91 -3.03
CA ASP B 377 -13.30 32.28 -3.47
C ASP B 377 -14.68 32.71 -3.02
N ALA B 378 -14.75 33.84 -2.31
CA ALA B 378 -16.06 34.36 -1.89
C ALA B 378 -17.02 34.50 -3.07
N GLU B 379 -16.53 35.01 -4.21
CA GLU B 379 -17.39 35.26 -5.36
C GLU B 379 -17.87 33.96 -6.00
N VAL B 380 -17.03 32.92 -6.02
CA VAL B 380 -17.46 31.63 -6.54
C VAL B 380 -18.47 30.98 -5.60
N ALA B 381 -18.17 30.98 -4.29
CA ALA B 381 -19.08 30.37 -3.32
C ALA B 381 -20.44 31.07 -3.33
N GLN B 382 -20.46 32.39 -3.51
CA GLN B 382 -21.72 33.10 -3.62
C GLN B 382 -22.47 32.69 -4.88
N ALA B 383 -21.78 32.71 -6.03
CA ALA B 383 -22.47 32.49 -7.29
C ALA B 383 -22.90 31.04 -7.48
N VAL B 384 -22.08 30.08 -7.05
CA VAL B 384 -22.41 28.68 -7.31
C VAL B 384 -23.11 27.97 -6.15
N HIS B 385 -23.00 28.50 -4.92
CA HIS B 385 -23.65 27.87 -3.77
C HIS B 385 -24.60 28.79 -3.01
N GLY B 386 -24.58 30.10 -3.26
CA GLY B 386 -25.39 31.01 -2.48
C GLY B 386 -24.94 31.20 -1.05
N VAL B 387 -23.65 31.01 -0.78
CA VAL B 387 -23.09 31.02 0.56
C VAL B 387 -22.26 32.28 0.75
N ASP B 388 -22.39 32.93 1.90
CA ASP B 388 -21.63 34.16 2.09
C ASP B 388 -20.18 33.84 2.45
N GLY B 389 -19.36 34.89 2.51
CA GLY B 389 -17.94 34.70 2.68
C GLY B 389 -17.56 33.97 3.95
N ASP B 390 -18.29 34.22 5.05
CA ASP B 390 -17.90 33.61 6.32
C ASP B 390 -18.16 32.10 6.31
N LEU B 391 -19.33 31.69 5.84
CA LEU B 391 -19.63 30.26 5.80
C LEU B 391 -18.74 29.55 4.79
N ALA B 392 -18.47 30.20 3.65
CA ALA B 392 -17.55 29.64 2.66
C ALA B 392 -16.20 29.30 3.26
N ALA B 393 -15.64 30.22 4.05
CA ALA B 393 -14.35 29.96 4.68
C ALA B 393 -14.42 28.78 5.64
N ARG B 394 -15.51 28.68 6.42
CA ARG B 394 -15.64 27.59 7.36
C ARG B 394 -15.86 26.26 6.64
N VAL B 395 -16.58 26.28 5.52
CA VAL B 395 -16.76 25.05 4.76
C VAL B 395 -15.43 24.62 4.12
N ASN B 396 -14.68 25.58 3.57
CA ASN B 396 -13.37 25.24 3.03
C ASN B 396 -12.47 24.64 4.11
N ASP B 397 -12.45 25.25 5.29
CA ASP B 397 -11.61 24.75 6.38
C ASP B 397 -12.06 23.36 6.84
N LEU B 398 -13.36 23.09 6.78
CA LEU B 398 -13.87 21.76 7.09
C LEU B 398 -13.37 20.73 6.07
N LEU B 399 -13.36 21.08 4.78
CA LEU B 399 -13.07 20.09 3.76
C LEU B 399 -11.58 19.84 3.55
N LEU B 400 -10.71 20.77 3.97
CA LEU B 400 -9.27 20.59 3.77
C LEU B 400 -8.75 19.29 4.38
N PRO B 401 -9.06 18.94 5.64
CA PRO B 401 -8.58 17.65 6.16
C PRO B 401 -9.16 16.46 5.40
N ILE B 402 -10.34 16.59 4.78
CA ILE B 402 -10.83 15.52 3.92
C ILE B 402 -9.98 15.40 2.66
N VAL B 403 -9.79 16.52 1.96
CA VAL B 403 -8.92 16.51 0.77
C VAL B 403 -7.56 15.93 1.10
N LYS B 404 -6.94 16.40 2.18
CA LYS B 404 -5.61 15.92 2.55
C LYS B 404 -5.68 14.51 3.12
N GLY B 405 -6.42 14.33 4.22
CA GLY B 405 -6.39 13.05 4.93
C GLY B 405 -7.06 11.93 4.16
N PHE B 406 -8.31 12.15 3.73
CA PHE B 406 -9.01 11.11 2.96
C PHE B 406 -8.41 10.97 1.56
N GLY B 407 -7.99 12.07 0.93
CA GLY B 407 -7.34 11.95 -0.37
C GLY B 407 -6.09 11.12 -0.33
N SER B 408 -5.17 11.44 0.59
CA SER B 408 -3.88 10.72 0.66
C SER B 408 -4.08 9.23 0.95
N GLU B 409 -4.88 8.92 1.97
CA GLU B 409 -5.07 7.53 2.35
C GLU B 409 -5.76 6.73 1.26
N THR B 410 -6.80 7.30 0.65
CA THR B 410 -7.57 6.58 -0.34
C THR B 410 -6.73 6.33 -1.60
N ALA B 411 -6.01 7.34 -2.07
CA ALA B 411 -5.26 7.22 -3.32
C ALA B 411 -4.21 6.12 -3.21
N TYR B 412 -3.44 6.15 -2.12
CA TYR B 412 -2.41 5.13 -1.92
C TYR B 412 -3.02 3.74 -1.90
N ALA B 413 -4.13 3.57 -1.19
CA ALA B 413 -4.76 2.25 -1.10
C ALA B 413 -5.31 1.79 -2.44
N LYS B 414 -5.93 2.69 -3.21
CA LYS B 414 -6.50 2.23 -4.48
C LYS B 414 -5.46 2.07 -5.57
N LEU B 415 -4.29 2.71 -5.44
CA LEU B 415 -3.20 2.40 -6.37
C LEU B 415 -2.79 0.92 -6.27
N THR B 416 -3.06 0.27 -5.13
CA THR B 416 -2.84 -1.16 -5.01
C THR B 416 -3.66 -1.92 -6.05
N GLU B 417 -4.90 -1.49 -6.28
CA GLU B 417 -5.73 -2.09 -7.33
C GLU B 417 -5.17 -1.80 -8.72
N SER B 418 -4.68 -0.58 -8.95
CA SER B 418 -4.08 -0.26 -10.26
C SER B 418 -2.89 -1.15 -10.56
N LEU B 419 -2.00 -1.33 -9.59
CA LEU B 419 -0.85 -2.20 -9.81
C LEU B 419 -1.28 -3.64 -10.07
N GLN B 420 -2.22 -4.15 -9.27
CA GLN B 420 -2.71 -5.52 -9.41
C GLN B 420 -3.27 -5.80 -10.81
N THR B 421 -3.88 -4.79 -11.42
CA THR B 421 -4.46 -4.93 -12.76
C THR B 421 -3.41 -5.30 -13.80
N LEU B 422 -2.16 -4.91 -13.58
CA LEU B 422 -1.09 -5.26 -14.51
C LEU B 422 -0.52 -6.66 -14.25
N GLY B 423 -1.00 -7.36 -13.22
CA GLY B 423 -0.38 -8.64 -12.91
C GLY B 423 1.09 -8.46 -12.53
N GLY B 424 1.89 -9.46 -12.89
CA GLY B 424 3.31 -9.41 -12.52
C GLY B 424 4.04 -8.20 -13.07
N SER B 425 3.63 -7.72 -14.26
CA SER B 425 4.29 -6.54 -14.83
C SER B 425 4.10 -5.31 -13.96
N GLY B 426 3.05 -5.27 -13.13
CA GLY B 426 2.85 -4.14 -12.23
C GLY B 426 3.98 -3.96 -11.25
N PHE B 427 4.69 -5.04 -10.91
CA PHE B 427 5.83 -5.01 -10.01
C PHE B 427 7.09 -4.46 -10.67
N LEU B 428 7.08 -4.25 -11.99
CA LEU B 428 8.24 -3.78 -12.75
C LEU B 428 8.35 -2.27 -12.74
N GLN B 429 9.58 -1.76 -12.65
CA GLN B 429 9.79 -0.33 -12.87
C GLN B 429 9.53 0.09 -14.31
N ASP B 430 9.38 -0.87 -15.24
CA ASP B 430 9.04 -0.54 -16.63
C ASP B 430 7.71 0.21 -16.72
N TYR B 431 6.83 0.01 -15.75
CA TYR B 431 5.55 0.68 -15.67
C TYR B 431 5.56 1.67 -14.50
N PRO B 432 4.77 2.75 -14.55
CA PRO B 432 4.92 3.82 -13.56
C PRO B 432 4.19 3.58 -12.25
N ILE B 433 3.36 2.54 -12.15
CA ILE B 433 2.49 2.43 -10.98
C ILE B 433 3.31 2.18 -9.71
N GLU B 434 4.40 1.42 -9.80
CA GLU B 434 5.17 1.22 -8.56
C GLU B 434 5.81 2.53 -8.10
N GLN B 435 6.20 3.42 -9.03
CA GLN B 435 6.68 4.72 -8.59
C GLN B 435 5.54 5.58 -8.04
N TYR B 436 4.35 5.52 -8.66
CA TYR B 436 3.18 6.20 -8.11
C TYR B 436 2.96 5.82 -6.65
N ILE B 437 3.09 4.53 -6.34
CA ILE B 437 2.87 4.06 -4.98
C ILE B 437 3.94 4.64 -4.04
N ARG B 438 5.21 4.55 -4.44
CA ARG B 438 6.30 5.07 -3.59
C ARG B 438 6.20 6.57 -3.45
N ASP B 439 5.92 7.29 -4.55
CA ASP B 439 5.84 8.74 -4.49
C ASP B 439 4.67 9.20 -3.63
N SER B 440 3.61 8.41 -3.54
CA SER B 440 2.42 8.88 -2.85
C SER B 440 2.35 8.42 -1.40
N LYS B 441 3.21 7.49 -0.98
CA LYS B 441 3.14 7.04 0.44
C LYS B 441 3.37 8.22 1.39
N ILE B 442 4.20 9.16 0.98
CA ILE B 442 4.49 10.34 1.81
C ILE B 442 3.26 11.21 2.04
N ASP B 443 2.23 11.10 1.20
CA ASP B 443 1.11 12.05 1.32
C ASP B 443 0.30 11.86 2.59
N SER B 444 0.36 10.69 3.23
CA SER B 444 -0.32 10.48 4.51
C SER B 444 0.48 11.04 5.68
N LEU B 445 1.67 11.60 5.43
CA LEU B 445 2.63 11.91 6.49
C LEU B 445 2.98 13.39 6.54
N TYR B 446 3.52 13.94 5.46
CA TYR B 446 3.87 15.39 5.49
C TYR B 446 2.61 16.26 5.46
N ALA B 447 2.83 17.54 5.75
CA ALA B 447 1.73 18.48 5.90
C ALA B 447 0.75 18.04 6.98
N GLY B 448 1.19 17.19 7.92
CA GLY B 448 0.35 16.73 9.01
C GLY B 448 -0.20 15.33 8.78
N THR B 449 0.11 14.41 9.68
CA THR B 449 -0.28 13.02 9.46
C THR B 449 -1.80 12.88 9.47
N THR B 450 -2.26 11.74 8.95
CA THR B 450 -3.68 11.46 8.92
C THR B 450 -4.32 11.64 10.28
N ALA B 451 -3.66 11.17 11.34
CA ALA B 451 -4.22 11.33 12.68
C ALA B 451 -4.35 12.80 13.04
N ILE B 452 -3.36 13.61 12.68
CA ILE B 452 -3.45 15.05 12.92
C ILE B 452 -4.57 15.65 12.07
N GLN B 453 -4.77 15.16 10.84
CA GLN B 453 -5.89 15.64 10.04
C GLN B 453 -7.23 15.31 10.70
N ALA B 454 -7.36 14.08 11.22
CA ALA B 454 -8.64 13.69 11.81
C ALA B 454 -8.92 14.44 13.11
N GLN B 455 -7.87 14.74 13.87
CA GLN B 455 -8.02 15.53 15.10
C GLN B 455 -8.40 16.98 14.77
N ASP B 456 -7.77 17.57 13.75
CA ASP B 456 -8.15 18.90 13.28
C ASP B 456 -9.62 18.92 12.86
N PHE B 457 -10.02 17.93 12.06
CA PHE B 457 -11.39 17.85 11.52
C PHE B 457 -12.43 17.82 12.64
N PHE B 458 -12.24 16.95 13.63
CA PHE B 458 -13.25 16.83 14.68
C PHE B 458 -13.19 18.01 15.64
N PHE B 459 -12.03 18.28 16.22
CA PHE B 459 -11.97 19.25 17.31
C PHE B 459 -12.06 20.68 16.81
N ARG B 460 -11.35 21.01 15.73
CA ARG B 460 -11.35 22.40 15.28
C ARG B 460 -12.41 22.69 14.23
N LYS B 461 -12.57 21.82 13.25
CA LYS B 461 -13.47 22.10 12.14
C LYS B 461 -14.92 21.69 12.41
N ILE B 462 -15.18 20.92 13.48
CA ILE B 462 -16.57 20.61 13.81
C ILE B 462 -16.97 21.19 15.17
N ILE B 463 -16.26 20.79 16.23
CA ILE B 463 -16.63 21.21 17.58
C ILE B 463 -16.42 22.70 17.78
N ARG B 464 -15.19 23.18 17.55
CA ARG B 464 -14.95 24.62 17.73
C ARG B 464 -15.79 25.45 16.76
N ASP B 465 -16.10 24.91 15.58
CA ASP B 465 -16.97 25.54 14.60
C ASP B 465 -18.44 25.47 14.99
N LYS B 466 -18.77 24.81 16.11
CA LYS B 466 -20.16 24.57 16.51
C LYS B 466 -20.96 23.87 15.41
N GLY B 467 -20.29 23.05 14.61
CA GLY B 467 -20.93 22.24 13.59
C GLY B 467 -21.61 22.99 12.46
N GLN B 468 -21.31 24.28 12.25
CA GLN B 468 -22.11 25.03 11.27
C GLN B 468 -21.71 24.67 9.84
N ALA B 469 -20.41 24.50 9.57
CA ALA B 469 -20.00 24.06 8.24
C ALA B 469 -20.49 22.65 7.96
N LEU B 470 -20.34 21.77 8.93
CA LEU B 470 -20.81 20.39 8.80
C LEU B 470 -22.31 20.34 8.52
N ALA B 471 -23.09 21.11 9.30
CA ALA B 471 -24.52 21.14 9.07
C ALA B 471 -24.85 21.64 7.67
N TYR B 472 -24.10 22.64 7.18
CA TYR B 472 -24.31 23.09 5.82
C TYR B 472 -24.14 21.93 4.83
N VAL B 473 -23.01 21.23 4.89
CA VAL B 473 -22.77 20.17 3.91
C VAL B 473 -23.81 19.06 4.05
N ALA B 474 -24.16 18.72 5.31
CA ALA B 474 -25.20 17.71 5.53
C ALA B 474 -26.52 18.10 4.89
N GLY B 475 -26.87 19.39 4.97
CA GLY B 475 -28.12 19.85 4.37
C GLY B 475 -28.14 19.72 2.86
N GLU B 476 -26.97 19.93 2.21
CA GLU B 476 -26.89 19.75 0.77
C GLU B 476 -27.05 18.28 0.39
N ILE B 477 -26.44 17.40 1.17
CA ILE B 477 -26.60 15.97 0.93
C ILE B 477 -28.05 15.57 1.11
N GLU B 478 -28.68 16.04 2.20
CA GLU B 478 -30.08 15.70 2.46
C GLU B 478 -30.99 16.24 1.35
N GLN B 479 -30.73 17.45 0.87
CA GLN B 479 -31.52 18.01 -0.21
C GLN B 479 -31.41 17.15 -1.47
N PHE B 480 -30.22 16.64 -1.78
CA PHE B 480 -30.10 15.74 -2.92
C PHE B 480 -30.91 14.47 -2.69
N ILE B 481 -30.83 13.90 -1.49
CA ILE B 481 -31.57 12.67 -1.19
C ILE B 481 -33.08 12.88 -1.35
N LYS B 482 -33.59 14.02 -0.87
CA LYS B 482 -35.04 14.25 -0.89
C LYS B 482 -35.56 14.56 -2.29
N ASN B 483 -34.72 15.10 -3.17
CA ASN B 483 -35.18 15.41 -4.53
C ASN B 483 -35.53 14.14 -5.30
N ASN B 487 -37.37 12.03 -11.72
CA ASN B 487 -36.87 10.73 -12.13
C ASN B 487 -36.63 9.83 -10.92
N GLY B 488 -36.81 8.52 -11.10
CA GLY B 488 -36.56 7.56 -10.05
C GLY B 488 -35.45 6.58 -10.41
N ARG B 489 -34.70 6.88 -11.47
CA ARG B 489 -33.57 6.03 -11.86
C ARG B 489 -32.42 6.10 -10.87
N LEU B 490 -32.44 7.06 -9.94
CA LEU B 490 -31.46 7.13 -8.86
C LEU B 490 -32.08 6.84 -7.50
N LYS B 491 -33.24 6.19 -7.49
CA LYS B 491 -33.93 5.91 -6.23
C LYS B 491 -33.10 5.02 -5.33
N THR B 492 -32.50 3.97 -5.89
CA THR B 492 -31.70 3.06 -5.08
C THR B 492 -30.46 3.77 -4.53
N GLU B 493 -29.83 4.62 -5.34
CA GLU B 493 -28.65 5.36 -4.87
C GLU B 493 -29.03 6.37 -3.78
N ARG B 494 -30.17 7.03 -3.92
CA ARG B 494 -30.59 7.97 -2.87
C ARG B 494 -30.94 7.26 -1.57
N GLU B 495 -31.49 6.03 -1.65
CA GLU B 495 -31.71 5.23 -0.44
C GLU B 495 -30.39 4.87 0.23
N LEU B 496 -29.39 4.46 -0.55
CA LEU B 496 -28.11 4.11 0.01
C LEU B 496 -27.41 5.33 0.60
N LEU B 497 -27.54 6.49 -0.05
CA LEU B 497 -26.96 7.70 0.50
C LEU B 497 -27.66 8.11 1.80
N ALA B 498 -28.98 7.91 1.87
CA ALA B 498 -29.71 8.23 3.09
C ALA B 498 -29.20 7.41 4.27
N THR B 499 -28.98 6.11 4.05
CA THR B 499 -28.39 5.27 5.08
C THR B 499 -26.99 5.75 5.44
N ALA B 500 -26.17 6.07 4.43
CA ALA B 500 -24.82 6.53 4.70
C ALA B 500 -24.80 7.84 5.48
N LEU B 501 -25.68 8.79 5.13
CA LEU B 501 -25.78 10.03 5.89
C LEU B 501 -26.21 9.78 7.33
N ALA B 502 -27.20 8.91 7.54
CA ALA B 502 -27.58 8.58 8.90
C ALA B 502 -26.43 7.91 9.64
N ASP B 503 -25.64 7.08 8.96
CA ASP B 503 -24.49 6.45 9.60
C ASP B 503 -23.49 7.50 10.07
N VAL B 504 -23.16 8.46 9.20
CA VAL B 504 -22.17 9.48 9.58
C VAL B 504 -22.72 10.38 10.69
N GLN B 505 -24.01 10.73 10.62
CA GLN B 505 -24.63 11.45 11.74
C GLN B 505 -24.49 10.67 13.03
N GLY B 506 -24.73 9.35 12.97
CA GLY B 506 -24.56 8.51 14.14
C GLY B 506 -23.15 8.52 14.68
N MET B 507 -22.16 8.43 13.79
CA MET B 507 -20.75 8.50 14.23
C MET B 507 -20.46 9.84 14.90
N ALA B 508 -20.93 10.93 14.30
CA ALA B 508 -20.71 12.25 14.87
C ALA B 508 -21.33 12.34 16.26
N ALA B 509 -22.55 11.80 16.42
CA ALA B 509 -23.22 11.83 17.72
C ALA B 509 -22.46 11.02 18.77
N SER B 510 -21.96 9.84 18.39
CA SER B 510 -21.21 9.00 19.33
C SER B 510 -19.93 9.68 19.78
N LEU B 511 -19.14 10.18 18.83
CA LEU B 511 -17.91 10.88 19.17
C LEU B 511 -18.19 12.10 20.05
N THR B 512 -19.23 12.87 19.71
CA THR B 512 -19.60 14.00 20.55
C THR B 512 -20.02 13.52 21.93
N GLY B 513 -20.71 12.38 22.00
CA GLY B 513 -21.05 11.79 23.29
C GLY B 513 -19.84 11.47 24.14
N TYR B 514 -18.81 10.87 23.53
CA TYR B 514 -17.59 10.56 24.28
C TYR B 514 -16.91 11.82 24.75
N LEU B 515 -16.92 12.87 23.92
CA LEU B 515 -16.35 14.14 24.33
C LEU B 515 -17.09 14.71 25.55
N MET B 516 -18.42 14.71 25.51
CA MET B 516 -19.19 15.21 26.66
C MET B 516 -18.91 14.40 27.92
N ALA B 517 -18.80 13.07 27.78
CA ALA B 517 -18.49 12.22 28.92
C ALA B 517 -17.14 12.54 29.53
N ALA B 518 -16.23 13.13 28.74
CA ALA B 518 -14.91 13.47 29.26
C ALA B 518 -14.96 14.59 30.28
N GLN B 519 -16.09 15.31 30.37
CA GLN B 519 -16.27 16.28 31.46
C GLN B 519 -16.23 15.59 32.82
N GLU B 520 -16.62 14.31 32.87
CA GLU B 520 -16.71 13.54 34.10
C GLU B 520 -15.59 12.51 34.26
N ASP B 521 -15.17 11.90 33.16
CA ASP B 521 -14.16 10.84 33.18
C ASP B 521 -13.19 11.23 32.07
N ALA B 522 -12.07 11.85 32.44
CA ALA B 522 -11.16 12.42 31.44
C ALA B 522 -10.77 11.40 30.37
N ALA B 523 -10.63 10.13 30.75
CA ALA B 523 -10.17 9.10 29.82
C ALA B 523 -11.16 8.82 28.71
N SER B 524 -12.43 9.23 28.87
CA SER B 524 -13.39 9.03 27.79
C SER B 524 -12.97 9.75 26.51
N ILE B 525 -12.11 10.75 26.62
CA ILE B 525 -11.63 11.47 25.44
C ILE B 525 -10.86 10.55 24.50
N TYR B 526 -10.20 9.53 25.05
CA TYR B 526 -9.47 8.56 24.22
C TYR B 526 -10.38 7.92 23.17
N LYS B 527 -11.66 7.74 23.49
CA LYS B 527 -12.54 7.10 22.51
C LYS B 527 -12.73 7.97 21.28
N VAL B 528 -12.74 9.30 21.45
CA VAL B 528 -12.73 10.19 20.31
C VAL B 528 -11.49 9.93 19.46
N GLY B 529 -10.32 9.85 20.12
CA GLY B 529 -9.10 9.58 19.39
C GLY B 529 -9.14 8.24 18.66
N LEU B 530 -9.74 7.23 19.29
CA LEU B 530 -9.79 5.90 18.67
C LEU B 530 -10.66 5.92 17.41
N GLY B 531 -11.72 6.71 17.42
CA GLY B 531 -12.60 6.71 16.26
C GLY B 531 -12.34 7.83 15.27
N SER B 532 -11.41 8.74 15.56
CA SER B 532 -11.30 9.96 14.76
C SER B 532 -10.96 9.67 13.30
N VAL B 533 -9.99 8.78 13.04
CA VAL B 533 -9.61 8.58 11.64
C VAL B 533 -10.71 7.85 10.88
N ARG B 534 -11.34 6.86 11.52
CA ARG B 534 -12.43 6.16 10.83
C ARG B 534 -13.58 7.11 10.51
N PHE B 535 -13.82 8.09 11.40
CA PHE B 535 -14.85 9.09 11.13
C PHE B 535 -14.49 9.94 9.93
N LEU B 536 -13.23 10.40 9.88
CA LEU B 536 -12.78 11.21 8.75
C LEU B 536 -12.95 10.45 7.44
N MET B 537 -12.52 9.19 7.39
CA MET B 537 -12.68 8.39 6.18
C MET B 537 -14.14 8.14 5.85
N ALA B 538 -14.99 8.01 6.87
CA ALA B 538 -16.42 7.82 6.64
C ALA B 538 -17.02 9.04 5.96
N VAL B 539 -16.68 10.23 6.45
CA VAL B 539 -17.19 11.45 5.81
C VAL B 539 -16.67 11.54 4.38
N GLY B 540 -15.41 11.15 4.15
CA GLY B 540 -14.89 11.15 2.79
C GLY B 540 -15.67 10.22 1.87
N ASP B 541 -15.97 9.01 2.35
CA ASP B 541 -16.78 8.10 1.54
C ASP B 541 -18.16 8.68 1.27
N LEU B 542 -18.78 9.29 2.28
CA LEU B 542 -20.11 9.87 2.09
C LEU B 542 -20.09 10.98 1.05
N LEU B 543 -19.09 11.86 1.15
CA LEU B 543 -18.96 12.94 0.16
C LEU B 543 -18.70 12.38 -1.23
N SER B 544 -17.84 11.36 -1.35
CA SER B 544 -17.60 10.74 -2.65
C SER B 544 -18.89 10.21 -3.25
N GLY B 545 -19.66 9.46 -2.45
CA GLY B 545 -20.89 8.87 -2.96
C GLY B 545 -21.91 9.92 -3.36
N TRP B 546 -22.02 10.99 -2.58
CA TRP B 546 -22.95 12.06 -2.91
C TRP B 546 -22.52 12.78 -4.18
N LEU B 547 -21.24 13.13 -4.31
CA LEU B 547 -20.83 13.90 -5.48
C LEU B 547 -20.89 13.04 -6.74
N LEU B 548 -20.55 11.75 -6.62
CA LEU B 548 -20.71 10.87 -7.78
C LEU B 548 -22.18 10.80 -8.19
N ALA B 549 -23.09 10.74 -7.22
CA ALA B 549 -24.51 10.66 -7.53
C ALA B 549 -25.02 11.95 -8.16
N ARG B 550 -24.55 13.11 -7.66
CA ARG B 550 -24.81 14.35 -8.37
C ARG B 550 -24.32 14.28 -9.81
N GLN B 551 -23.11 13.75 -10.02
CA GLN B 551 -22.59 13.63 -11.39
C GLN B 551 -23.49 12.72 -12.23
N ALA B 552 -24.00 11.65 -11.63
CA ALA B 552 -24.92 10.76 -12.35
C ALA B 552 -26.19 11.48 -12.76
N ALA B 553 -26.73 12.32 -11.88
CA ALA B 553 -27.95 13.06 -12.20
C ALA B 553 -27.74 13.99 -13.39
N VAL B 554 -26.58 14.66 -13.44
CA VAL B 554 -26.26 15.48 -14.61
C VAL B 554 -26.07 14.59 -15.84
N ALA B 555 -25.38 13.46 -15.68
CA ALA B 555 -25.17 12.54 -16.80
C ALA B 555 -26.49 12.01 -17.36
N ILE B 556 -27.45 11.74 -16.47
CA ILE B 556 -28.76 11.29 -16.93
C ILE B 556 -29.44 12.35 -17.77
N GLU B 557 -29.38 13.61 -17.33
CA GLU B 557 -29.97 14.70 -18.12
C GLU B 557 -29.32 14.79 -19.49
N LYS B 558 -27.99 14.68 -19.55
CA LYS B 558 -27.30 14.82 -20.82
C LYS B 558 -27.58 13.63 -21.75
N LEU B 559 -27.74 12.43 -21.18
CA LEU B 559 -28.08 11.28 -22.00
C LEU B 559 -29.51 11.38 -22.51
N ASP B 560 -30.45 11.73 -21.62
CA ASP B 560 -31.84 11.95 -22.02
C ASP B 560 -31.93 12.96 -23.17
N ALA B 561 -31.11 14.01 -23.12
CA ALA B 561 -31.16 15.05 -24.15
C ALA B 561 -30.62 14.58 -25.50
N GLY B 562 -29.89 13.46 -25.54
CA GLY B 562 -29.49 12.89 -26.80
C GLY B 562 -28.00 12.76 -27.04
N ALA B 563 -27.20 12.68 -25.96
CA ALA B 563 -25.76 12.53 -26.12
C ALA B 563 -25.43 11.28 -26.92
N THR B 564 -24.38 11.40 -27.73
CA THR B 564 -23.92 10.34 -28.63
C THR B 564 -22.43 10.11 -28.46
N GLY B 565 -21.94 9.01 -29.02
CA GLY B 565 -20.50 8.79 -29.16
C GLY B 565 -19.76 8.85 -27.83
N ALA B 566 -18.63 9.55 -27.86
CA ALA B 566 -17.73 9.57 -26.70
C ALA B 566 -18.39 10.27 -25.52
N ASP B 567 -19.18 11.33 -25.76
CA ASP B 567 -19.97 11.94 -24.71
C ASP B 567 -20.86 10.91 -24.03
N LYS B 568 -21.57 10.12 -24.84
CA LYS B 568 -22.49 9.13 -24.30
C LYS B 568 -21.76 8.13 -23.41
N SER B 569 -20.61 7.65 -23.88
CA SER B 569 -19.81 6.70 -23.12
C SER B 569 -19.37 7.32 -21.80
N PHE B 570 -18.94 8.59 -21.84
CA PHE B 570 -18.55 9.30 -20.64
C PHE B 570 -19.69 9.32 -19.64
N TYR B 571 -20.87 9.76 -20.08
CA TYR B 571 -21.99 9.88 -19.15
C TYR B 571 -22.43 8.52 -18.61
N GLU B 572 -22.37 7.49 -19.45
CA GLU B 572 -22.72 6.15 -19.00
C GLU B 572 -21.79 5.69 -17.88
N GLY B 573 -20.51 6.03 -17.98
CA GLY B 573 -19.57 5.67 -16.94
C GLY B 573 -19.82 6.39 -15.62
N LYS B 574 -20.34 7.62 -15.68
CA LYS B 574 -20.71 8.33 -14.46
C LYS B 574 -21.86 7.64 -13.74
N ILE B 575 -22.90 7.24 -14.49
CA ILE B 575 -24.01 6.51 -13.88
C ILE B 575 -23.49 5.22 -13.24
N ALA B 576 -22.64 4.50 -13.96
CA ALA B 576 -22.14 3.23 -13.46
C ALA B 576 -21.29 3.43 -12.21
N ALA B 577 -20.42 4.44 -12.22
CA ALA B 577 -19.57 4.69 -11.06
C ALA B 577 -20.40 5.04 -9.83
N ALA B 578 -21.38 5.94 -9.99
CA ALA B 578 -22.18 6.35 -8.83
C ALA B 578 -22.96 5.17 -8.28
N SER B 579 -23.53 4.35 -9.15
CA SER B 579 -24.27 3.19 -8.68
C SER B 579 -23.34 2.16 -8.04
N PHE B 580 -22.18 1.92 -8.63
CA PHE B 580 -21.24 0.97 -8.05
C PHE B 580 -20.79 1.41 -6.67
N PHE B 581 -20.42 2.68 -6.54
CA PHE B 581 -19.92 3.19 -5.26
C PHE B 581 -20.99 3.09 -4.18
N ALA B 582 -22.24 3.46 -4.51
CA ALA B 582 -23.30 3.42 -3.51
C ALA B 582 -23.54 1.99 -3.01
N LYS B 583 -23.41 1.01 -3.90
CA LYS B 583 -23.75 -0.36 -3.59
C LYS B 583 -22.62 -1.17 -2.98
N ASN B 584 -21.36 -0.76 -3.17
CA ASN B 584 -20.20 -1.54 -2.77
C ASN B 584 -19.31 -0.84 -1.75
N MET B 585 -19.34 0.49 -1.68
CA MET B 585 -18.55 1.22 -0.70
C MET B 585 -19.40 1.78 0.44
N LEU B 586 -20.54 2.39 0.13
CA LEU B 586 -21.31 3.06 1.18
C LEU B 586 -21.81 2.14 2.28
N PRO B 587 -22.32 0.92 2.02
CA PRO B 587 -22.91 0.13 3.12
C PRO B 587 -21.94 -0.17 4.25
N LEU B 588 -20.64 -0.30 3.96
CA LEU B 588 -19.64 -0.53 5.01
C LEU B 588 -19.70 0.51 6.13
N LEU B 589 -20.13 1.74 5.82
CA LEU B 589 -20.25 2.77 6.85
C LEU B 589 -21.20 2.36 7.96
N THR B 590 -22.15 1.47 7.68
CA THR B 590 -23.07 1.03 8.73
C THR B 590 -22.34 0.25 9.81
N SER B 591 -21.52 -0.71 9.39
CA SER B 591 -20.71 -1.46 10.35
C SER B 591 -19.73 -0.53 11.06
N THR B 592 -19.17 0.44 10.34
CA THR B 592 -18.23 1.36 10.97
C THR B 592 -18.92 2.20 12.05
N ARG B 593 -20.16 2.65 11.79
CA ARG B 593 -20.91 3.34 12.84
C ARG B 593 -21.11 2.43 14.07
N GLN B 594 -21.54 1.20 13.85
CA GLN B 594 -21.74 0.30 14.98
C GLN B 594 -20.44 0.04 15.72
N ILE B 595 -19.32 -0.08 15.00
CA ILE B 595 -18.03 -0.23 15.66
C ILE B 595 -17.71 0.99 16.51
N ILE B 596 -17.89 2.20 15.95
CA ILE B 596 -17.64 3.43 16.71
C ILE B 596 -18.58 3.55 17.91
N GLU B 597 -19.82 3.07 17.78
CA GLU B 597 -20.73 3.15 18.93
C GLU B 597 -20.31 2.24 20.08
N ASN B 598 -19.35 1.35 19.87
CA ASN B 598 -18.98 0.37 20.88
C ASN B 598 -17.51 0.45 21.25
N LEU B 599 -16.82 1.53 20.89
CA LEU B 599 -15.43 1.71 21.28
C LEU B 599 -15.29 1.66 22.80
N ASP B 600 -14.15 1.18 23.26
CA ASP B 600 -13.88 1.20 24.70
C ASP B 600 -12.39 1.39 24.93
N ASN B 601 -12.04 1.54 26.20
CA ASN B 601 -10.70 1.94 26.58
C ASN B 601 -9.81 0.77 26.95
N ASP B 602 -10.25 -0.47 26.68
CA ASP B 602 -9.42 -1.64 26.94
C ASP B 602 -8.03 -1.47 26.32
N VAL B 603 -7.97 -1.07 25.05
CA VAL B 603 -6.70 -0.95 24.34
C VAL B 603 -5.86 0.18 24.92
N MET B 604 -6.49 1.15 25.60
CA MET B 604 -5.76 2.22 26.26
C MET B 604 -5.23 1.80 27.61
N GLU B 605 -5.94 0.90 28.31
CA GLU B 605 -5.52 0.48 29.65
C GLU B 605 -4.50 -0.64 29.59
N LEU B 606 -4.37 -1.33 28.46
CA LEU B 606 -3.43 -2.44 28.34
C LEU B 606 -2.01 -1.96 28.61
N ASP B 607 -1.26 -2.76 29.38
CA ASP B 607 0.14 -2.43 29.63
C ASP B 607 0.90 -2.34 28.32
N GLU B 608 1.76 -1.33 28.21
CA GLU B 608 2.60 -1.21 27.02
C GLU B 608 3.41 -2.48 26.76
N ALA B 609 3.80 -3.20 27.81
CA ALA B 609 4.59 -4.43 27.66
C ALA B 609 3.81 -5.58 27.04
N ALA B 610 2.49 -5.51 26.98
CA ALA B 610 1.69 -6.57 26.39
C ALA B 610 1.64 -6.50 24.87
N PHE B 611 2.03 -5.38 24.27
CA PHE B 611 2.05 -5.28 22.82
C PHE B 611 3.18 -6.15 22.25
PA FAD C . -1.95 -11.67 -15.90
O1A FAD C . -2.29 -13.10 -15.87
O2A FAD C . -1.88 -11.00 -17.29
O5B FAD C . -2.91 -10.89 -14.96
C5B FAD C . -3.34 -9.56 -15.25
C4B FAD C . -4.54 -9.24 -14.38
O4B FAD C . -5.68 -9.99 -14.85
C3B FAD C . -4.37 -9.59 -12.91
O3B FAD C . -5.06 -8.65 -12.09
C2B FAD C . -5.07 -10.95 -12.80
O2B FAD C . -5.59 -11.17 -11.50
C1B FAD C . -6.21 -10.76 -13.80
N9A FAD C . -6.70 -12.03 -14.35
C8A FAD C . -6.01 -12.86 -15.20
N7A FAD C . -6.67 -13.95 -15.52
C5A FAD C . -7.86 -13.83 -14.83
C6A FAD C . -9.00 -14.66 -14.74
N6A FAD C . -9.11 -15.82 -15.40
N1A FAD C . -10.01 -14.25 -13.95
C2A FAD C . -9.90 -13.09 -13.30
N3A FAD C . -8.89 -12.22 -13.30
C4A FAD C . -7.89 -12.65 -14.10
N1 FAD C . 6.54 -17.51 -12.98
C2 FAD C . 7.15 -18.73 -12.98
O2 FAD C . 6.71 -19.69 -13.62
N3 FAD C . 8.28 -18.94 -12.19
C4 FAD C . 8.90 -18.00 -11.40
O4 FAD C . 9.90 -18.28 -10.75
C4X FAD C . 8.23 -16.71 -11.40
N5 FAD C . 8.77 -15.75 -10.68
C5X FAD C . 8.19 -14.51 -10.73
C6 FAD C . 8.76 -13.47 -9.98
C7 FAD C . 8.22 -12.20 -9.98
C7M FAD C . 8.87 -11.11 -9.17
C8 FAD C . 7.07 -11.95 -10.75
C8M FAD C . 6.43 -10.58 -10.79
C9 FAD C . 6.50 -12.96 -11.50
C9A FAD C . 7.04 -14.24 -11.50
N10 FAD C . 6.48 -15.30 -12.24
C10 FAD C . 7.07 -16.56 -12.23
C1' FAD C . 5.24 -15.09 -13.03
C2' FAD C . 4.00 -14.83 -12.15
O2' FAD C . 3.47 -16.01 -11.54
C3' FAD C . 2.91 -14.13 -12.97
O3' FAD C . 3.27 -12.76 -13.07
C4' FAD C . 1.50 -14.24 -12.39
O4' FAD C . 1.01 -15.57 -12.46
C5' FAD C . 0.52 -13.30 -13.07
O5' FAD C . 0.62 -13.49 -14.50
P FAD C . 0.81 -12.25 -15.47
O1P FAD C . 1.99 -11.45 -14.91
O2P FAD C . 0.88 -12.71 -16.87
O3P FAD C . -0.53 -11.44 -15.21
C1 DKA D . 5.88 -18.30 -9.40
O1 DKA D . 5.17 -17.39 -9.55
C2 DKA D . 7.03 -18.31 -8.37
C3 DKA D . 6.74 -17.67 -6.96
C4 DKA D . 7.94 -17.94 -5.95
C5 DKA D . 9.24 -18.38 -6.63
C6 DKA D . 10.26 -18.99 -5.60
C7 DKA D . 10.41 -20.51 -5.78
C8 DKA D . 11.31 -20.90 -7.00
C9 DKA D . 12.49 -21.87 -6.62
C10 DKA D . 12.23 -23.33 -7.15
N1A COA E . -3.91 -27.71 -6.49
C2A COA E . -3.44 -28.76 -7.11
N3A COA E . -3.63 -28.95 -8.41
C4A COA E . -4.33 -28.07 -9.14
C5A COA E . -4.84 -26.95 -8.54
C6A COA E . -4.60 -26.78 -7.15
N6A COA E . -5.10 -25.66 -6.46
N7A COA E . -5.48 -26.25 -9.48
C8A COA E . -5.35 -26.91 -10.63
N9A COA E . -4.69 -28.02 -10.42
C1B COA E . -4.33 -28.91 -11.34
C2B COA E . -5.17 -30.25 -11.45
O2B COA E . -4.18 -31.26 -11.93
C3B COA E . -6.02 -29.98 -12.34
O3B COA E . -6.49 -31.19 -13.04
P3B COA E . -7.87 -31.89 -12.40
O7A COA E . -7.52 -32.34 -10.99
O8A COA E . -8.95 -30.90 -12.31
O9A COA E . -8.31 -33.05 -13.30
C4B COA E . -5.18 -29.05 -13.42
O4B COA E . -4.39 -28.30 -12.74
C5B COA E . -6.18 -28.24 -14.21
O5B COA E . -7.16 -27.71 -13.32
P1A COA E . -8.05 -26.44 -13.91
O1A COA E . -8.90 -26.86 -15.10
O2A COA E . -8.92 -25.79 -12.82
O3A COA E . -6.95 -25.33 -14.42
P2A COA E . -6.81 -24.62 -15.89
O4A COA E . -6.38 -25.62 -16.92
O5A COA E . -8.07 -23.88 -16.25
O6A COA E . -5.56 -23.50 -15.61
CBP COA E . -4.76 -22.38 -13.65
CCP COA E . -5.90 -22.50 -14.67
CDP COA E . -4.81 -23.56 -12.64
CEP COA E . -3.37 -22.38 -14.40
CAP COA E . -4.98 -21.02 -12.93
OAP COA E . -6.11 -21.08 -12.11
C9P COA E . -3.78 -20.66 -12.05
O9P COA E . -3.57 -21.22 -11.02
N8P COA E . -2.89 -19.57 -12.53
C7P COA E . -1.70 -19.17 -11.73
C6P COA E . -0.55 -20.18 -12.07
C5P COA E . 0.64 -19.98 -11.08
O5P COA E . 0.47 -20.05 -9.92
N4P COA E . 1.95 -19.68 -11.63
C3P COA E . 3.04 -19.52 -10.74
C2P COA E . 4.29 -19.45 -11.58
S1P COA E . 5.71 -19.78 -10.48
PA FAD F . 5.74 12.24 14.64
O1A FAD F . 5.12 13.53 14.98
O2A FAD F . 6.87 11.73 15.55
O5B FAD F . 4.59 11.16 14.49
C5B FAD F . 4.82 9.76 14.75
C4B FAD F . 3.47 9.05 14.85
O4B FAD F . 2.77 9.49 16.03
C3B FAD F . 2.52 9.27 13.67
O3B FAD F . 1.73 8.12 13.38
C2B FAD F . 1.61 10.38 14.19
O2B FAD F . 0.33 10.38 13.58
C1B FAD F . 1.50 9.99 15.66
N9A FAD F . 1.19 11.13 16.52
C8A FAD F . 2.01 12.18 16.84
N7A FAD F . 1.44 13.09 17.62
C5A FAD F . 0.15 12.61 17.78
C6A FAD F . -0.96 13.10 18.48
N6A FAD F . -0.95 14.23 19.18
N1A FAD F . -2.11 12.37 18.44
C2A FAD F . -2.12 11.23 17.74
N3A FAD F . -1.13 10.67 17.04
C4A FAD F . -0.02 11.41 17.10
N1 FAD F . 8.28 19.83 7.46
C2 FAD F . 8.38 21.17 7.19
O2 FAD F . 8.22 22.03 8.06
N3 FAD F . 8.63 21.59 5.89
C4 FAD F . 8.82 20.78 4.81
O4 FAD F . 9.04 21.25 3.70
C4X FAD F . 8.71 19.36 5.12
N5 FAD F . 8.87 18.50 4.14
C5X FAD F . 8.84 17.16 4.43
C6 FAD F . 9.06 16.25 3.40
C7 FAD F . 9.02 14.88 3.63
C7M FAD F . 9.24 13.92 2.49
C8 FAD F . 8.76 14.42 4.93
C8M FAD F . 8.71 12.95 5.24
C9 FAD F . 8.55 15.32 5.96
C9A FAD F . 8.59 16.69 5.72
N10 FAD F . 8.36 17.63 6.75
C10 FAD F . 8.44 19.00 6.48
C1' FAD F . 8.05 17.19 8.12
C2' FAD F . 6.68 16.48 8.23
O2' FAD F . 5.57 17.39 8.16
C3' FAD F . 6.59 15.66 9.51
O3' FAD F . 7.30 14.45 9.26
C4' FAD F . 5.18 15.31 10.00
O4' FAD F . 4.51 16.43 10.58
C5' FAD F . 5.18 14.19 11.02
O5' FAD F . 6.12 14.52 12.06
P FAD F . 7.23 13.49 12.53
O1P FAD F . 7.90 12.89 11.29
O2P FAD F . 8.10 14.09 13.54
O3P FAD F . 6.36 12.31 13.17
C1 DKA G . 5.36 20.01 5.33
O1 DKA G . 5.23 18.98 5.85
C2 DKA G . 5.52 20.22 3.81
C3 DKA G . 4.81 19.18 2.87
C4 DKA G . 4.68 19.77 1.41
C5 DKA G . 5.87 20.65 1.02
C6 DKA G . 5.66 21.34 -0.36
C7 DKA G . 6.70 22.44 -0.66
C8 DKA G . 6.36 23.82 0.00
C9 DKA G . 7.52 24.84 -0.32
C10 DKA G . 7.05 26.34 -0.20
N1A COA H . -6.05 26.05 10.24
C2A COA H . -5.61 27.27 10.48
N3A COA H . -4.99 27.57 11.62
C4A COA H . -4.77 26.64 12.54
C5A COA H . -5.22 25.36 12.33
C6A COA H . -5.89 25.09 11.10
N6A COA H . -6.36 23.78 10.80
N7A COA H . -4.89 24.63 13.40
C8A COA H . -4.25 25.44 14.25
N9A COA H . -4.19 26.65 13.74
C1B COA H . -3.59 27.70 14.30
C2B COA H . -4.52 28.76 15.03
O2B COA H . -3.87 30.10 14.91
C3B COA H . -4.49 28.33 16.22
O3B COA H . -4.76 29.40 17.20
P3B COA H . -6.35 29.65 17.70
O7A COA H . -7.19 30.15 16.54
O8A COA H . -6.91 28.36 18.18
O9A COA H . -6.29 30.67 18.83
C4B COA H . -2.93 27.83 16.46
O4B COA H . -2.62 27.21 15.37
C5B COA H . -2.88 26.91 17.64
O5B COA H . -3.92 25.96 17.47
P1A COA H . -3.93 24.64 18.49
O1A COA H . -3.91 25.08 19.92
O2A COA H . -5.07 23.69 18.15
O3A COA H . -2.54 23.89 18.06
P2A COA H . -1.32 23.37 18.98
O4A COA H . -0.58 24.48 19.63
O5A COA H . -1.83 22.33 19.96
O6A COA H . -0.34 22.60 17.83
CBP COA H . -0.69 21.56 15.68
CCP COA H . -0.96 21.49 17.20
CDP COA H . -1.60 22.65 15.02
CEP COA H . 0.83 21.90 15.43
CAP COA H . -0.99 20.12 15.14
OAP COA H . -2.34 19.81 15.21
C9P COA H . -0.57 20.01 13.69
O9P COA H . -1.22 20.45 12.80
N8P COA H . 0.68 19.27 13.42
C7P COA H . 1.11 19.12 12.00
C6P COA H . 1.92 20.41 11.65
C5P COA H . 2.23 20.42 10.13
O5P COA H . 1.36 20.34 9.34
N4P COA H . 3.62 20.52 9.72
C3P COA H . 3.88 20.55 8.33
C2P COA H . 5.30 21.03 8.11
S1P COA H . 5.43 21.53 6.35
#